data_1LVW
#
_entry.id   1LVW
#
_cell.length_a   112.680
_cell.length_b   115.880
_cell.length_c   116.910
_cell.angle_alpha   90.00
_cell.angle_beta   90.00
_cell.angle_gamma   90.00
#
_symmetry.space_group_name_H-M   'P 21 21 21'
#
loop_
_entity.id
_entity.type
_entity.pdbx_description
1 polymer 'glucose-1-phosphate thymidylyltransferase'
2 non-polymer 'CHLORIDE ION'
3 non-polymer 'SULFATE ION'
4 non-polymer "THYMIDINE-5'-DIPHOSPHATE"
5 non-polymer GLYCEROL
6 water water
#
_entity_poly.entity_id   1
_entity_poly.type   'polypeptide(L)'
_entity_poly.pdbx_seq_one_letter_code
;GAHMKGIVLAGGSGTRLYPITRAVSKQLLPIYDKPMIYYPLSVLMLAGIRDILIISTPRDLPLYRDLLGDGSQFGVRFSY
RVQEEPRGIADAFIVGKDFIGDSKVALVLGDNVFYGHRFSEILRRAASLEDGAVIFGYYVRDPRPFGVVEFDSEGRVISI
EEKPSRPKSNYVVPGLYFYDNQVVEIARRIEPSDRGELEITSVNEEYLRMGKLRVELMGRGMAWLDTGTHDGLLEASSFI
ETIQKRQGFYIACLEEIAYNNGWITREDVLEMAEKLEKTDYGKYLRDLAEGNFHG
;
_entity_poly.pdbx_strand_id   A,B,C,D
#
loop_
_chem_comp.id
_chem_comp.type
_chem_comp.name
_chem_comp.formula
CL non-polymer 'CHLORIDE ION' 'Cl -1'
GOL non-polymer GLYCEROL 'C3 H8 O3'
SO4 non-polymer 'SULFATE ION' 'O4 S -2'
TYD non-polymer THYMIDINE-5'-DIPHOSPHATE 'C10 H16 N2 O11 P2'
#
# COMPACT_ATOMS: atom_id res chain seq x y z
N GLY A 1 45.09 1.16 -3.26
CA GLY A 1 46.48 0.67 -3.47
C GLY A 1 46.50 -0.33 -4.60
N ALA A 2 45.31 -0.65 -5.10
CA ALA A 2 45.14 -1.60 -6.19
C ALA A 2 43.70 -1.56 -6.67
N HIS A 3 42.76 -1.65 -5.73
CA HIS A 3 41.34 -1.63 -6.07
C HIS A 3 40.59 -0.63 -5.21
N MET A 4 39.58 -0.01 -5.78
CA MET A 4 38.75 0.94 -5.02
C MET A 4 38.03 0.18 -3.92
N LYS A 5 38.04 0.71 -2.70
CA LYS A 5 37.37 0.09 -1.57
C LYS A 5 36.00 0.74 -1.36
N GLY A 6 35.22 0.21 -0.43
CA GLY A 6 33.91 0.79 -0.17
C GLY A 6 33.66 0.91 1.31
N ILE A 7 32.85 1.89 1.70
CA ILE A 7 32.50 2.07 3.11
C ILE A 7 30.99 2.27 3.16
N VAL A 8 30.33 1.59 4.10
CA VAL A 8 28.90 1.79 4.28
C VAL A 8 28.78 2.42 5.66
N LEU A 9 28.26 3.63 5.72
CA LEU A 9 28.11 4.30 7.01
C LEU A 9 26.73 3.98 7.56
N ALA A 10 26.70 3.18 8.63
CA ALA A 10 25.44 2.71 9.21
C ALA A 10 25.34 2.89 10.71
N GLY A 11 25.67 4.09 11.13
CA GLY A 11 25.63 4.46 12.52
C GLY A 11 24.41 5.25 12.92
N GLY A 12 24.61 6.07 13.95
CA GLY A 12 23.57 6.85 14.60
C GLY A 12 22.59 7.72 13.86
N SER A 13 21.33 7.62 14.25
CA SER A 13 20.27 8.40 13.62
C SER A 13 19.63 9.31 14.67
N GLY A 14 18.77 10.21 14.21
CA GLY A 14 18.11 11.06 15.15
C GLY A 14 16.97 10.22 15.71
N THR A 15 15.94 10.89 16.19
CA THR A 15 14.81 10.16 16.73
C THR A 15 13.63 10.33 15.79
N ARG A 16 13.87 10.74 14.54
CA ARG A 16 12.76 10.96 13.64
C ARG A 16 11.86 9.72 13.49
N LEU A 17 12.47 8.53 13.54
CA LEU A 17 11.68 7.30 13.38
C LEU A 17 11.25 6.67 14.70
N TYR A 18 11.53 7.38 15.80
CA TYR A 18 11.15 6.90 17.12
C TYR A 18 9.66 6.52 17.13
N PRO A 19 9.28 5.42 17.78
CA PRO A 19 10.08 4.47 18.53
C PRO A 19 10.65 3.27 17.79
N ILE A 20 10.49 3.16 16.47
CA ILE A 20 11.01 1.93 15.82
C ILE A 20 12.53 1.82 15.75
N THR A 21 13.23 2.93 15.97
CA THR A 21 14.68 2.88 16.00
C THR A 21 15.21 2.93 17.44
N ARG A 22 14.32 2.89 18.43
CA ARG A 22 14.79 2.91 19.80
C ARG A 22 15.65 1.68 20.10
N ALA A 23 15.19 0.52 19.64
CA ALA A 23 15.97 -0.69 19.86
C ALA A 23 16.48 -1.35 18.58
N VAL A 24 16.11 -0.82 17.41
CA VAL A 24 16.57 -1.38 16.13
C VAL A 24 17.29 -0.31 15.33
N SER A 25 18.54 -0.58 15.01
CA SER A 25 19.36 0.33 14.21
C SER A 25 18.58 0.60 12.92
N LYS A 26 18.52 1.87 12.51
CA LYS A 26 17.77 2.23 11.30
C LYS A 26 18.13 1.37 10.10
N GLN A 27 19.42 1.09 9.92
CA GLN A 27 19.85 0.37 8.72
C GLN A 27 19.62 -1.13 8.76
N LEU A 28 18.99 -1.60 9.85
CA LEU A 28 18.62 -3.00 9.93
C LEU A 28 17.09 -3.09 9.75
N LEU A 29 16.39 -1.96 9.69
CA LEU A 29 14.93 -1.99 9.49
C LEU A 29 14.65 -2.67 8.13
N PRO A 30 13.54 -3.40 8.03
CA PRO A 30 13.26 -4.06 6.75
C PRO A 30 12.71 -3.15 5.65
N ILE A 31 13.10 -3.43 4.41
CA ILE A 31 12.50 -2.72 3.28
C ILE A 31 11.94 -3.93 2.52
N TYR A 32 10.67 -4.21 2.83
CA TYR A 32 9.91 -5.33 2.31
C TYR A 32 10.40 -6.69 2.78
N ASP A 33 11.47 -7.22 2.18
CA ASP A 33 11.95 -8.56 2.55
C ASP A 33 13.42 -8.65 2.89
N LYS A 34 14.12 -7.50 2.95
CA LYS A 34 15.56 -7.50 3.26
C LYS A 34 15.90 -6.32 4.16
N PRO A 35 16.96 -6.45 4.98
CA PRO A 35 17.39 -5.38 5.88
C PRO A 35 17.78 -4.18 4.97
N MET A 36 17.51 -2.96 5.45
CA MET A 36 17.81 -1.77 4.67
C MET A 36 19.23 -1.77 4.12
N ILE A 37 20.20 -2.15 4.94
CA ILE A 37 21.60 -2.09 4.51
C ILE A 37 21.96 -2.95 3.28
N TYR A 38 21.16 -3.97 2.98
CA TYR A 38 21.44 -4.77 1.79
C TYR A 38 21.37 -3.87 0.56
N TYR A 39 20.49 -2.86 0.57
CA TYR A 39 20.32 -2.03 -0.62
C TYR A 39 21.57 -1.21 -0.99
N PRO A 40 22.13 -0.44 -0.05
CA PRO A 40 23.34 0.29 -0.45
C PRO A 40 24.52 -0.69 -0.64
N LEU A 41 24.53 -1.82 0.09
CA LEU A 41 25.61 -2.79 -0.11
C LEU A 41 25.57 -3.28 -1.56
N SER A 42 24.36 -3.51 -2.09
CA SER A 42 24.20 -4.01 -3.45
C SER A 42 24.78 -3.02 -4.45
N VAL A 43 24.70 -1.74 -4.11
CA VAL A 43 25.23 -0.69 -4.99
C VAL A 43 26.75 -0.77 -5.05
N LEU A 44 27.38 -0.96 -3.90
CA LEU A 44 28.85 -1.07 -3.91
C LEU A 44 29.25 -2.32 -4.71
N MET A 45 28.52 -3.41 -4.52
CA MET A 45 28.85 -4.65 -5.24
C MET A 45 28.59 -4.51 -6.75
N LEU A 46 27.54 -3.80 -7.15
CA LEU A 46 27.26 -3.57 -8.56
C LEU A 46 28.34 -2.68 -9.18
N ALA A 47 29.01 -1.87 -8.34
CA ALA A 47 30.11 -1.02 -8.78
C ALA A 47 31.43 -1.80 -8.83
N GLY A 48 31.38 -3.08 -8.44
CA GLY A 48 32.54 -3.96 -8.47
C GLY A 48 33.44 -3.97 -7.26
N ILE A 49 32.99 -3.35 -6.18
CA ILE A 49 33.78 -3.24 -4.96
C ILE A 49 33.63 -4.47 -4.09
N ARG A 50 34.76 -5.04 -3.68
CA ARG A 50 34.75 -6.26 -2.87
C ARG A 50 35.39 -6.15 -1.51
N ASP A 51 35.96 -5.00 -1.18
CA ASP A 51 36.60 -4.80 0.12
C ASP A 51 35.78 -3.69 0.73
N ILE A 52 34.93 -4.06 1.68
CA ILE A 52 33.99 -3.14 2.27
C ILE A 52 34.05 -3.01 3.76
N LEU A 53 34.06 -1.76 4.22
CA LEU A 53 34.08 -1.45 5.65
C LEU A 53 32.67 -1.06 6.13
N ILE A 54 32.20 -1.69 7.19
CA ILE A 54 30.89 -1.37 7.76
C ILE A 54 31.18 -0.53 9.02
N ILE A 55 30.63 0.68 9.10
CA ILE A 55 30.82 1.52 10.27
C ILE A 55 29.46 1.68 10.96
N SER A 56 29.44 1.44 12.27
N SER A 56 29.43 1.47 12.28
CA SER A 56 28.20 1.58 13.02
CA SER A 56 28.19 1.66 13.00
C SER A 56 28.56 1.93 14.46
C SER A 56 28.55 2.00 14.44
N THR A 57 27.53 2.12 15.30
CA THR A 57 27.75 2.47 16.69
C THR A 57 28.28 1.27 17.47
N PRO A 58 28.78 1.53 18.68
CA PRO A 58 29.31 0.44 19.52
C PRO A 58 28.21 -0.58 19.81
N ARG A 59 27.03 -0.08 20.13
CA ARG A 59 25.91 -0.95 20.45
C ARG A 59 25.45 -1.82 19.26
N ASP A 60 25.33 -1.21 18.08
CA ASP A 60 24.85 -1.93 16.88
C ASP A 60 25.85 -2.73 16.05
N LEU A 61 27.13 -2.39 16.12
CA LEU A 61 28.10 -3.09 15.27
C LEU A 61 28.00 -4.61 15.35
N PRO A 62 27.83 -5.18 16.55
CA PRO A 62 27.72 -6.65 16.67
C PRO A 62 26.55 -7.26 15.89
N LEU A 63 25.44 -6.52 15.81
CA LEU A 63 24.27 -6.97 15.07
C LEU A 63 24.56 -6.94 13.57
N TYR A 64 25.32 -5.94 13.11
CA TYR A 64 25.67 -5.91 11.68
C TYR A 64 26.62 -7.08 11.41
N ARG A 65 27.52 -7.37 12.33
CA ARG A 65 28.40 -8.50 12.10
C ARG A 65 27.56 -9.80 12.12
N ASP A 66 26.54 -9.87 12.98
CA ASP A 66 25.69 -11.07 13.00
C ASP A 66 25.05 -11.27 11.62
N LEU A 67 24.62 -10.18 11.00
CA LEU A 67 23.95 -10.28 9.71
C LEU A 67 24.88 -10.58 8.53
N LEU A 68 26.00 -9.87 8.50
CA LEU A 68 26.91 -9.93 7.37
C LEU A 68 28.15 -10.81 7.49
N GLY A 69 28.58 -11.09 8.71
CA GLY A 69 29.75 -11.94 8.88
C GLY A 69 31.00 -11.39 8.20
N ASP A 70 31.89 -12.27 7.74
CA ASP A 70 33.12 -11.78 7.13
C ASP A 70 33.02 -11.46 5.66
N GLY A 71 31.82 -11.66 5.10
CA GLY A 71 31.59 -11.36 3.71
C GLY A 71 31.85 -12.48 2.73
N SER A 72 32.53 -13.55 3.17
CA SER A 72 32.85 -14.64 2.27
C SER A 72 31.61 -15.28 1.61
N GLN A 73 30.46 -15.19 2.26
CA GLN A 73 29.26 -15.77 1.68
C GLN A 73 28.89 -15.04 0.37
N PHE A 74 29.37 -13.80 0.22
CA PHE A 74 29.10 -13.01 -1.00
C PHE A 74 30.38 -12.79 -1.81
N GLY A 75 31.45 -13.49 -1.46
CA GLY A 75 32.68 -13.32 -2.20
C GLY A 75 33.30 -11.94 -1.98
N VAL A 76 33.00 -11.32 -0.84
CA VAL A 76 33.60 -10.02 -0.54
C VAL A 76 34.29 -10.08 0.83
N ARG A 77 34.89 -8.98 1.25
CA ARG A 77 35.51 -8.96 2.56
C ARG A 77 34.85 -7.83 3.32
N PHE A 78 34.27 -8.15 4.47
CA PHE A 78 33.68 -7.14 5.32
C PHE A 78 34.62 -6.90 6.52
N SER A 79 34.85 -5.62 6.80
CA SER A 79 35.64 -5.18 7.96
C SER A 79 34.66 -4.35 8.78
N TYR A 80 34.89 -4.23 10.09
CA TYR A 80 33.99 -3.45 10.92
C TYR A 80 34.74 -2.45 11.77
N ARG A 81 34.20 -1.23 11.88
CA ARG A 81 34.81 -0.20 12.71
C ARG A 81 33.70 0.56 13.42
N VAL A 82 33.93 0.88 14.69
CA VAL A 82 32.95 1.60 15.49
C VAL A 82 33.08 3.11 15.31
N GLN A 83 31.96 3.81 15.26
CA GLN A 83 32.02 5.28 15.24
C GLN A 83 31.48 5.55 16.64
N GLU A 84 32.39 5.85 17.57
CA GLU A 84 32.05 6.04 18.99
C GLU A 84 31.12 7.19 19.27
N GLU A 85 31.25 8.26 18.49
CA GLU A 85 30.44 9.46 18.63
C GLU A 85 29.84 9.78 17.25
N PRO A 86 28.62 10.31 17.20
CA PRO A 86 27.98 10.64 15.92
C PRO A 86 28.57 11.97 15.39
N ARG A 87 29.81 11.91 14.90
CA ARG A 87 30.52 13.11 14.45
C ARG A 87 30.24 13.72 13.09
N GLY A 88 29.49 13.01 12.24
CA GLY A 88 29.20 13.51 10.91
C GLY A 88 29.66 12.53 9.83
N ILE A 89 29.10 12.67 8.65
CA ILE A 89 29.42 11.75 7.56
C ILE A 89 30.91 11.74 7.17
N ALA A 90 31.56 12.91 7.16
CA ALA A 90 32.95 12.95 6.78
C ALA A 90 33.84 12.19 7.77
N ASP A 91 33.34 11.94 8.98
CA ASP A 91 34.12 11.21 9.99
C ASP A 91 34.38 9.80 9.51
N ALA A 92 33.62 9.35 8.51
CA ALA A 92 33.84 8.00 7.98
C ALA A 92 35.26 7.84 7.48
N PHE A 93 35.85 8.92 6.97
CA PHE A 93 37.20 8.82 6.42
C PHE A 93 38.29 8.89 7.47
N ILE A 94 37.90 9.32 8.67
N ILE A 94 37.94 9.33 8.67
CA ILE A 94 38.79 9.42 9.81
CA ILE A 94 38.95 9.39 9.71
C ILE A 94 38.72 8.06 10.49
C ILE A 94 38.91 8.02 10.38
N VAL A 95 37.50 7.59 10.75
N VAL A 95 37.74 7.60 10.82
CA VAL A 95 37.32 6.28 11.38
CA VAL A 95 37.63 6.28 11.45
C VAL A 95 37.89 5.20 10.46
C VAL A 95 38.10 5.23 10.44
N GLY A 96 37.78 5.43 9.15
CA GLY A 96 38.23 4.46 8.17
C GLY A 96 39.60 4.70 7.54
N LYS A 97 40.39 5.61 8.10
CA LYS A 97 41.69 5.92 7.49
C LYS A 97 42.59 4.71 7.27
N ASP A 98 42.74 3.86 8.28
CA ASP A 98 43.59 2.70 8.12
C ASP A 98 43.06 1.70 7.09
N PHE A 99 41.75 1.51 7.07
CA PHE A 99 41.10 0.61 6.11
C PHE A 99 41.34 1.09 4.66
N ILE A 100 41.18 2.39 4.44
CA ILE A 100 41.35 2.99 3.13
C ILE A 100 42.79 2.87 2.61
N GLY A 101 43.77 3.15 3.48
CA GLY A 101 45.15 3.07 3.03
C GLY A 101 45.37 4.07 1.91
N ASP A 102 46.01 3.63 0.83
CA ASP A 102 46.27 4.53 -0.30
C ASP A 102 45.25 4.35 -1.43
N SER A 103 44.15 3.64 -1.16
CA SER A 103 43.16 3.36 -2.19
C SER A 103 42.12 4.43 -2.44
N LYS A 104 41.49 4.33 -3.60
CA LYS A 104 40.36 5.21 -3.91
C LYS A 104 39.24 4.56 -3.08
N VAL A 105 38.15 5.26 -2.87
CA VAL A 105 37.09 4.70 -2.03
C VAL A 105 35.72 5.30 -2.32
N ALA A 106 34.68 4.45 -2.23
CA ALA A 106 33.32 4.90 -2.44
C ALA A 106 32.63 4.80 -1.09
N LEU A 107 31.86 5.80 -0.74
CA LEU A 107 31.13 5.82 0.51
C LEU A 107 29.64 5.84 0.21
N VAL A 108 28.86 5.02 0.90
CA VAL A 108 27.42 5.04 0.68
C VAL A 108 26.79 5.04 2.07
N LEU A 109 25.72 5.80 2.23
CA LEU A 109 25.06 5.83 3.52
C LEU A 109 24.22 4.55 3.62
N GLY A 110 24.23 3.92 4.80
CA GLY A 110 23.53 2.67 4.98
C GLY A 110 22.03 2.75 4.85
N ASP A 111 21.47 3.96 4.84
CA ASP A 111 20.02 4.10 4.69
C ASP A 111 19.60 4.55 3.29
N ASN A 112 20.51 4.53 2.32
CA ASN A 112 20.14 4.98 0.97
C ASN A 112 19.74 3.85 0.04
N VAL A 113 18.55 3.94 -0.52
CA VAL A 113 18.00 2.89 -1.38
C VAL A 113 17.72 3.44 -2.77
N PHE A 114 18.48 2.96 -3.75
CA PHE A 114 18.34 3.43 -5.13
C PHE A 114 17.89 2.31 -6.04
N TYR A 115 17.15 2.64 -7.08
CA TYR A 115 16.75 1.62 -8.03
C TYR A 115 16.42 2.22 -9.38
N GLY A 116 16.85 1.54 -10.43
CA GLY A 116 16.49 1.98 -11.76
C GLY A 116 17.16 1.24 -12.90
N HIS A 117 16.47 1.23 -14.04
CA HIS A 117 16.99 0.61 -15.25
C HIS A 117 18.25 1.38 -15.65
N ARG A 118 19.29 0.64 -16.03
CA ARG A 118 20.57 1.19 -16.48
C ARG A 118 21.32 2.01 -15.42
N PHE A 119 21.18 1.58 -14.17
CA PHE A 119 21.88 2.23 -13.06
C PHE A 119 23.30 1.68 -12.97
N SER A 120 23.48 0.38 -13.30
CA SER A 120 24.83 -0.19 -13.23
C SER A 120 25.85 0.53 -14.09
N GLU A 121 25.46 0.97 -15.27
CA GLU A 121 26.44 1.65 -16.11
C GLU A 121 26.87 2.97 -15.47
N ILE A 122 25.98 3.63 -14.74
CA ILE A 122 26.34 4.88 -14.09
C ILE A 122 27.33 4.58 -12.96
N LEU A 123 27.06 3.52 -12.20
CA LEU A 123 27.93 3.14 -11.09
C LEU A 123 29.34 2.75 -11.55
N ARG A 124 29.42 1.96 -12.62
N ARG A 124 29.41 1.96 -12.63
CA ARG A 124 30.73 1.53 -13.10
CA ARG A 124 30.70 1.52 -13.14
C ARG A 124 31.52 2.74 -13.61
C ARG A 124 31.51 2.73 -13.62
N ARG A 125 30.82 3.70 -14.19
CA ARG A 125 31.49 4.90 -14.67
C ARG A 125 32.04 5.71 -13.48
N ALA A 126 31.24 5.90 -12.44
CA ALA A 126 31.71 6.61 -11.27
C ALA A 126 32.90 5.88 -10.62
N ALA A 127 32.82 4.56 -10.56
CA ALA A 127 33.86 3.74 -9.94
C ALA A 127 35.16 3.80 -10.73
N SER A 128 35.08 4.22 -11.98
CA SER A 128 36.28 4.29 -12.81
C SER A 128 36.99 5.66 -12.74
N LEU A 129 36.57 6.54 -11.83
N LEU A 129 36.60 6.52 -11.80
CA LEU A 129 37.21 7.86 -11.77
CA LEU A 129 37.23 7.84 -11.69
C LEU A 129 38.73 7.75 -11.61
C LEU A 129 38.75 7.75 -11.58
N GLU A 130 39.44 8.66 -12.27
CA GLU A 130 40.91 8.69 -12.25
C GLU A 130 41.37 9.60 -11.11
N ASP A 131 40.68 10.70 -10.92
CA ASP A 131 41.01 11.59 -9.82
C ASP A 131 39.83 12.50 -9.51
N GLY A 132 39.94 13.20 -8.38
CA GLY A 132 38.89 14.09 -7.95
C GLY A 132 37.80 13.29 -7.25
N ALA A 133 36.57 13.76 -7.36
CA ALA A 133 35.45 13.09 -6.72
C ALA A 133 34.26 13.05 -7.68
N VAL A 134 33.36 12.08 -7.43
CA VAL A 134 32.14 11.97 -8.22
C VAL A 134 30.96 11.80 -7.26
N ILE A 135 30.00 12.71 -7.34
CA ILE A 135 28.81 12.61 -6.51
C ILE A 135 27.63 12.44 -7.45
N PHE A 136 26.42 12.41 -6.88
CA PHE A 136 25.25 12.17 -7.69
C PHE A 136 24.19 13.24 -7.57
N GLY A 137 23.34 13.33 -8.60
CA GLY A 137 22.25 14.30 -8.60
C GLY A 137 20.98 13.56 -9.02
N TYR A 138 20.02 13.50 -8.11
CA TYR A 138 18.76 12.81 -8.34
C TYR A 138 17.68 13.82 -8.75
N TYR A 139 17.08 13.60 -9.91
CA TYR A 139 16.09 14.51 -10.45
C TYR A 139 14.77 14.50 -9.70
N VAL A 140 14.31 15.68 -9.26
CA VAL A 140 13.02 15.75 -8.57
C VAL A 140 12.28 17.02 -9.02
N ARG A 141 10.96 17.04 -8.83
CA ARG A 141 10.22 18.22 -9.27
C ARG A 141 10.40 19.40 -8.29
N ASP A 142 10.56 19.09 -7.00
CA ASP A 142 10.76 20.14 -5.99
C ASP A 142 11.99 19.77 -5.17
N PRO A 143 13.15 20.35 -5.53
CA PRO A 143 14.38 20.04 -4.81
C PRO A 143 14.64 20.77 -3.48
N ARG A 144 13.75 21.70 -3.11
CA ARG A 144 13.97 22.51 -1.90
C ARG A 144 14.26 21.83 -0.57
N PRO A 145 13.70 20.63 -0.34
CA PRO A 145 13.97 19.93 0.93
C PRO A 145 15.36 19.30 1.04
N PHE A 146 16.17 19.39 -0.01
CA PHE A 146 17.46 18.69 -0.03
C PHE A 146 18.68 19.55 -0.30
N GLY A 147 19.81 18.85 -0.43
CA GLY A 147 21.06 19.50 -0.84
C GLY A 147 20.89 19.49 -2.36
N VAL A 148 21.16 20.62 -3.02
CA VAL A 148 20.94 20.74 -4.47
C VAL A 148 22.26 20.94 -5.21
N VAL A 149 22.49 20.14 -6.24
CA VAL A 149 23.75 20.22 -6.99
C VAL A 149 23.53 20.91 -8.33
N GLU A 150 24.39 21.90 -8.59
CA GLU A 150 24.33 22.70 -9.81
C GLU A 150 25.55 22.27 -10.64
N PHE A 151 25.38 22.13 -11.95
CA PHE A 151 26.47 21.60 -12.79
C PHE A 151 26.35 22.01 -14.26
N ASP A 152 27.44 21.85 -15.02
CA ASP A 152 27.40 22.15 -16.45
C ASP A 152 27.03 20.91 -17.26
N SER A 153 27.00 21.05 -18.58
CA SER A 153 26.59 19.94 -19.42
C SER A 153 27.55 18.76 -19.48
N GLU A 154 28.76 18.89 -18.93
CA GLU A 154 29.73 17.80 -18.91
C GLU A 154 29.81 17.18 -17.51
N GLY A 155 28.92 17.59 -16.62
CA GLY A 155 28.92 17.06 -15.27
C GLY A 155 29.85 17.76 -14.29
N ARG A 156 30.39 18.93 -14.65
CA ARG A 156 31.27 19.62 -13.71
C ARG A 156 30.37 20.35 -12.72
N VAL A 157 30.63 20.15 -11.44
CA VAL A 157 29.83 20.76 -10.37
C VAL A 157 30.22 22.23 -10.13
N ILE A 158 29.22 23.09 -10.05
CA ILE A 158 29.36 24.54 -9.87
C ILE A 158 29.07 24.94 -8.43
N SER A 159 28.07 24.31 -7.82
CA SER A 159 27.77 24.61 -6.43
C SER A 159 26.94 23.52 -5.80
N ILE A 160 26.87 23.54 -4.48
CA ILE A 160 26.02 22.63 -3.71
C ILE A 160 25.39 23.55 -2.67
N GLU A 161 24.07 23.63 -2.66
CA GLU A 161 23.34 24.49 -1.75
C GLU A 161 22.36 23.66 -0.92
N GLU A 162 22.35 23.90 0.39
CA GLU A 162 21.47 23.14 1.28
C GLU A 162 20.11 23.81 1.43
N LYS A 163 19.04 23.09 1.10
CA LYS A 163 17.67 23.59 1.22
C LYS A 163 17.52 25.01 0.74
N PRO A 164 17.84 25.27 -0.52
CA PRO A 164 17.74 26.62 -1.10
C PRO A 164 16.31 27.03 -1.38
N SER A 165 15.98 28.30 -1.14
CA SER A 165 14.64 28.76 -1.43
C SER A 165 14.51 28.95 -2.94
N ARG A 166 15.66 29.19 -3.58
CA ARG A 166 15.72 29.38 -5.03
C ARG A 166 16.72 28.35 -5.57
N PRO A 167 16.28 27.10 -5.74
CA PRO A 167 17.16 26.04 -6.23
C PRO A 167 17.80 26.34 -7.59
N LYS A 168 19.09 26.06 -7.71
CA LYS A 168 19.78 26.34 -8.98
C LYS A 168 19.66 25.20 -9.95
N SER A 169 19.03 24.09 -9.53
CA SER A 169 18.80 22.96 -10.43
C SER A 169 17.67 22.13 -9.82
N ASN A 170 17.28 21.07 -10.51
CA ASN A 170 16.26 20.18 -9.96
C ASN A 170 16.91 18.85 -9.57
N TYR A 171 18.22 18.88 -9.29
CA TYR A 171 18.95 17.65 -8.93
C TYR A 171 19.45 17.72 -7.50
N VAL A 172 19.10 16.69 -6.71
CA VAL A 172 19.45 16.67 -5.30
C VAL A 172 20.50 15.62 -5.01
N VAL A 173 21.31 15.91 -3.99
CA VAL A 173 22.45 15.05 -3.66
C VAL A 173 22.13 13.96 -2.65
N PRO A 174 22.21 12.70 -3.09
CA PRO A 174 21.93 11.57 -2.19
C PRO A 174 23.23 11.10 -1.49
N GLY A 175 23.11 10.07 -0.66
CA GLY A 175 24.25 9.57 0.10
C GLY A 175 25.12 8.53 -0.59
N LEU A 176 25.71 8.90 -1.73
CA LEU A 176 26.57 7.99 -2.50
C LEU A 176 27.69 8.85 -3.05
N TYR A 177 28.94 8.52 -2.75
CA TYR A 177 30.05 9.38 -3.17
C TYR A 177 31.29 8.55 -3.53
N PHE A 178 31.99 8.92 -4.61
CA PHE A 178 33.17 8.19 -5.01
C PHE A 178 34.34 9.16 -4.92
N TYR A 179 35.44 8.71 -4.33
CA TYR A 179 36.61 9.58 -4.14
C TYR A 179 37.94 8.97 -4.50
N ASP A 180 38.88 9.85 -4.85
CA ASP A 180 40.24 9.37 -5.06
C ASP A 180 40.85 9.36 -3.64
N ASN A 181 42.12 9.02 -3.53
CA ASN A 181 42.72 8.92 -2.21
C ASN A 181 42.95 10.20 -1.43
N GLN A 182 42.73 11.36 -2.06
CA GLN A 182 42.96 12.61 -1.35
C GLN A 182 41.90 12.85 -0.30
N VAL A 183 40.80 12.10 -0.37
CA VAL A 183 39.72 12.33 0.57
C VAL A 183 40.11 12.17 2.02
N VAL A 184 41.07 11.29 2.32
CA VAL A 184 41.43 11.11 3.72
C VAL A 184 42.03 12.40 4.32
N GLU A 185 42.99 13.00 3.64
CA GLU A 185 43.60 14.24 4.15
C GLU A 185 42.60 15.41 4.11
N ILE A 186 41.71 15.42 3.10
CA ILE A 186 40.74 16.49 3.02
C ILE A 186 39.80 16.41 4.22
N ALA A 187 39.39 15.20 4.59
CA ALA A 187 38.49 15.06 5.73
C ALA A 187 39.15 15.51 7.02
N ARG A 188 40.45 15.31 7.13
CA ARG A 188 41.18 15.72 8.32
C ARG A 188 41.31 17.25 8.42
N ARG A 189 41.05 17.95 7.32
CA ARG A 189 41.19 19.40 7.32
C ARG A 189 39.94 20.25 7.30
N ILE A 190 38.77 19.63 7.14
CA ILE A 190 37.56 20.46 7.11
C ILE A 190 37.21 20.95 8.51
N GLU A 191 36.46 22.06 8.57
CA GLU A 191 36.04 22.64 9.84
C GLU A 191 34.66 22.11 10.22
N PRO A 192 34.43 21.85 11.52
CA PRO A 192 33.09 21.38 11.84
C PRO A 192 32.09 22.46 11.51
N SER A 193 30.89 22.04 11.14
CA SER A 193 29.82 22.94 10.76
C SER A 193 29.20 23.57 12.00
N ASP A 194 28.34 24.54 11.79
CA ASP A 194 27.71 25.19 12.91
C ASP A 194 26.79 24.24 13.67
N ARG A 195 26.56 23.03 13.15
CA ARG A 195 25.74 22.07 13.88
C ARG A 195 26.62 21.02 14.55
N GLY A 196 27.92 21.29 14.61
CA GLY A 196 28.83 20.39 15.27
C GLY A 196 29.15 19.07 14.59
N GLU A 197 29.11 19.06 13.26
CA GLU A 197 29.41 17.87 12.49
C GLU A 197 30.45 18.07 11.41
N LEU A 198 31.18 17.01 11.10
CA LEU A 198 32.21 17.01 10.05
C LEU A 198 31.36 16.62 8.83
N GLU A 199 30.93 17.63 8.08
CA GLU A 199 30.02 17.41 6.94
C GLU A 199 30.63 16.84 5.69
N ILE A 200 29.92 15.93 5.03
CA ILE A 200 30.45 15.43 3.79
C ILE A 200 30.37 16.58 2.76
N THR A 201 29.45 17.51 2.98
CA THR A 201 29.36 18.62 2.04
C THR A 201 30.64 19.46 2.05
N SER A 202 31.31 19.53 3.21
CA SER A 202 32.57 20.28 3.30
C SER A 202 33.64 19.57 2.47
N VAL A 203 33.65 18.23 2.50
CA VAL A 203 34.59 17.46 1.70
C VAL A 203 34.29 17.72 0.20
N ASN A 204 33.03 17.67 -0.18
CA ASN A 204 32.71 17.90 -1.58
C ASN A 204 33.04 19.33 -1.99
N GLU A 205 32.81 20.29 -1.10
CA GLU A 205 33.17 21.68 -1.42
C GLU A 205 34.67 21.84 -1.62
N GLU A 206 35.51 21.05 -0.93
CA GLU A 206 36.95 21.19 -1.14
C GLU A 206 37.31 20.66 -2.54
N TYR A 207 36.71 19.54 -2.93
CA TYR A 207 36.97 19.02 -4.28
C TYR A 207 36.42 20.01 -5.30
N LEU A 208 35.33 20.70 -4.94
CA LEU A 208 34.74 21.65 -5.87
C LEU A 208 35.73 22.80 -6.10
N ARG A 209 36.25 23.38 -5.03
CA ARG A 209 37.19 24.49 -5.21
C ARG A 209 38.53 24.09 -5.80
N MET A 210 38.81 22.79 -5.84
CA MET A 210 40.03 22.31 -6.48
C MET A 210 39.73 22.15 -8.00
N GLY A 211 38.47 22.29 -8.39
CA GLY A 211 38.08 22.09 -9.80
C GLY A 211 38.04 20.59 -10.18
N LYS A 212 37.80 19.76 -9.16
CA LYS A 212 37.83 18.32 -9.37
C LYS A 212 36.57 17.57 -8.91
N LEU A 213 35.42 18.24 -8.90
CA LEU A 213 34.19 17.57 -8.46
C LEU A 213 33.27 17.39 -9.66
N ARG A 214 32.85 16.15 -9.90
CA ARG A 214 31.95 15.82 -11.00
C ARG A 214 30.68 15.21 -10.42
N VAL A 215 29.62 15.21 -11.23
CA VAL A 215 28.36 14.63 -10.80
C VAL A 215 27.78 13.72 -11.88
N GLU A 216 27.16 12.61 -11.45
CA GLU A 216 26.49 11.69 -12.36
C GLU A 216 25.01 11.87 -12.05
N LEU A 217 24.19 12.05 -13.08
CA LEU A 217 22.76 12.26 -12.84
C LEU A 217 21.91 11.00 -12.84
N MET A 218 20.90 10.98 -11.99
CA MET A 218 19.93 9.87 -11.90
C MET A 218 18.64 10.54 -12.33
N GLY A 219 18.26 10.29 -13.59
CA GLY A 219 17.10 10.95 -14.18
C GLY A 219 15.71 10.39 -13.91
N ARG A 220 14.76 10.88 -14.70
CA ARG A 220 13.38 10.47 -14.57
C ARG A 220 13.27 8.94 -14.72
N GLY A 221 12.55 8.28 -13.82
CA GLY A 221 12.46 6.82 -13.91
C GLY A 221 13.33 6.11 -12.89
N MET A 222 14.34 6.80 -12.37
CA MET A 222 15.19 6.22 -11.33
C MET A 222 14.46 6.49 -10.02
N ALA A 223 14.67 5.64 -9.04
CA ALA A 223 14.02 5.83 -7.73
C ALA A 223 15.04 5.99 -6.63
N TRP A 224 14.83 6.95 -5.74
CA TRP A 224 15.68 7.13 -4.57
C TRP A 224 14.59 7.13 -3.50
N LEU A 225 14.45 6.02 -2.79
CA LEU A 225 13.34 5.91 -1.85
C LEU A 225 13.53 6.66 -0.53
N ASP A 226 12.43 6.91 0.17
CA ASP A 226 12.49 7.65 1.42
C ASP A 226 12.51 6.71 2.60
N THR A 227 13.69 6.53 3.21
CA THR A 227 13.76 5.65 4.38
C THR A 227 13.79 6.43 5.67
N GLY A 228 13.49 7.73 5.60
CA GLY A 228 13.54 8.57 6.78
C GLY A 228 12.26 8.91 7.54
N THR A 229 11.11 8.47 7.01
CA THR A 229 9.83 8.69 7.65
C THR A 229 9.07 7.38 7.66
N HIS A 230 8.09 7.26 8.53
CA HIS A 230 7.29 6.04 8.58
C HIS A 230 6.55 5.81 7.27
N ASP A 231 5.91 6.86 6.74
N ASP A 231 5.91 6.83 6.73
CA ASP A 231 5.19 6.75 5.46
CA ASP A 231 5.21 6.63 5.47
C ASP A 231 6.17 6.38 4.33
C ASP A 231 6.20 6.32 4.34
N GLY A 232 7.36 6.97 4.37
CA GLY A 232 8.36 6.71 3.34
C GLY A 232 8.80 5.25 3.36
N LEU A 233 9.02 4.70 4.56
CA LEU A 233 9.44 3.30 4.67
C LEU A 233 8.36 2.36 4.14
N LEU A 234 7.10 2.69 4.45
CA LEU A 234 5.96 1.89 4.00
C LEU A 234 5.90 1.95 2.46
N GLU A 235 6.03 3.16 1.90
CA GLU A 235 6.01 3.28 0.44
C GLU A 235 7.20 2.57 -0.20
N ALA A 236 8.35 2.67 0.45
CA ALA A 236 9.55 2.01 -0.07
C ALA A 236 9.33 0.49 -0.13
N SER A 237 8.72 -0.07 0.91
N SER A 237 8.72 -0.07 0.91
CA SER A 237 8.46 -1.50 0.93
CA SER A 237 8.46 -1.51 0.94
C SER A 237 7.51 -1.88 -0.19
C SER A 237 7.49 -1.91 -0.15
N SER A 238 6.47 -1.09 -0.37
CA SER A 238 5.50 -1.35 -1.43
C SER A 238 6.15 -1.29 -2.82
N PHE A 239 7.09 -0.36 -3.02
CA PHE A 239 7.79 -0.20 -4.30
C PHE A 239 8.62 -1.47 -4.57
N ILE A 240 9.39 -1.91 -3.58
CA ILE A 240 10.17 -3.14 -3.76
C ILE A 240 9.24 -4.32 -4.04
N GLU A 241 8.15 -4.43 -3.27
CA GLU A 241 7.20 -5.52 -3.49
C GLU A 241 6.71 -5.56 -4.94
N THR A 242 6.37 -4.40 -5.49
CA THR A 242 5.86 -4.32 -6.87
C THR A 242 6.88 -4.75 -7.93
N ILE A 243 8.07 -4.19 -7.85
CA ILE A 243 9.13 -4.55 -8.80
C ILE A 243 9.40 -6.05 -8.71
N GLN A 244 9.51 -6.57 -7.48
CA GLN A 244 9.81 -7.99 -7.35
C GLN A 244 8.68 -8.88 -7.82
N LYS A 245 7.43 -8.49 -7.56
CA LYS A 245 6.32 -9.34 -8.01
C LYS A 245 6.16 -9.23 -9.55
N ARG A 246 6.31 -8.02 -10.08
CA ARG A 246 6.05 -7.81 -11.52
C ARG A 246 7.14 -8.22 -12.48
N GLN A 247 8.40 -8.04 -12.08
CA GLN A 247 9.50 -8.43 -12.97
C GLN A 247 10.09 -9.77 -12.46
N GLY A 248 9.82 -10.11 -11.20
CA GLY A 248 10.28 -11.40 -10.67
C GLY A 248 11.65 -11.44 -10.03
N PHE A 249 12.54 -10.57 -10.49
CA PHE A 249 13.87 -10.52 -9.92
C PHE A 249 13.88 -9.70 -8.65
N TYR A 250 14.75 -10.09 -7.71
CA TYR A 250 14.86 -9.37 -6.45
C TYR A 250 15.71 -8.12 -6.61
N ILE A 251 15.45 -7.14 -5.75
CA ILE A 251 16.28 -5.95 -5.74
C ILE A 251 17.20 -6.14 -4.53
N ALA A 252 18.51 -6.08 -4.79
CA ALA A 252 19.53 -6.22 -3.76
C ALA A 252 19.67 -7.59 -3.10
N CYS A 253 19.50 -8.65 -3.88
CA CYS A 253 19.78 -10.01 -3.38
C CYS A 253 21.32 -10.04 -3.56
N LEU A 254 22.06 -9.93 -2.46
CA LEU A 254 23.54 -9.84 -2.54
C LEU A 254 24.14 -11.12 -3.12
N GLU A 255 23.51 -12.26 -2.80
CA GLU A 255 24.01 -13.55 -3.29
C GLU A 255 23.95 -13.58 -4.81
N GLU A 256 22.87 -13.02 -5.36
CA GLU A 256 22.67 -12.99 -6.78
C GLU A 256 23.74 -12.16 -7.48
N ILE A 257 23.98 -10.97 -6.94
CA ILE A 257 24.97 -10.08 -7.51
C ILE A 257 26.36 -10.73 -7.44
N ALA A 258 26.69 -11.32 -6.29
CA ALA A 258 27.99 -11.97 -6.13
C ALA A 258 28.15 -13.09 -7.14
N TYR A 259 27.10 -13.91 -7.27
CA TYR A 259 27.14 -15.04 -8.19
C TYR A 259 27.30 -14.58 -9.62
N ASN A 260 26.48 -13.62 -10.06
CA ASN A 260 26.62 -13.17 -11.44
C ASN A 260 27.93 -12.42 -11.70
N ASN A 261 28.54 -11.89 -10.65
CA ASN A 261 29.84 -11.22 -10.80
C ASN A 261 31.00 -12.23 -10.83
N GLY A 262 30.70 -13.50 -10.57
CA GLY A 262 31.71 -14.53 -10.56
C GLY A 262 32.44 -14.64 -9.22
N TRP A 263 31.92 -13.96 -8.22
CA TRP A 263 32.56 -13.93 -6.92
C TRP A 263 32.29 -15.12 -6.03
N ILE A 264 31.20 -15.83 -6.28
CA ILE A 264 30.90 -17.06 -5.51
C ILE A 264 30.48 -18.10 -6.56
N THR A 265 30.48 -19.36 -6.18
CA THR A 265 30.14 -20.42 -7.13
C THR A 265 28.69 -20.82 -7.09
N ARG A 266 28.30 -21.63 -8.07
CA ARG A 266 26.96 -22.18 -8.14
C ARG A 266 26.74 -23.06 -6.91
N GLU A 267 27.77 -23.80 -6.50
CA GLU A 267 27.67 -24.65 -5.31
C GLU A 267 27.42 -23.77 -4.07
N ASP A 268 28.10 -22.62 -3.99
CA ASP A 268 27.90 -21.72 -2.85
C ASP A 268 26.43 -21.30 -2.79
N VAL A 269 25.87 -20.94 -3.95
CA VAL A 269 24.47 -20.54 -4.00
C VAL A 269 23.56 -21.70 -3.59
N LEU A 270 23.80 -22.88 -4.15
CA LEU A 270 22.98 -24.03 -3.78
C LEU A 270 22.98 -24.31 -2.26
N GLU A 271 24.14 -24.19 -1.62
CA GLU A 271 24.26 -24.46 -0.19
C GLU A 271 23.52 -23.44 0.66
N MET A 272 23.46 -22.20 0.17
CA MET A 272 22.73 -21.19 0.94
C MET A 272 21.24 -21.46 0.74
N ALA A 273 20.85 -21.86 -0.48
CA ALA A 273 19.46 -22.18 -0.74
C ALA A 273 19.03 -23.36 0.14
N GLU A 274 19.94 -24.31 0.35
CA GLU A 274 19.60 -25.48 1.18
C GLU A 274 19.34 -25.14 2.64
N LYS A 275 20.08 -24.17 3.17
CA LYS A 275 19.90 -23.78 4.56
C LYS A 275 18.60 -23.00 4.75
N LEU A 276 18.00 -22.56 3.63
CA LEU A 276 16.79 -21.75 3.66
C LEU A 276 15.70 -22.34 2.79
N GLU A 277 15.76 -23.66 2.58
CA GLU A 277 14.82 -24.37 1.71
C GLU A 277 13.33 -24.03 1.83
N LYS A 278 12.81 -23.91 3.04
CA LYS A 278 11.39 -23.63 3.19
C LYS A 278 10.99 -22.15 3.21
N THR A 279 11.86 -21.28 2.70
CA THR A 279 11.59 -19.83 2.71
C THR A 279 11.53 -19.25 1.30
N ASP A 280 10.95 -18.07 1.16
CA ASP A 280 10.87 -17.45 -0.16
C ASP A 280 12.27 -17.10 -0.66
N TYR A 281 13.07 -16.51 0.23
CA TYR A 281 14.41 -16.11 -0.14
C TYR A 281 15.18 -17.37 -0.57
N GLY A 282 15.01 -18.46 0.19
CA GLY A 282 15.69 -19.70 -0.17
C GLY A 282 15.33 -20.20 -1.55
N LYS A 283 14.05 -20.14 -1.88
CA LYS A 283 13.57 -20.59 -3.18
C LYS A 283 14.11 -19.73 -4.33
N TYR A 284 14.29 -18.45 -4.05
CA TYR A 284 14.84 -17.55 -5.07
C TYR A 284 16.28 -18.01 -5.34
N LEU A 285 17.03 -18.30 -4.29
CA LEU A 285 18.42 -18.74 -4.47
C LEU A 285 18.50 -20.07 -5.24
N ARG A 286 17.58 -20.97 -4.92
CA ARG A 286 17.49 -22.28 -5.58
C ARG A 286 17.28 -22.04 -7.08
N ASP A 287 16.36 -21.13 -7.40
CA ASP A 287 16.05 -20.82 -8.79
C ASP A 287 17.22 -20.15 -9.48
N LEU A 288 17.93 -19.30 -8.75
CA LEU A 288 19.09 -18.63 -9.33
C LEU A 288 20.12 -19.69 -9.77
N ALA A 289 20.37 -20.67 -8.91
CA ALA A 289 21.34 -21.71 -9.21
C ALA A 289 20.93 -22.58 -10.39
N GLU A 290 19.62 -22.71 -10.58
CA GLU A 290 19.07 -23.50 -11.68
C GLU A 290 19.12 -22.74 -12.98
N GLY A 291 19.22 -21.41 -12.89
CA GLY A 291 19.31 -20.57 -14.07
C GLY A 291 18.07 -19.74 -14.41
N ASN A 292 16.98 -19.90 -13.66
CA ASN A 292 15.73 -19.16 -13.93
C ASN A 292 15.46 -19.23 -15.43
N PHE A 293 15.55 -20.45 -15.96
CA PHE A 293 15.37 -20.76 -17.38
C PHE A 293 16.53 -20.12 -18.13
N HIS A 294 16.39 -18.86 -18.51
CA HIS A 294 17.43 -18.13 -19.23
C HIS A 294 17.65 -16.76 -18.60
N GLY A 295 17.49 -16.70 -17.28
CA GLY A 295 17.67 -15.46 -16.56
C GLY A 295 18.97 -14.79 -16.94
N HIS B 3 -43.03 -0.34 5.51
CA HIS B 3 -41.58 -0.61 5.76
C HIS B 3 -40.70 0.55 5.29
N MET B 4 -39.67 0.84 6.09
CA MET B 4 -38.75 1.90 5.77
C MET B 4 -38.07 1.67 4.42
N LYS B 5 -38.03 2.73 3.61
N LYS B 5 -38.02 2.72 3.61
CA LYS B 5 -37.40 2.67 2.30
CA LYS B 5 -37.38 2.63 2.31
C LYS B 5 -36.00 3.27 2.38
C LYS B 5 -35.96 3.19 2.41
N GLY B 6 -35.25 3.15 1.29
CA GLY B 6 -33.89 3.68 1.29
C GLY B 6 -33.59 4.40 0.00
N ILE B 7 -32.69 5.38 0.10
CA ILE B 7 -32.27 6.15 -1.06
C ILE B 7 -30.74 6.27 -1.03
N VAL B 8 -30.11 6.00 -2.18
CA VAL B 8 -28.68 6.18 -2.31
C VAL B 8 -28.52 7.35 -3.29
N LEU B 9 -27.89 8.43 -2.81
CA LEU B 9 -27.68 9.61 -3.63
C LEU B 9 -26.30 9.43 -4.28
N ALA B 10 -26.30 9.13 -5.58
CA ALA B 10 -25.07 8.82 -6.31
C ALA B 10 -24.90 9.62 -7.60
N GLY B 11 -25.12 10.91 -7.48
CA GLY B 11 -25.03 11.78 -8.62
C GLY B 11 -23.77 12.61 -8.61
N GLY B 12 -23.94 13.80 -9.16
CA GLY B 12 -22.87 14.77 -9.35
C GLY B 12 -21.91 15.07 -8.25
N SER B 13 -20.64 15.13 -8.62
CA SER B 13 -19.57 15.41 -7.69
C SER B 13 -18.79 16.61 -8.25
N GLY B 14 -17.79 17.06 -7.51
CA GLY B 14 -16.98 18.15 -7.99
C GLY B 14 -15.85 17.58 -8.83
N THR B 15 -14.84 18.39 -9.08
CA THR B 15 -13.72 17.95 -9.88
C THR B 15 -12.50 17.54 -9.05
N ARG B 16 -12.64 17.42 -7.73
CA ARG B 16 -11.46 17.11 -6.92
C ARG B 16 -10.69 15.88 -7.37
N LEU B 17 -11.40 14.87 -7.87
CA LEU B 17 -10.73 13.64 -8.32
C LEU B 17 -10.32 13.68 -9.79
N TYR B 18 -10.50 14.83 -10.44
CA TYR B 18 -10.13 14.96 -11.86
C TYR B 18 -8.71 14.43 -12.07
N PRO B 19 -8.48 13.67 -13.16
CA PRO B 19 -9.41 13.27 -14.21
C PRO B 19 -10.10 11.92 -14.10
N ILE B 20 -10.02 11.24 -12.96
CA ILE B 20 -10.64 9.93 -12.93
C ILE B 20 -12.17 9.97 -12.88
N THR B 21 -12.76 11.13 -12.59
CA THR B 21 -14.20 11.24 -12.59
C THR B 21 -14.71 11.91 -13.84
N ARG B 22 -13.85 12.16 -14.82
CA ARG B 22 -14.34 12.81 -16.04
C ARG B 22 -15.26 11.91 -16.85
N ALA B 23 -14.91 10.64 -16.96
CA ALA B 23 -15.72 9.70 -17.72
C ALA B 23 -16.31 8.59 -16.84
N VAL B 24 -16.03 8.63 -15.54
CA VAL B 24 -16.54 7.57 -14.65
C VAL B 24 -17.18 8.26 -13.44
N SER B 25 -18.43 7.93 -13.21
CA SER B 25 -19.12 8.51 -12.06
C SER B 25 -18.34 8.12 -10.80
N LYS B 26 -18.16 9.07 -9.88
CA LYS B 26 -17.39 8.79 -8.67
C LYS B 26 -17.82 7.49 -7.95
N GLN B 27 -19.13 7.27 -7.86
CA GLN B 27 -19.65 6.13 -7.12
C GLN B 27 -19.58 4.79 -7.84
N LEU B 28 -19.01 4.83 -9.03
CA LEU B 28 -18.76 3.56 -9.75
C LEU B 28 -17.25 3.26 -9.69
N LEU B 29 -16.43 4.19 -9.16
CA LEU B 29 -15.01 3.92 -9.02
C LEU B 29 -14.82 2.72 -8.10
N PRO B 30 -13.79 1.92 -8.35
CA PRO B 30 -13.56 0.74 -7.53
C PRO B 30 -12.99 1.01 -6.14
N ILE B 31 -13.45 0.24 -5.15
CA ILE B 31 -12.82 0.25 -3.82
C ILE B 31 -12.39 -1.23 -3.71
N TYR B 32 -11.15 -1.47 -4.12
CA TYR B 32 -10.48 -2.77 -4.17
C TYR B 32 -11.11 -3.71 -5.19
N ASP B 33 -12.21 -4.37 -4.81
CA ASP B 33 -12.84 -5.33 -5.73
C ASP B 33 -14.30 -5.10 -6.03
N LYS B 34 -14.88 -3.98 -5.58
CA LYS B 34 -16.28 -3.71 -5.85
C LYS B 34 -16.51 -2.22 -6.10
N PRO B 35 -17.54 -1.87 -6.88
CA PRO B 35 -17.86 -0.46 -7.17
C PRO B 35 -18.13 0.23 -5.84
N MET B 36 -17.76 1.50 -5.75
CA MET B 36 -17.94 2.24 -4.51
C MET B 36 -19.36 2.13 -3.99
N ILE B 37 -20.34 2.22 -4.88
CA ILE B 37 -21.74 2.22 -4.42
C ILE B 37 -22.18 0.95 -3.68
N TYR B 38 -21.49 -0.17 -3.88
CA TYR B 38 -21.85 -1.40 -3.14
C TYR B 38 -21.76 -1.17 -1.62
N TYR B 39 -20.77 -0.37 -1.20
CA TYR B 39 -20.57 -0.15 0.24
C TYR B 39 -21.76 0.54 0.92
N PRO B 40 -22.23 1.70 0.42
CA PRO B 40 -23.39 2.29 1.09
C PRO B 40 -24.65 1.43 0.84
N LEU B 41 -24.73 0.75 -0.32
CA LEU B 41 -25.87 -0.14 -0.54
C LEU B 41 -25.89 -1.24 0.54
N SER B 42 -24.71 -1.75 0.88
CA SER B 42 -24.64 -2.82 1.87
C SER B 42 -25.17 -2.36 3.22
N VAL B 43 -24.98 -1.07 3.52
CA VAL B 43 -25.43 -0.50 4.78
C VAL B 43 -26.96 -0.49 4.85
N LEU B 44 -27.61 -0.11 3.76
CA LEU B 44 -29.06 -0.12 3.73
C LEU B 44 -29.57 -1.55 3.87
N MET B 45 -28.92 -2.49 3.17
CA MET B 45 -29.36 -3.88 3.26
C MET B 45 -29.14 -4.47 4.65
N LEU B 46 -28.03 -4.14 5.30
CA LEU B 46 -27.79 -4.64 6.66
C LEU B 46 -28.83 -4.03 7.63
N ALA B 47 -29.39 -2.88 7.24
CA ALA B 47 -30.42 -2.24 8.07
C ALA B 47 -31.78 -2.86 7.76
N GLY B 48 -31.80 -3.84 6.86
CA GLY B 48 -33.05 -4.52 6.51
C GLY B 48 -33.91 -3.88 5.45
N ILE B 49 -33.38 -2.88 4.76
CA ILE B 49 -34.15 -2.16 3.73
C ILE B 49 -34.10 -2.87 2.36
N ARG B 50 -35.27 -3.13 1.77
CA ARG B 50 -35.33 -3.83 0.48
C ARG B 50 -35.91 -3.03 -0.68
N ASP B 51 -36.46 -1.85 -0.42
CA ASP B 51 -37.02 -1.01 -1.48
C ASP B 51 -36.05 0.19 -1.53
N ILE B 52 -35.23 0.25 -2.59
CA ILE B 52 -34.19 1.28 -2.67
C ILE B 52 -34.18 2.09 -3.94
N LEU B 53 -34.08 3.42 -3.78
CA LEU B 53 -34.03 4.33 -4.92
C LEU B 53 -32.58 4.79 -5.17
N ILE B 54 -32.15 4.68 -6.43
CA ILE B 54 -30.84 5.12 -6.82
C ILE B 54 -31.04 6.44 -7.56
N ILE B 55 -30.40 7.51 -7.10
CA ILE B 55 -30.48 8.79 -7.76
C ILE B 55 -29.11 9.10 -8.37
N SER B 56 -29.10 9.52 -9.63
N SER B 56 -29.09 9.46 -9.65
CA SER B 56 -27.85 9.86 -10.26
CA SER B 56 -27.84 9.82 -10.29
C SER B 56 -28.08 10.88 -11.37
C SER B 56 -28.09 10.78 -11.45
N THR B 57 -27.01 11.23 -12.08
CA THR B 57 -27.11 12.17 -13.18
C THR B 57 -27.74 11.49 -14.39
N PRO B 58 -28.26 12.30 -15.33
CA PRO B 58 -28.85 11.68 -16.52
C PRO B 58 -27.82 10.81 -17.27
N ARG B 59 -26.60 11.28 -17.40
CA ARG B 59 -25.61 10.49 -18.13
C ARG B 59 -25.24 9.18 -17.44
N ASP B 60 -25.13 9.21 -16.10
CA ASP B 60 -24.71 8.01 -15.38
C ASP B 60 -25.77 7.03 -14.94
N LEU B 61 -27.02 7.48 -14.81
CA LEU B 61 -28.07 6.57 -14.36
C LEU B 61 -28.12 5.24 -15.13
N PRO B 62 -27.94 5.25 -16.47
CA PRO B 62 -27.98 4.00 -17.25
C PRO B 62 -26.85 3.03 -16.83
N LEU B 63 -25.71 3.60 -16.44
CA LEU B 63 -24.55 2.81 -15.98
C LEU B 63 -24.88 2.20 -14.62
N TYR B 64 -25.55 2.96 -13.74
CA TYR B 64 -25.93 2.35 -12.46
C TYR B 64 -26.94 1.24 -12.72
N ARG B 65 -27.86 1.44 -13.68
CA ARG B 65 -28.82 0.40 -13.97
C ARG B 65 -28.10 -0.80 -14.62
N ASP B 66 -27.05 -0.55 -15.40
CA ASP B 66 -26.28 -1.67 -15.99
C ASP B 66 -25.70 -2.51 -14.85
N LEU B 67 -25.23 -1.84 -13.80
CA LEU B 67 -24.64 -2.55 -12.66
C LEU B 67 -25.63 -3.29 -11.77
N LEU B 68 -26.67 -2.55 -11.37
CA LEU B 68 -27.64 -3.02 -10.40
C LEU B 68 -28.92 -3.67 -10.89
N GLY B 69 -29.37 -3.34 -12.09
CA GLY B 69 -30.58 -3.97 -12.60
C GLY B 69 -31.81 -3.60 -11.77
N ASP B 70 -32.79 -4.50 -11.72
CA ASP B 70 -33.99 -4.20 -10.96
C ASP B 70 -33.89 -4.59 -9.48
N GLY B 71 -32.76 -5.19 -9.11
CA GLY B 71 -32.54 -5.57 -7.73
C GLY B 71 -32.92 -6.99 -7.38
N SER B 72 -33.64 -7.66 -8.26
CA SER B 72 -34.09 -9.02 -7.97
C SER B 72 -32.94 -9.98 -7.68
N GLN B 73 -31.76 -9.72 -8.24
CA GLN B 73 -30.62 -10.61 -7.99
C GLN B 73 -30.27 -10.60 -6.51
N PHE B 74 -30.68 -9.54 -5.80
CA PHE B 74 -30.41 -9.43 -4.35
C PHE B 74 -31.69 -9.51 -3.52
N GLY B 75 -32.81 -9.83 -4.16
CA GLY B 75 -34.07 -9.91 -3.43
C GLY B 75 -34.53 -8.54 -2.92
N VAL B 76 -34.15 -7.48 -3.65
CA VAL B 76 -34.55 -6.11 -3.31
C VAL B 76 -35.16 -5.51 -4.57
N ARG B 77 -35.67 -4.30 -4.44
CA ARG B 77 -36.23 -3.60 -5.58
C ARG B 77 -35.48 -2.28 -5.74
N PHE B 78 -34.84 -2.08 -6.90
CA PHE B 78 -34.14 -0.83 -7.20
C PHE B 78 -35.01 0.00 -8.14
N SER B 79 -35.15 1.29 -7.83
CA SER B 79 -35.88 2.24 -8.66
C SER B 79 -34.81 3.27 -9.00
N TYR B 80 -35.00 4.02 -10.08
CA TYR B 80 -34.03 5.00 -10.51
C TYR B 80 -34.66 6.34 -10.82
N ARG B 81 -34.03 7.42 -10.37
CA ARG B 81 -34.50 8.77 -10.64
C ARG B 81 -33.32 9.65 -10.92
N VAL B 82 -33.50 10.59 -11.84
CA VAL B 82 -32.45 11.49 -12.22
C VAL B 82 -32.39 12.75 -11.39
N GLN B 83 -31.18 13.28 -11.23
CA GLN B 83 -30.97 14.56 -10.57
C GLN B 83 -30.05 15.24 -11.58
N GLU B 84 -30.60 16.18 -12.35
CA GLU B 84 -29.85 16.88 -13.40
C GLU B 84 -28.56 17.49 -12.92
N GLU B 85 -28.58 18.10 -11.74
CA GLU B 85 -27.36 18.67 -11.18
C GLU B 85 -27.41 18.51 -9.68
N PRO B 86 -26.25 18.49 -9.01
CA PRO B 86 -26.23 18.34 -7.56
C PRO B 86 -26.83 19.55 -6.84
N ARG B 87 -28.16 19.58 -6.81
CA ARG B 87 -28.91 20.67 -6.18
C ARG B 87 -28.88 20.69 -4.66
N GLY B 88 -28.21 19.72 -4.04
CA GLY B 88 -28.16 19.68 -2.59
C GLY B 88 -28.59 18.29 -2.11
N ILE B 89 -28.06 17.84 -0.98
CA ILE B 89 -28.41 16.51 -0.49
C ILE B 89 -29.90 16.37 -0.15
N ALA B 90 -30.48 17.41 0.44
CA ALA B 90 -31.89 17.34 0.82
C ALA B 90 -32.79 17.28 -0.41
N ASP B 91 -32.22 17.56 -1.58
CA ASP B 91 -33.00 17.47 -2.80
C ASP B 91 -33.38 16.00 -3.01
N ALA B 92 -32.69 15.08 -2.32
CA ALA B 92 -33.04 13.65 -2.47
C ALA B 92 -34.50 13.39 -2.11
N PHE B 93 -35.04 14.16 -1.17
CA PHE B 93 -36.41 13.93 -0.76
C PHE B 93 -37.44 14.55 -1.70
N ILE B 94 -37.01 15.49 -2.53
CA ILE B 94 -37.91 16.13 -3.48
C ILE B 94 -37.92 15.21 -4.71
N VAL B 95 -36.75 14.88 -5.22
CA VAL B 95 -36.65 13.95 -6.35
C VAL B 95 -37.36 12.64 -5.97
N GLY B 96 -37.16 12.20 -4.74
CA GLY B 96 -37.75 10.92 -4.34
C GLY B 96 -39.07 10.99 -3.60
N LYS B 97 -39.76 12.12 -3.69
CA LYS B 97 -41.02 12.24 -2.98
C LYS B 97 -42.01 11.13 -3.29
N ASP B 98 -42.24 10.85 -4.58
CA ASP B 98 -43.22 9.81 -4.91
C ASP B 98 -42.76 8.43 -4.47
N PHE B 99 -41.46 8.17 -4.60
CA PHE B 99 -40.89 6.90 -4.17
C PHE B 99 -41.12 6.72 -2.66
N ILE B 100 -40.87 7.77 -1.91
CA ILE B 100 -41.03 7.70 -0.45
C ILE B 100 -42.47 7.47 -0.01
N GLY B 101 -43.40 8.20 -0.61
CA GLY B 101 -44.80 8.03 -0.24
C GLY B 101 -44.99 8.39 1.23
N ASP B 102 -45.64 7.51 1.98
CA ASP B 102 -45.89 7.77 3.41
C ASP B 102 -44.91 7.04 4.32
N SER B 103 -43.89 6.41 3.72
CA SER B 103 -42.92 5.63 4.48
C SER B 103 -41.83 6.43 5.17
N LYS B 104 -41.19 5.79 6.14
CA LYS B 104 -40.01 6.38 6.77
C LYS B 104 -38.93 6.11 5.72
N VAL B 105 -37.75 6.72 5.86
CA VAL B 105 -36.74 6.50 4.81
C VAL B 105 -35.32 6.75 5.33
N ALA B 106 -34.37 5.96 4.83
CA ALA B 106 -32.95 6.12 5.15
C ALA B 106 -32.28 6.66 3.89
N LEU B 107 -31.41 7.64 4.08
CA LEU B 107 -30.64 8.25 2.98
C LEU B 107 -29.15 8.01 3.22
N VAL B 108 -28.46 7.47 2.23
CA VAL B 108 -27.03 7.31 2.38
C VAL B 108 -26.37 7.88 1.12
N LEU B 109 -25.24 8.57 1.29
CA LEU B 109 -24.52 9.10 0.14
C LEU B 109 -23.78 7.93 -0.51
N GLY B 110 -23.79 7.93 -1.85
CA GLY B 110 -23.19 6.83 -2.57
C GLY B 110 -21.67 6.71 -2.46
N ASP B 111 -21.01 7.70 -1.86
CA ASP B 111 -19.58 7.66 -1.69
C ASP B 111 -19.15 7.41 -0.25
N ASN B 112 -20.09 7.02 0.61
CA ASN B 112 -19.73 6.78 2.01
C ASN B 112 -19.48 5.30 2.28
N VAL B 113 -18.31 5.01 2.81
CA VAL B 113 -17.85 3.64 3.07
C VAL B 113 -17.52 3.51 4.55
N PHE B 114 -18.29 2.70 5.25
CA PHE B 114 -18.09 2.50 6.68
C PHE B 114 -17.80 1.03 6.95
N TYR B 115 -17.09 0.79 8.05
CA TYR B 115 -16.80 -0.58 8.44
C TYR B 115 -16.47 -0.65 9.93
N GLY B 116 -16.99 -1.69 10.58
CA GLY B 116 -16.67 -1.83 11.99
C GLY B 116 -17.40 -2.96 12.69
N HIS B 117 -16.76 -3.48 13.72
CA HIS B 117 -17.32 -4.56 14.52
C HIS B 117 -18.55 -3.97 15.22
N ARG B 118 -19.63 -4.74 15.22
CA ARG B 118 -20.92 -4.37 15.81
C ARG B 118 -21.59 -3.14 15.19
N PHE B 119 -21.39 -2.96 13.89
CA PHE B 119 -22.02 -1.85 13.19
C PHE B 119 -23.47 -2.22 12.85
N SER B 120 -23.75 -3.47 12.52
CA SER B 120 -25.13 -3.86 12.21
C SER B 120 -26.11 -3.54 13.31
N GLU B 121 -25.72 -3.75 14.57
CA GLU B 121 -26.69 -3.49 15.64
C GLU B 121 -27.04 -2.01 15.69
N ILE B 122 -26.07 -1.17 15.37
CA ILE B 122 -26.28 0.27 15.36
C ILE B 122 -27.24 0.62 14.23
N LEU B 123 -27.00 0.04 13.06
CA LEU B 123 -27.88 0.31 11.91
C LEU B 123 -29.31 -0.14 12.19
N ARG B 124 -29.47 -1.33 12.78
CA ARG B 124 -30.81 -1.83 13.08
C ARG B 124 -31.53 -0.93 14.07
N ARG B 125 -30.81 -0.38 15.04
CA ARG B 125 -31.43 0.52 15.99
C ARG B 125 -31.90 1.79 15.29
N ALA B 126 -31.03 2.39 14.46
CA ALA B 126 -31.42 3.59 13.75
C ALA B 126 -32.63 3.32 12.90
N ALA B 127 -32.63 2.17 12.22
CA ALA B 127 -33.71 1.82 11.33
C ALA B 127 -35.03 1.61 12.05
N SER B 128 -34.96 1.38 13.36
CA SER B 128 -36.16 1.13 14.15
C SER B 128 -36.79 2.39 14.76
N LEU B 129 -36.30 3.58 14.38
N LEU B 129 -36.32 3.57 14.36
CA LEU B 129 -36.85 4.80 14.98
CA LEU B 129 -36.85 4.83 14.90
C LEU B 129 -38.36 4.87 14.81
C LEU B 129 -38.38 4.89 14.78
N GLU B 130 -39.02 5.44 15.81
CA GLU B 130 -40.47 5.57 15.78
C GLU B 130 -40.82 6.94 15.26
N ASP B 131 -39.97 7.91 15.56
CA ASP B 131 -40.23 9.24 15.04
C ASP B 131 -38.97 10.12 15.12
N GLY B 132 -39.03 11.27 14.47
CA GLY B 132 -37.90 12.18 14.46
C GLY B 132 -36.89 11.68 13.43
N ALA B 133 -35.62 11.93 13.71
CA ALA B 133 -34.53 11.57 12.80
C ALA B 133 -33.35 11.01 13.57
N VAL B 134 -32.50 10.24 12.89
CA VAL B 134 -31.31 9.69 13.52
C VAL B 134 -30.13 9.88 12.61
N ILE B 135 -29.09 10.53 13.11
CA ILE B 135 -27.89 10.71 12.30
C ILE B 135 -26.73 10.01 12.99
N PHE B 136 -25.53 10.15 12.48
CA PHE B 136 -24.38 9.43 13.07
C PHE B 136 -23.25 10.37 13.42
N GLY B 137 -22.41 9.93 14.36
CA GLY B 137 -21.28 10.73 14.80
C GLY B 137 -20.08 9.80 14.84
N TYR B 138 -19.09 10.11 13.98
CA TYR B 138 -17.88 9.30 13.86
C TYR B 138 -16.77 9.95 14.68
N TYR B 139 -16.19 9.14 15.56
CA TYR B 139 -15.15 9.62 16.48
C TYR B 139 -13.82 9.86 15.77
N VAL B 140 -13.26 11.05 15.92
CA VAL B 140 -11.95 11.39 15.32
C VAL B 140 -11.14 12.24 16.29
N ARG B 141 -9.82 12.20 16.14
CA ARG B 141 -8.99 12.99 17.03
C ARG B 141 -9.05 14.50 16.74
N ASP B 142 -9.25 14.86 15.46
CA ASP B 142 -9.36 16.26 15.05
C ASP B 142 -10.61 16.41 14.18
N PRO B 143 -11.70 16.90 14.78
CA PRO B 143 -12.98 17.07 14.05
C PRO B 143 -13.12 18.32 13.21
N ARG B 144 -12.17 19.25 13.30
CA ARG B 144 -12.29 20.52 12.57
C ARG B 144 -12.58 20.54 11.06
N PRO B 145 -12.13 19.52 10.31
CA PRO B 145 -12.39 19.50 8.86
C PRO B 145 -13.83 19.11 8.47
N PHE B 146 -14.66 18.79 9.47
CA PHE B 146 -16.02 18.28 9.22
C PHE B 146 -17.18 19.03 9.88
N GLY B 147 -18.38 18.46 9.73
CA GLY B 147 -19.55 18.99 10.40
C GLY B 147 -19.41 18.25 11.72
N VAL B 148 -19.52 18.96 12.85
CA VAL B 148 -19.31 18.37 14.18
C VAL B 148 -20.62 18.28 14.94
N VAL B 149 -20.93 17.10 15.49
CA VAL B 149 -22.19 16.90 16.23
C VAL B 149 -21.97 16.82 17.73
N GLU B 150 -22.69 17.70 18.43
CA GLU B 150 -22.64 17.79 19.89
C GLU B 150 -23.91 17.09 20.40
N PHE B 151 -23.79 16.26 21.43
CA PHE B 151 -24.92 15.46 21.87
C PHE B 151 -24.87 15.14 23.35
N ASP B 152 -25.97 14.59 23.87
CA ASP B 152 -26.00 14.21 25.27
C ASP B 152 -25.93 12.69 25.44
N SER B 153 -25.98 12.24 26.69
CA SER B 153 -25.84 10.81 26.97
C SER B 153 -26.96 9.90 26.52
N GLU B 154 -28.09 10.46 26.12
CA GLU B 154 -29.11 9.58 25.62
C GLU B 154 -29.19 9.67 24.11
N GLY B 155 -28.22 10.39 23.54
CA GLY B 155 -28.18 10.53 22.09
C GLY B 155 -28.85 11.73 21.47
N ARG B 156 -29.40 12.64 22.29
CA ARG B 156 -30.03 13.80 21.68
C ARG B 156 -28.97 14.73 21.12
N VAL B 157 -29.23 15.29 19.93
CA VAL B 157 -28.30 16.21 19.31
C VAL B 157 -28.58 17.64 19.76
N ILE B 158 -27.53 18.29 20.26
CA ILE B 158 -27.59 19.68 20.76
C ILE B 158 -27.22 20.68 19.66
N SER B 159 -26.16 20.39 18.88
CA SER B 159 -25.78 21.28 17.81
C SER B 159 -24.99 20.53 16.76
N ILE B 160 -24.98 21.11 15.56
CA ILE B 160 -24.18 20.60 14.44
C ILE B 160 -23.50 21.86 13.90
N GLU B 161 -22.17 21.90 13.93
CA GLU B 161 -21.43 23.05 13.44
C GLU B 161 -20.47 22.64 12.33
N GLU B 162 -20.45 23.43 11.27
CA GLU B 162 -19.59 23.15 10.12
C GLU B 162 -18.18 23.71 10.28
N LYS B 163 -17.20 22.81 10.34
CA LYS B 163 -15.79 23.15 10.46
C LYS B 163 -15.51 24.16 11.56
N PRO B 164 -15.91 23.85 12.79
CA PRO B 164 -15.68 24.77 13.89
C PRO B 164 -14.21 24.84 14.30
N SER B 165 -13.69 26.05 14.54
CA SER B 165 -12.32 26.17 14.98
C SER B 165 -12.27 25.70 16.42
N ARG B 166 -13.41 25.75 17.12
CA ARG B 166 -13.50 25.29 18.52
C ARG B 166 -14.62 24.26 18.60
N PRO B 167 -14.33 23.01 18.20
CA PRO B 167 -15.36 21.96 18.22
C PRO B 167 -15.96 21.60 19.57
N LYS B 168 -17.27 21.37 19.57
N LYS B 168 -17.27 21.37 19.58
CA LYS B 168 -17.99 21.02 20.78
CA LYS B 168 -17.95 21.03 20.81
C LYS B 168 -17.93 19.53 21.10
C LYS B 168 -17.90 19.53 21.11
N SER B 169 -17.28 18.76 20.22
CA SER B 169 -17.13 17.32 20.44
C SER B 169 -16.08 16.82 19.46
N ASN B 170 -15.76 15.55 19.58
CA ASN B 170 -14.81 14.89 18.65
C ASN B 170 -15.56 13.95 17.73
N TYR B 171 -16.87 14.18 17.53
CA TYR B 171 -17.67 13.31 16.65
C TYR B 171 -18.14 14.09 15.42
N VAL B 172 -17.96 13.51 14.23
CA VAL B 172 -18.29 14.18 12.99
C VAL B 172 -19.40 13.47 12.26
N VAL B 173 -20.14 14.24 11.48
CA VAL B 173 -21.31 13.73 10.78
C VAL B 173 -21.07 13.22 9.36
N PRO B 174 -21.25 11.90 9.16
CA PRO B 174 -21.04 11.32 7.82
C PRO B 174 -22.36 11.35 7.02
N GLY B 175 -22.33 10.85 5.79
CA GLY B 175 -23.53 10.87 4.95
C GLY B 175 -24.45 9.67 5.09
N LEU B 176 -25.06 9.52 6.27
CA LEU B 176 -25.98 8.39 6.52
C LEU B 176 -27.05 8.97 7.45
N TYR B 177 -28.31 8.89 7.05
CA TYR B 177 -29.37 9.52 7.86
C TYR B 177 -30.67 8.72 7.80
N PHE B 178 -31.38 8.62 8.93
CA PHE B 178 -32.63 7.88 8.99
C PHE B 178 -33.72 8.87 9.43
N TYR B 179 -34.85 8.82 8.74
CA TYR B 179 -35.94 9.74 8.97
C TYR B 179 -37.32 9.15 9.05
N ASP B 180 -38.19 9.83 9.81
CA ASP B 180 -39.58 9.44 9.84
C ASP B 180 -40.19 10.07 8.57
N ASN B 181 -41.50 9.95 8.34
CA ASN B 181 -42.06 10.47 7.09
C ASN B 181 -42.18 12.00 7.00
N GLN B 182 -41.89 12.72 8.08
CA GLN B 182 -41.99 14.17 8.04
C GLN B 182 -40.87 14.80 7.21
N VAL B 183 -39.83 14.03 6.89
CA VAL B 183 -38.72 14.60 6.13
C VAL B 183 -39.08 15.22 4.77
N VAL B 184 -40.05 14.67 4.05
CA VAL B 184 -40.40 15.24 2.76
C VAL B 184 -40.93 16.66 2.94
N GLU B 185 -41.85 16.87 3.88
CA GLU B 185 -42.39 18.20 4.10
C GLU B 185 -41.32 19.15 4.63
N ILE B 186 -40.43 18.65 5.47
CA ILE B 186 -39.35 19.48 5.99
C ILE B 186 -38.45 19.93 4.84
N ALA B 187 -38.10 19.00 3.96
CA ALA B 187 -37.25 19.33 2.82
C ALA B 187 -37.93 20.36 1.92
N ARG B 188 -39.26 20.28 1.81
CA ARG B 188 -40.00 21.22 0.98
C ARG B 188 -39.96 22.65 1.52
N ARG B 189 -39.78 22.77 2.83
CA ARG B 189 -39.79 24.07 3.47
C ARG B 189 -38.44 24.70 3.81
N ILE B 190 -37.35 23.96 3.64
CA ILE B 190 -36.06 24.56 3.94
C ILE B 190 -35.76 25.61 2.88
N GLU B 191 -34.87 26.54 3.20
CA GLU B 191 -34.53 27.58 2.23
C GLU B 191 -33.20 27.23 1.59
N PRO B 192 -33.07 27.53 0.29
CA PRO B 192 -31.83 27.26 -0.45
C PRO B 192 -30.71 27.99 0.29
N SER B 193 -29.52 27.40 0.35
CA SER B 193 -28.41 28.05 1.03
C SER B 193 -27.82 29.15 0.12
N ASP B 194 -26.80 29.81 0.65
CA ASP B 194 -26.09 30.87 -0.05
C ASP B 194 -25.57 30.38 -1.40
N ARG B 195 -25.09 29.14 -1.42
CA ARG B 195 -24.55 28.54 -2.65
C ARG B 195 -25.63 27.93 -3.56
N GLY B 196 -26.88 28.25 -3.29
CA GLY B 196 -27.96 27.72 -4.11
C GLY B 196 -28.21 26.23 -3.98
N GLU B 197 -28.09 25.68 -2.77
CA GLU B 197 -28.33 24.25 -2.57
C GLU B 197 -29.32 23.93 -1.45
N LEU B 198 -30.03 22.80 -1.58
CA LEU B 198 -31.00 22.34 -0.58
C LEU B 198 -30.14 21.46 0.33
N GLU B 199 -29.70 22.03 1.45
CA GLU B 199 -28.79 21.36 2.36
C GLU B 199 -29.39 20.35 3.33
N ILE B 200 -28.75 19.18 3.44
CA ILE B 200 -29.25 18.19 4.39
C ILE B 200 -29.06 18.76 5.81
N THR B 201 -28.05 19.60 6.00
N THR B 201 -28.05 19.63 5.95
CA THR B 201 -27.87 20.14 7.34
CA THR B 201 -27.77 20.24 7.24
C THR B 201 -29.08 20.98 7.74
C THR B 201 -29.00 21.03 7.72
N SER B 202 -29.71 21.64 6.77
CA SER B 202 -30.91 22.43 7.08
C SER B 202 -32.03 21.51 7.58
N VAL B 203 -32.18 20.37 6.94
CA VAL B 203 -33.18 19.38 7.34
C VAL B 203 -32.90 18.89 8.75
N ASN B 204 -31.65 18.51 9.02
CA ASN B 204 -31.30 18.01 10.35
C ASN B 204 -31.48 19.06 11.43
N GLU B 205 -31.19 20.31 11.09
CA GLU B 205 -31.39 21.40 12.04
C GLU B 205 -32.88 21.57 12.39
N GLU B 206 -33.78 21.30 11.44
CA GLU B 206 -35.22 21.45 11.74
C GLU B 206 -35.63 20.38 12.73
N TYR B 207 -35.14 19.14 12.55
CA TYR B 207 -35.46 18.10 13.52
C TYR B 207 -34.80 18.46 14.86
N LEU B 208 -33.57 18.97 14.81
CA LEU B 208 -32.86 19.30 16.02
C LEU B 208 -33.66 20.32 16.87
N ARG B 209 -34.14 21.37 16.23
CA ARG B 209 -34.85 22.42 16.95
C ARG B 209 -36.16 22.02 17.56
N MET B 210 -36.73 20.91 17.09
CA MET B 210 -37.99 20.41 17.64
C MET B 210 -37.69 19.38 18.72
N GLY B 211 -36.41 19.16 19.02
CA GLY B 211 -36.04 18.16 20.03
C GLY B 211 -36.28 16.74 19.52
N LYS B 212 -36.17 16.56 18.22
CA LYS B 212 -36.43 15.25 17.62
C LYS B 212 -35.29 14.67 16.80
N LEU B 213 -34.06 15.01 17.16
CA LEU B 213 -32.89 14.48 16.44
C LEU B 213 -32.02 13.69 17.39
N ARG B 214 -31.69 12.45 17.03
CA ARG B 214 -30.82 11.60 17.85
C ARG B 214 -29.58 11.29 17.02
N VAL B 215 -28.53 10.82 17.68
CA VAL B 215 -27.31 10.43 16.96
C VAL B 215 -26.83 9.08 17.50
N GLU B 216 -26.33 8.23 16.58
CA GLU B 216 -25.74 6.93 16.93
C GLU B 216 -24.24 7.15 16.77
N LEU B 217 -23.45 6.75 17.76
CA LEU B 217 -22.01 6.94 17.66
C LEU B 217 -21.25 5.78 17.01
N MET B 218 -20.21 6.12 16.27
CA MET B 218 -19.32 5.14 15.63
C MET B 218 -18.00 5.41 16.31
N GLY B 219 -17.69 4.62 17.31
CA GLY B 219 -16.50 4.87 18.11
C GLY B 219 -15.15 4.43 17.62
N ARG B 220 -14.19 4.44 18.55
CA ARG B 220 -12.84 4.02 18.25
C ARG B 220 -12.87 2.59 17.73
N GLY B 221 -12.20 2.34 16.62
CA GLY B 221 -12.21 1.00 16.05
C GLY B 221 -13.10 0.90 14.82
N MET B 222 -14.00 1.85 14.65
N MET B 222 -13.99 1.88 14.65
CA MET B 222 -14.86 1.85 13.46
CA MET B 222 -14.87 1.95 13.49
C MET B 222 -14.12 2.68 12.41
C MET B 222 -14.11 2.71 12.41
N ALA B 223 -14.40 2.41 11.14
CA ALA B 223 -13.74 3.09 10.03
C ALA B 223 -14.72 3.80 9.14
N TRP B 224 -14.38 5.03 8.75
CA TRP B 224 -15.16 5.79 7.78
C TRP B 224 -14.06 6.16 6.81
N LEU B 225 -14.03 5.51 5.64
CA LEU B 225 -12.92 5.73 4.71
C LEU B 225 -13.07 7.00 3.89
N ASP B 226 -11.95 7.48 3.38
CA ASP B 226 -11.93 8.70 2.58
C ASP B 226 -11.97 8.40 1.09
N THR B 227 -13.12 8.63 0.46
CA THR B 227 -13.23 8.36 -0.98
C THR B 227 -13.15 9.65 -1.79
N GLY B 228 -12.73 10.73 -1.12
CA GLY B 228 -12.70 12.04 -1.76
C GLY B 228 -11.40 12.51 -2.35
N THR B 229 -10.32 11.78 -2.07
CA THR B 229 -9.00 12.12 -2.61
C THR B 229 -8.36 10.87 -3.23
N HIS B 230 -7.35 11.06 -4.08
CA HIS B 230 -6.71 9.90 -4.69
C HIS B 230 -6.03 9.04 -3.66
N ASP B 231 -5.33 9.65 -2.71
CA ASP B 231 -4.68 8.85 -1.69
C ASP B 231 -5.72 8.17 -0.80
N GLY B 232 -6.83 8.84 -0.54
CA GLY B 232 -7.87 8.24 0.28
C GLY B 232 -8.43 6.99 -0.37
N LEU B 233 -8.66 7.05 -1.69
CA LEU B 233 -9.17 5.90 -2.44
C LEU B 233 -8.19 4.74 -2.42
N LEU B 234 -6.91 5.06 -2.53
CA LEU B 234 -5.87 4.04 -2.51
C LEU B 234 -5.84 3.38 -1.12
N GLU B 235 -5.90 4.20 -0.07
CA GLU B 235 -5.88 3.66 1.29
C GLU B 235 -7.14 2.87 1.59
N ALA B 236 -8.26 3.33 1.05
CA ALA B 236 -9.52 2.63 1.30
C ALA B 236 -9.45 1.24 0.65
N SER B 237 -8.90 1.17 -0.56
N SER B 237 -8.90 1.15 -0.55
CA SER B 237 -8.76 -0.12 -1.25
CA SER B 237 -8.79 -0.13 -1.23
C SER B 237 -7.88 -1.06 -0.43
C SER B 237 -7.85 -1.08 -0.47
N SER B 238 -6.76 -0.52 0.06
CA SER B 238 -5.82 -1.32 0.85
C SER B 238 -6.48 -1.82 2.14
N PHE B 239 -7.35 -1.01 2.71
CA PHE B 239 -8.05 -1.36 3.94
C PHE B 239 -9.00 -2.55 3.68
N ILE B 240 -9.78 -2.47 2.61
CA ILE B 240 -10.70 -3.57 2.30
C ILE B 240 -9.90 -4.83 1.99
N GLU B 241 -8.84 -4.70 1.22
CA GLU B 241 -8.01 -5.85 0.88
C GLU B 241 -7.53 -6.53 2.17
N THR B 242 -7.07 -5.74 3.14
CA THR B 242 -6.58 -6.31 4.41
C THR B 242 -7.63 -7.08 5.17
N ILE B 243 -8.77 -6.44 5.40
CA ILE B 243 -9.86 -7.09 6.10
C ILE B 243 -10.29 -8.36 5.39
N GLN B 244 -10.44 -8.30 4.07
CA GLN B 244 -10.87 -9.47 3.33
C GLN B 244 -9.87 -10.61 3.36
N LYS B 245 -8.58 -10.29 3.29
CA LYS B 245 -7.58 -11.35 3.34
C LYS B 245 -7.41 -11.93 4.73
N ARG B 246 -7.48 -11.08 5.76
CA ARG B 246 -7.21 -11.53 7.12
C ARG B 246 -8.38 -12.18 7.87
N GLN B 247 -9.61 -11.73 7.59
CA GLN B 247 -10.74 -12.35 8.25
C GLN B 247 -11.45 -13.28 7.26
N GLY B 248 -11.20 -13.09 5.98
CA GLY B 248 -11.78 -13.99 4.98
C GLY B 248 -13.13 -13.62 4.42
N PHE B 249 -13.88 -12.85 5.17
CA PHE B 249 -15.19 -12.42 4.71
C PHE B 249 -15.12 -11.10 3.96
N TYR B 250 -15.97 -10.97 2.96
CA TYR B 250 -15.98 -9.77 2.14
C TYR B 250 -16.72 -8.64 2.81
N ILE B 251 -16.35 -7.42 2.45
CA ILE B 251 -17.05 -6.25 2.94
C ILE B 251 -17.95 -5.81 1.78
N ALA B 252 -19.23 -5.71 2.06
CA ALA B 252 -20.24 -5.29 1.09
C ALA B 252 -20.46 -6.20 -0.10
N CYS B 253 -20.38 -7.52 0.12
CA CYS B 253 -20.77 -8.46 -0.93
C CYS B 253 -22.32 -8.48 -0.75
N LEU B 254 -23.04 -7.85 -1.68
CA LEU B 254 -24.50 -7.70 -1.54
C LEU B 254 -25.23 -9.05 -1.63
N GLU B 255 -24.68 -9.97 -2.42
CA GLU B 255 -25.31 -11.29 -2.55
C GLU B 255 -25.30 -12.00 -1.20
N GLU B 256 -24.18 -11.85 -0.49
CA GLU B 256 -24.03 -12.46 0.81
C GLU B 256 -25.06 -11.91 1.81
N ILE B 257 -25.19 -10.59 1.84
CA ILE B 257 -26.11 -9.95 2.78
C ILE B 257 -27.54 -10.36 2.49
N ALA B 258 -27.90 -10.36 1.20
CA ALA B 258 -29.24 -10.74 0.76
C ALA B 258 -29.53 -12.18 1.17
N TYR B 259 -28.57 -13.05 0.91
CA TYR B 259 -28.72 -14.47 1.24
C TYR B 259 -28.88 -14.68 2.74
N ASN B 260 -28.00 -14.10 3.55
CA ASN B 260 -28.15 -14.28 4.99
C ASN B 260 -29.41 -13.62 5.56
N ASN B 261 -29.95 -12.61 4.89
CA ASN B 261 -31.20 -11.98 5.33
C ASN B 261 -32.40 -12.83 4.89
N GLY B 262 -32.13 -13.87 4.10
CA GLY B 262 -33.21 -14.72 3.61
C GLY B 262 -33.95 -14.14 2.43
N TRP B 263 -33.36 -13.15 1.77
CA TRP B 263 -34.00 -12.51 0.62
C TRP B 263 -33.81 -13.25 -0.68
N ILE B 264 -32.76 -14.08 -0.75
CA ILE B 264 -32.53 -14.90 -1.95
C ILE B 264 -32.14 -16.27 -1.42
N THR B 265 -32.25 -17.29 -2.26
CA THR B 265 -31.98 -18.66 -1.87
C THR B 265 -30.53 -19.09 -2.10
N ARG B 266 -30.17 -20.23 -1.53
CA ARG B 266 -28.81 -20.76 -1.67
C ARG B 266 -28.56 -21.02 -3.16
N GLU B 267 -29.58 -21.56 -3.84
CA GLU B 267 -29.47 -21.83 -5.27
C GLU B 267 -29.28 -20.54 -6.07
N ASP B 268 -29.91 -19.46 -5.64
CA ASP B 268 -29.71 -18.18 -6.33
C ASP B 268 -28.23 -17.81 -6.24
N VAL B 269 -27.65 -17.94 -5.05
CA VAL B 269 -26.24 -17.61 -4.84
C VAL B 269 -25.34 -18.49 -5.71
N LEU B 270 -25.62 -19.79 -5.71
CA LEU B 270 -24.84 -20.77 -6.49
C LEU B 270 -24.88 -20.56 -8.00
N GLU B 271 -26.02 -20.11 -8.51
CA GLU B 271 -26.17 -19.82 -9.93
C GLU B 271 -25.31 -18.61 -10.29
N MET B 272 -25.30 -17.59 -9.42
CA MET B 272 -24.48 -16.42 -9.67
C MET B 272 -23.00 -16.81 -9.57
N ALA B 273 -22.66 -17.65 -8.59
CA ALA B 273 -21.28 -18.12 -8.41
C ALA B 273 -20.79 -18.93 -9.62
N GLU B 274 -21.67 -19.75 -10.17
CA GLU B 274 -21.26 -20.55 -11.32
C GLU B 274 -20.99 -19.65 -12.55
N LYS B 275 -21.81 -18.65 -12.75
CA LYS B 275 -21.60 -17.74 -13.87
C LYS B 275 -20.27 -17.03 -13.73
N LEU B 276 -19.83 -16.84 -12.49
CA LEU B 276 -18.58 -16.14 -12.21
C LEU B 276 -17.51 -17.09 -11.67
N GLU B 277 -17.61 -18.38 -12.01
CA GLU B 277 -16.65 -19.36 -11.48
C GLU B 277 -15.18 -19.12 -11.78
N LYS B 278 -14.88 -18.42 -12.87
CA LYS B 278 -13.49 -18.16 -13.19
C LYS B 278 -12.97 -16.91 -12.47
N THR B 279 -13.80 -16.32 -11.61
CA THR B 279 -13.42 -15.09 -10.89
C THR B 279 -13.36 -15.30 -9.37
N ASP B 280 -12.56 -14.49 -8.68
CA ASP B 280 -12.45 -14.60 -7.21
C ASP B 280 -13.78 -14.31 -6.54
N TYR B 281 -14.52 -13.33 -7.06
CA TYR B 281 -15.80 -12.97 -6.48
C TYR B 281 -16.72 -14.22 -6.59
N GLY B 282 -16.72 -14.86 -7.75
CA GLY B 282 -17.52 -16.06 -7.95
C GLY B 282 -17.15 -17.18 -6.99
N LYS B 283 -15.86 -17.37 -6.73
CA LYS B 283 -15.45 -18.42 -5.81
C LYS B 283 -15.88 -18.13 -4.37
N TYR B 284 -15.91 -16.84 -4.02
CA TYR B 284 -16.36 -16.48 -2.68
C TYR B 284 -17.84 -16.83 -2.55
N LEU B 285 -18.64 -16.54 -3.57
CA LEU B 285 -20.07 -16.86 -3.52
C LEU B 285 -20.26 -18.38 -3.35
N ARG B 286 -19.47 -19.15 -4.08
CA ARG B 286 -19.58 -20.61 -3.98
C ARG B 286 -19.25 -21.08 -2.57
N ASP B 287 -18.15 -20.58 -2.00
CA ASP B 287 -17.76 -20.96 -0.66
C ASP B 287 -18.82 -20.59 0.39
N LEU B 288 -19.50 -19.49 0.15
CA LEU B 288 -20.56 -19.03 1.06
C LEU B 288 -21.76 -19.99 1.05
N ALA B 289 -22.16 -20.38 -0.16
CA ALA B 289 -23.30 -21.24 -0.38
C ALA B 289 -23.05 -22.72 -0.14
N GLU B 290 -21.78 -23.12 -0.13
CA GLU B 290 -21.44 -24.50 0.15
C GLU B 290 -21.23 -24.60 1.67
N GLY B 291 -21.64 -23.53 2.36
CA GLY B 291 -21.55 -23.50 3.81
C GLY B 291 -20.39 -22.80 4.51
N ASN B 292 -19.31 -22.50 3.80
CA ASN B 292 -18.14 -21.85 4.43
C ASN B 292 -17.84 -22.58 5.72
N PHE B 293 -18.14 -23.89 5.71
CA PHE B 293 -17.98 -24.76 6.86
C PHE B 293 -19.19 -24.51 7.76
N HIS B 294 -19.29 -23.30 8.29
CA HIS B 294 -20.40 -22.94 9.18
C HIS B 294 -20.94 -21.52 8.88
N ALA C 2 2.24 9.86 -44.48
CA ALA C 2 3.35 10.44 -43.66
C ALA C 2 3.05 10.20 -42.19
N HIS C 3 3.93 10.70 -41.31
CA HIS C 3 3.83 10.56 -39.86
C HIS C 3 3.15 9.27 -39.37
N MET C 4 3.87 8.53 -38.54
CA MET C 4 3.35 7.29 -38.00
C MET C 4 2.12 7.57 -37.13
N LYS C 5 1.12 6.73 -37.24
CA LYS C 5 -0.10 6.93 -36.46
C LYS C 5 -0.12 5.99 -35.27
N GLY C 6 -1.16 6.12 -34.44
CA GLY C 6 -1.29 5.28 -33.28
C GLY C 6 -2.71 4.79 -33.06
N ILE C 7 -2.84 3.61 -32.45
CA ILE C 7 -4.13 3.03 -32.13
C ILE C 7 -4.09 2.52 -30.70
N VAL C 8 -5.09 2.88 -29.89
CA VAL C 8 -5.16 2.32 -28.54
C VAL C 8 -6.40 1.39 -28.54
N LEU C 9 -6.20 0.10 -28.27
CA LEU C 9 -7.30 -0.86 -28.24
C LEU C 9 -7.83 -0.88 -26.80
N ALA C 10 -9.02 -0.30 -26.63
CA ALA C 10 -9.61 -0.13 -25.30
C ALA C 10 -11.04 -0.63 -25.13
N GLY C 11 -11.32 -1.78 -25.71
CA GLY C 11 -12.64 -2.35 -25.57
C GLY C 11 -12.57 -3.58 -24.70
N GLY C 12 -13.16 -4.67 -25.18
CA GLY C 12 -13.14 -5.91 -24.43
C GLY C 12 -14.26 -5.94 -23.41
N THR C 15 -15.21 -11.29 -17.65
CA THR C 15 -14.22 -10.46 -16.98
C THR C 15 -13.86 -10.84 -15.55
N ARG C 16 -12.57 -11.11 -15.41
CA ARG C 16 -11.93 -11.48 -14.17
C ARG C 16 -12.05 -10.37 -13.15
N LEU C 17 -12.34 -9.14 -13.60
CA LEU C 17 -12.42 -8.03 -12.66
C LEU C 17 -13.82 -7.76 -12.12
N TYR C 18 -14.79 -8.59 -12.50
CA TYR C 18 -16.16 -8.45 -12.00
C TYR C 18 -16.16 -8.31 -10.46
N PRO C 19 -17.00 -7.43 -9.89
CA PRO C 19 -17.97 -6.57 -10.58
C PRO C 19 -17.50 -5.14 -10.93
N ILE C 20 -16.22 -4.82 -10.73
CA ILE C 20 -15.82 -3.44 -11.01
C ILE C 20 -15.83 -3.10 -12.49
N THR C 21 -15.89 -4.11 -13.37
CA THR C 21 -15.96 -3.81 -14.79
C THR C 21 -17.36 -4.04 -15.35
N ARG C 22 -18.32 -4.27 -14.47
CA ARG C 22 -19.67 -4.51 -14.97
C ARG C 22 -20.24 -3.27 -15.62
N ALA C 23 -19.99 -2.10 -15.03
CA ALA C 23 -20.49 -0.85 -15.59
C ALA C 23 -19.37 0.15 -15.88
N VAL C 24 -18.10 -0.27 -15.70
CA VAL C 24 -16.98 0.64 -16.00
C VAL C 24 -15.99 -0.07 -16.90
N SER C 25 -15.68 0.55 -18.03
CA SER C 25 -14.71 -0.04 -18.95
C SER C 25 -13.40 -0.26 -18.19
N LYS C 26 -12.77 -1.42 -18.40
CA LYS C 26 -11.52 -1.70 -17.71
C LYS C 26 -10.51 -0.58 -17.89
N GLN C 27 -10.38 -0.04 -19.11
CA GLN C 27 -9.39 0.98 -19.33
C GLN C 27 -9.75 2.38 -18.85
N LEU C 28 -10.90 2.52 -18.16
CA LEU C 28 -11.21 3.80 -17.54
C LEU C 28 -11.00 3.66 -16.02
N LEU C 29 -10.68 2.44 -15.54
CA LEU C 29 -10.43 2.26 -14.10
C LEU C 29 -9.20 3.11 -13.74
N PRO C 30 -9.21 3.68 -12.54
CA PRO C 30 -8.07 4.51 -12.16
C PRO C 30 -6.80 3.76 -11.81
N ILE C 31 -5.67 4.34 -12.19
CA ILE C 31 -4.35 3.82 -11.73
C ILE C 31 -3.89 5.04 -10.94
N TYR C 32 -4.19 4.98 -9.65
CA TYR C 32 -3.98 6.03 -8.65
C TYR C 32 -4.79 7.32 -8.90
N ASP C 33 -4.30 8.18 -9.79
CA ASP C 33 -4.96 9.48 -10.01
C ASP C 33 -5.33 9.77 -11.46
N LYS C 34 -5.21 8.78 -12.35
CA LYS C 34 -5.53 8.98 -13.76
C LYS C 34 -6.16 7.69 -14.33
N PRO C 35 -7.06 7.84 -15.32
CA PRO C 35 -7.70 6.67 -15.94
C PRO C 35 -6.58 5.81 -16.55
N MET C 36 -6.75 4.50 -16.52
CA MET C 36 -5.76 3.56 -17.05
C MET C 36 -5.28 3.93 -18.45
N ILE C 37 -6.22 4.34 -19.30
CA ILE C 37 -5.83 4.62 -20.67
C ILE C 37 -4.84 5.77 -20.83
N TYR C 38 -4.73 6.66 -19.86
CA TYR C 38 -3.73 7.72 -19.99
C TYR C 38 -2.33 7.12 -20.10
N TYR C 39 -2.11 5.97 -19.47
CA TYR C 39 -0.75 5.41 -19.46
C TYR C 39 -0.29 4.92 -20.85
N PRO C 40 -1.08 4.05 -21.53
CA PRO C 40 -0.58 3.66 -22.86
C PRO C 40 -0.65 4.90 -23.81
N LEU C 41 -1.59 5.82 -23.56
CA LEU C 41 -1.61 7.02 -24.41
C LEU C 41 -0.30 7.79 -24.26
N SER C 42 0.22 7.89 -23.03
CA SER C 42 1.46 8.63 -22.82
C SER C 42 2.60 7.99 -23.58
N VAL C 43 2.56 6.67 -23.72
CA VAL C 43 3.62 5.95 -24.45
C VAL C 43 3.59 6.34 -25.92
N LEU C 44 2.41 6.38 -26.52
CA LEU C 44 2.32 6.80 -27.93
C LEU C 44 2.84 8.24 -28.04
N MET C 45 2.47 9.11 -27.11
CA MET C 45 2.92 10.50 -27.17
C MET C 45 4.43 10.66 -26.97
N LEU C 46 5.01 9.84 -26.09
CA LEU C 46 6.44 9.88 -25.85
C LEU C 46 7.19 9.37 -27.09
N ALA C 47 6.51 8.54 -27.90
CA ALA C 47 7.09 8.01 -29.14
C ALA C 47 6.92 9.02 -30.28
N GLY C 48 6.29 10.16 -29.95
CA GLY C 48 6.07 11.25 -30.90
C GLY C 48 4.82 11.21 -31.78
N ILE C 49 3.90 10.30 -31.47
CA ILE C 49 2.69 10.12 -32.25
C ILE C 49 1.59 11.11 -31.86
N ARG C 50 1.06 11.82 -32.85
CA ARG C 50 0.05 12.85 -32.61
C ARG C 50 -1.31 12.59 -33.26
N ASP C 51 -1.47 11.48 -33.96
CA ASP C 51 -2.73 11.13 -34.65
C ASP C 51 -3.07 9.76 -34.12
N ILE C 52 -4.02 9.72 -33.19
CA ILE C 52 -4.35 8.50 -32.52
C ILE C 52 -5.80 8.08 -32.58
N LEU C 53 -6.01 6.79 -32.82
CA LEU C 53 -7.34 6.21 -32.86
C LEU C 53 -7.64 5.42 -31.59
N ILE C 54 -8.79 5.70 -31.00
CA ILE C 54 -9.26 4.98 -29.81
C ILE C 54 -10.33 4.00 -30.23
N ILE C 55 -10.16 2.73 -29.90
CA ILE C 55 -11.14 1.72 -30.23
C ILE C 55 -11.75 1.18 -28.94
N SER C 56 -13.09 1.07 -28.90
CA SER C 56 -13.74 0.53 -27.72
C SER C 56 -15.14 0.05 -28.08
N THR C 57 -15.88 -0.42 -27.08
CA THR C 57 -17.22 -0.96 -27.27
C THR C 57 -18.26 0.13 -27.51
N PRO C 58 -19.45 -0.25 -28.00
CA PRO C 58 -20.48 0.75 -28.25
C PRO C 58 -20.89 1.46 -26.97
N ARG C 59 -20.91 0.76 -25.84
CA ARG C 59 -21.30 1.41 -24.58
C ARG C 59 -20.27 2.40 -24.06
N ASP C 60 -18.99 2.03 -24.23
CA ASP C 60 -17.92 2.82 -23.67
C ASP C 60 -17.22 3.85 -24.52
N LEU C 61 -17.27 3.70 -25.84
CA LEU C 61 -16.60 4.66 -26.70
C LEU C 61 -17.07 6.10 -26.43
N PRO C 62 -18.39 6.34 -26.16
CA PRO C 62 -18.76 7.75 -25.90
C PRO C 62 -18.07 8.27 -24.62
N LEU C 63 -17.81 7.38 -23.68
CA LEU C 63 -17.15 7.78 -22.43
C LEU C 63 -15.68 8.12 -22.70
N TYR C 64 -15.06 7.36 -23.59
CA TYR C 64 -13.68 7.69 -23.93
C TYR C 64 -13.68 9.08 -24.60
N ARG C 65 -14.70 9.38 -25.40
CA ARG C 65 -14.76 10.72 -26.01
C ARG C 65 -14.98 11.78 -24.91
N ASP C 66 -15.80 11.47 -23.92
CA ASP C 66 -16.03 12.41 -22.84
C ASP C 66 -14.69 12.75 -22.16
N LEU C 67 -13.86 11.73 -21.99
CA LEU C 67 -12.57 11.94 -21.35
C LEU C 67 -11.54 12.67 -22.21
N LEU C 68 -11.40 12.21 -23.45
CA LEU C 68 -10.37 12.69 -24.35
C LEU C 68 -10.68 13.78 -25.38
N GLY C 69 -11.95 13.90 -25.73
CA GLY C 69 -12.31 14.92 -26.72
C GLY C 69 -11.60 14.74 -28.07
N ASP C 70 -11.37 15.85 -28.77
CA ASP C 70 -10.71 15.78 -30.08
C ASP C 70 -9.17 15.75 -30.02
N GLY C 71 -8.64 15.84 -28.81
CA GLY C 71 -7.19 15.79 -28.64
C GLY C 71 -6.47 17.11 -28.73
N SER C 72 -7.19 18.16 -29.14
CA SER C 72 -6.57 19.47 -29.29
C SER C 72 -5.97 20.04 -28.02
N GLN C 73 -6.49 19.63 -26.86
CA GLN C 73 -5.95 20.15 -25.60
C GLN C 73 -4.52 19.64 -25.40
N PHE C 74 -4.15 18.58 -26.11
CA PHE C 74 -2.79 17.98 -26.03
C PHE C 74 -2.03 18.16 -27.34
N GLY C 75 -2.53 18.99 -28.25
CA GLY C 75 -1.84 19.15 -29.51
C GLY C 75 -1.82 17.89 -30.35
N VAL C 76 -2.79 17.00 -30.14
CA VAL C 76 -2.88 15.77 -30.91
C VAL C 76 -4.29 15.70 -31.49
N ARG C 77 -4.53 14.68 -32.30
CA ARG C 77 -5.85 14.45 -32.89
C ARG C 77 -6.30 13.06 -32.48
N PHE C 78 -7.48 12.97 -31.88
CA PHE C 78 -8.07 11.68 -31.49
C PHE C 78 -9.25 11.37 -32.43
N SER C 79 -9.34 10.12 -32.85
CA SER C 79 -10.46 9.64 -33.67
C SER C 79 -10.99 8.47 -32.87
N TYR C 80 -12.21 8.04 -33.18
CA TYR C 80 -12.84 6.95 -32.47
C TYR C 80 -13.56 5.97 -33.37
N ARG C 81 -13.37 4.69 -33.11
CA ARG C 81 -14.05 3.64 -33.85
C ARG C 81 -14.51 2.55 -32.91
N VAL C 82 -15.71 2.03 -33.20
N VAL C 82 -15.70 2.03 -33.20
CA VAL C 82 -16.27 0.97 -32.38
CA VAL C 82 -16.29 1.00 -32.39
C VAL C 82 -15.81 -0.41 -32.81
C VAL C 82 -15.86 -0.41 -32.81
N GLN C 83 -15.78 -1.32 -31.86
CA GLN C 83 -15.44 -2.69 -32.13
C GLN C 83 -16.69 -3.33 -31.53
N GLU C 84 -17.60 -3.76 -32.40
CA GLU C 84 -18.87 -4.36 -31.96
C GLU C 84 -18.69 -5.54 -31.02
N GLU C 85 -17.64 -6.33 -31.25
CA GLU C 85 -17.33 -7.49 -30.42
C GLU C 85 -15.80 -7.65 -30.34
N PRO C 86 -15.29 -8.16 -29.21
CA PRO C 86 -13.84 -8.35 -29.06
C PRO C 86 -13.39 -9.52 -29.94
N ARG C 87 -13.12 -9.22 -31.22
CA ARG C 87 -12.73 -10.23 -32.21
C ARG C 87 -11.24 -10.57 -32.29
N GLY C 88 -10.45 -10.12 -31.31
CA GLY C 88 -9.01 -10.39 -31.35
C GLY C 88 -8.25 -9.09 -31.53
N ILE C 89 -7.02 -9.07 -31.04
CA ILE C 89 -6.23 -7.83 -31.14
C ILE C 89 -5.93 -7.38 -32.57
N ALA C 90 -5.75 -8.33 -33.49
CA ALA C 90 -5.46 -8.00 -34.87
C ALA C 90 -6.65 -7.28 -35.54
N ASP C 91 -7.86 -7.47 -34.99
CA ASP C 91 -9.04 -6.78 -35.54
C ASP C 91 -8.87 -5.25 -35.52
N ALA C 92 -7.93 -4.76 -34.72
CA ALA C 92 -7.66 -3.32 -34.67
C ALA C 92 -7.28 -2.79 -36.05
N PHE C 93 -6.61 -3.63 -36.85
CA PHE C 93 -6.19 -3.20 -38.18
C PHE C 93 -7.29 -3.31 -39.22
N ILE C 94 -8.36 -4.03 -38.86
CA ILE C 94 -9.52 -4.14 -39.74
C ILE C 94 -10.39 -2.91 -39.44
N VAL C 95 -10.72 -2.72 -38.17
CA VAL C 95 -11.52 -1.56 -37.75
C VAL C 95 -10.83 -0.25 -38.11
N GLY C 96 -9.52 -0.21 -37.92
CA GLY C 96 -8.76 1.00 -38.19
C GLY C 96 -8.16 1.15 -39.59
N LYS C 97 -8.55 0.29 -40.52
CA LYS C 97 -8.03 0.35 -41.89
C LYS C 97 -8.08 1.75 -42.48
N ASP C 98 -9.26 2.38 -42.50
CA ASP C 98 -9.39 3.74 -43.05
C ASP C 98 -8.54 4.75 -42.32
N PHE C 99 -8.53 4.66 -40.98
CA PHE C 99 -7.75 5.57 -40.18
C PHE C 99 -6.26 5.49 -40.53
N ILE C 100 -5.76 4.26 -40.64
CA ILE C 100 -4.35 4.02 -40.94
C ILE C 100 -3.93 4.59 -42.30
N GLY C 101 -4.80 4.43 -43.31
CA GLY C 101 -4.46 4.93 -44.62
C GLY C 101 -3.17 4.25 -45.09
N ASP C 102 -2.24 5.05 -45.59
CA ASP C 102 -0.96 4.53 -46.09
C ASP C 102 0.17 4.65 -45.06
N SER C 103 -0.18 5.05 -43.84
CA SER C 103 0.81 5.26 -42.79
C SER C 103 1.30 4.05 -42.02
N LYS C 104 2.43 4.23 -41.34
CA LYS C 104 2.96 3.20 -40.48
C LYS C 104 2.07 3.41 -39.25
N VAL C 105 2.06 2.46 -38.34
CA VAL C 105 1.20 2.61 -37.18
C VAL C 105 1.69 1.80 -35.98
N ALA C 106 1.52 2.38 -34.80
CA ALA C 106 1.86 1.73 -33.54
C ALA C 106 0.54 1.36 -32.85
N LEU C 107 0.50 0.16 -32.29
CA LEU C 107 -0.69 -0.31 -31.58
C LEU C 107 -0.31 -0.57 -30.14
N VAL C 108 -1.10 -0.05 -29.21
CA VAL C 108 -0.84 -0.36 -27.83
C VAL C 108 -2.18 -0.77 -27.19
N LEU C 109 -2.13 -1.74 -26.28
CA LEU C 109 -3.34 -2.20 -25.59
C LEU C 109 -3.64 -1.13 -24.54
N GLY C 110 -4.92 -0.82 -24.40
CA GLY C 110 -5.34 0.22 -23.46
C GLY C 110 -5.15 -0.12 -22.00
N ASP C 111 -4.87 -1.38 -21.69
CA ASP C 111 -4.66 -1.77 -20.31
C ASP C 111 -3.16 -1.96 -19.98
N ASN C 112 -2.27 -1.62 -20.91
CA ASN C 112 -0.81 -1.78 -20.65
C ASN C 112 -0.18 -0.52 -20.03
N VAL C 113 0.37 -0.72 -18.82
CA VAL C 113 0.99 0.34 -18.05
C VAL C 113 2.47 0.02 -17.85
N PHE C 114 3.33 0.84 -18.45
CA PHE C 114 4.80 0.64 -18.33
C PHE C 114 5.47 1.83 -17.65
N TYR C 115 6.61 1.59 -16.99
CA TYR C 115 7.36 2.67 -16.37
C TYR C 115 8.82 2.27 -16.21
N GLY C 116 9.71 3.20 -16.55
CA GLY C 116 11.13 2.94 -16.32
C GLY C 116 12.04 4.04 -16.83
N HIS C 117 13.27 4.07 -16.28
CA HIS C 117 14.27 5.05 -16.70
C HIS C 117 14.73 4.67 -18.12
N ARG C 118 14.97 5.69 -18.94
CA ARG C 118 15.41 5.53 -20.32
C ARG C 118 14.49 4.67 -21.21
N PHE C 119 13.19 4.95 -21.10
CA PHE C 119 12.18 4.25 -21.88
C PHE C 119 11.92 5.05 -23.18
N SER C 120 11.89 6.37 -23.11
CA SER C 120 11.65 7.19 -24.30
C SER C 120 12.59 6.89 -25.47
N GLU C 121 13.88 6.70 -25.19
CA GLU C 121 14.79 6.46 -26.29
C GLU C 121 14.45 5.15 -27.02
N ILE C 122 13.95 4.16 -26.30
CA ILE C 122 13.57 2.89 -26.90
C ILE C 122 12.32 3.09 -27.75
N LEU C 123 11.37 3.89 -27.24
CA LEU C 123 10.13 4.15 -27.98
C LEU C 123 10.41 4.93 -29.25
N ARG C 124 11.26 5.96 -29.12
CA ARG C 124 11.59 6.80 -30.27
C ARG C 124 12.32 5.98 -31.34
N ARG C 125 13.14 5.02 -30.91
CA ARG C 125 13.84 4.19 -31.89
C ARG C 125 12.82 3.30 -32.60
N ALA C 126 11.94 2.67 -31.85
CA ALA C 126 10.90 1.81 -32.42
C ALA C 126 10.04 2.59 -33.42
N ALA C 127 9.76 3.84 -33.10
CA ALA C 127 8.92 4.69 -33.94
C ALA C 127 9.63 5.08 -35.24
N SER C 128 10.95 4.89 -35.27
CA SER C 128 11.73 5.25 -36.46
C SER C 128 11.90 4.09 -37.43
N LEU C 129 11.21 2.98 -37.20
CA LEU C 129 11.38 1.83 -38.11
C LEU C 129 11.13 2.24 -39.56
N GLU C 130 11.93 1.69 -40.46
CA GLU C 130 11.80 2.01 -41.88
C GLU C 130 10.92 0.99 -42.56
N ASP C 131 10.96 -0.25 -42.08
CA ASP C 131 10.11 -1.30 -42.63
C ASP C 131 10.04 -2.47 -41.68
N GLY C 132 9.09 -3.38 -41.92
CA GLY C 132 8.92 -4.54 -41.08
C GLY C 132 8.13 -4.17 -39.84
N ALA C 133 8.39 -4.86 -38.75
CA ALA C 133 7.69 -4.60 -37.49
C ALA C 133 8.65 -4.64 -36.30
N VAL C 134 8.25 -3.99 -35.20
CA VAL C 134 9.07 -4.01 -33.99
C VAL C 134 8.17 -4.36 -32.83
N ILE C 135 8.50 -5.41 -32.09
CA ILE C 135 7.71 -5.77 -30.92
C ILE C 135 8.60 -5.66 -29.69
N PHE C 136 8.04 -5.87 -28.51
CA PHE C 136 8.85 -5.70 -27.31
C PHE C 136 9.07 -6.99 -26.52
N GLY C 137 10.14 -7.01 -25.73
CA GLY C 137 10.46 -8.16 -24.92
C GLY C 137 10.71 -7.65 -23.50
N TYR C 138 9.80 -7.97 -22.58
CA TYR C 138 9.92 -7.53 -21.17
C TYR C 138 10.62 -8.65 -20.37
N TYR C 139 11.73 -8.30 -19.74
CA TYR C 139 12.52 -9.24 -18.97
C TYR C 139 11.83 -9.64 -17.67
N VAL C 140 11.64 -10.93 -17.47
CA VAL C 140 11.04 -11.45 -16.24
C VAL C 140 11.73 -12.72 -15.81
N ARG C 141 11.60 -13.05 -14.54
CA ARG C 141 12.21 -14.25 -13.98
C ARG C 141 11.47 -15.52 -14.38
N ASP C 142 10.14 -15.46 -14.47
CA ASP C 142 9.35 -16.63 -14.87
C ASP C 142 8.44 -16.19 -16.02
N PRO C 143 8.85 -16.49 -17.25
CA PRO C 143 8.10 -16.10 -18.44
C PRO C 143 6.97 -17.02 -18.90
N ARG C 144 6.77 -18.13 -18.19
CA ARG C 144 5.75 -19.10 -18.59
C ARG C 144 4.30 -18.64 -18.71
N PRO C 145 3.87 -17.67 -17.89
CA PRO C 145 2.47 -17.24 -18.02
C PRO C 145 2.17 -16.37 -19.24
N PHE C 146 3.19 -16.06 -20.03
CA PHE C 146 3.06 -15.16 -21.18
C PHE C 146 3.45 -15.69 -22.55
N GLY C 147 3.36 -14.78 -23.53
CA GLY C 147 3.81 -15.08 -24.87
C GLY C 147 5.31 -14.81 -24.70
N VAL C 148 6.15 -15.74 -25.15
CA VAL C 148 7.61 -15.60 -24.98
C VAL C 148 8.29 -15.35 -26.32
N VAL C 149 9.10 -14.29 -26.38
CA VAL C 149 9.78 -13.92 -27.62
C VAL C 149 11.25 -14.30 -27.59
N GLU C 150 11.68 -15.11 -28.55
CA GLU C 150 13.09 -15.53 -28.64
C GLU C 150 13.74 -14.75 -29.77
N PHE C 151 14.96 -14.28 -29.55
CA PHE C 151 15.62 -13.45 -30.57
C PHE C 151 17.11 -13.68 -30.60
N ASP C 152 17.74 -13.31 -31.72
CA ASP C 152 19.18 -13.48 -31.82
C ASP C 152 19.88 -12.29 -31.18
N SER C 153 21.20 -12.39 -31.09
N SER C 153 21.20 -12.38 -31.04
CA SER C 153 22.01 -11.36 -30.46
CA SER C 153 21.94 -11.31 -30.38
C SER C 153 21.94 -9.99 -31.11
C SER C 153 21.84 -9.96 -31.04
N GLU C 154 21.20 -9.88 -32.20
CA GLU C 154 21.05 -8.60 -32.88
C GLU C 154 19.61 -8.03 -32.87
N GLY C 155 18.71 -8.72 -32.17
CA GLY C 155 17.35 -8.21 -32.10
C GLY C 155 16.37 -8.78 -33.12
N ARG C 156 16.82 -9.71 -33.96
CA ARG C 156 15.92 -10.34 -34.91
C ARG C 156 15.16 -11.44 -34.20
N VAL C 157 13.84 -11.41 -34.32
CA VAL C 157 12.99 -12.41 -33.68
C VAL C 157 13.00 -13.73 -34.43
N ILE C 158 13.16 -14.82 -33.69
N ILE C 158 13.14 -14.85 -33.72
CA ILE C 158 13.22 -16.16 -34.28
CA ILE C 158 13.13 -16.13 -34.39
C ILE C 158 12.00 -17.00 -33.93
C ILE C 158 11.97 -17.01 -33.96
N SER C 159 11.36 -16.68 -32.82
CA SER C 159 10.20 -17.43 -32.39
C SER C 159 9.41 -16.70 -31.32
N ILE C 160 8.12 -17.02 -31.26
CA ILE C 160 7.20 -16.46 -30.27
C ILE C 160 6.32 -17.63 -29.86
N GLU C 161 6.37 -17.99 -28.59
CA GLU C 161 5.59 -19.11 -28.11
C GLU C 161 4.65 -18.68 -27.00
N GLU C 162 3.44 -19.21 -27.04
CA GLU C 162 2.45 -18.89 -26.03
C GLU C 162 2.52 -19.81 -24.83
N LYS C 163 2.82 -19.22 -23.67
CA LYS C 163 2.89 -19.96 -22.41
C LYS C 163 3.66 -21.29 -22.48
N PRO C 164 4.92 -21.24 -22.95
CA PRO C 164 5.73 -22.46 -23.04
C PRO C 164 6.09 -23.01 -21.67
N SER C 165 6.10 -24.34 -21.53
CA SER C 165 6.48 -24.91 -20.25
C SER C 165 8.01 -24.94 -20.22
N ARG C 166 8.61 -24.78 -21.40
CA ARG C 166 10.07 -24.74 -21.55
C ARG C 166 10.41 -23.49 -22.35
N PRO C 167 10.33 -22.32 -21.70
CA PRO C 167 10.62 -21.08 -22.40
C PRO C 167 12.01 -20.98 -23.03
N LYS C 168 12.05 -20.40 -24.21
CA LYS C 168 13.28 -20.24 -24.96
C LYS C 168 13.96 -18.92 -24.64
N SER C 169 13.37 -18.14 -23.74
CA SER C 169 13.99 -16.87 -23.30
C SER C 169 13.26 -16.39 -22.06
N ASN C 170 13.74 -15.28 -21.49
CA ASN C 170 13.09 -14.72 -20.32
C ASN C 170 12.44 -13.39 -20.67
N TYR C 171 12.14 -13.21 -21.96
CA TYR C 171 11.51 -11.98 -22.40
C TYR C 171 10.09 -12.28 -22.88
N VAL C 172 9.13 -11.53 -22.35
CA VAL C 172 7.73 -11.76 -22.72
C VAL C 172 7.17 -10.60 -23.52
N VAL C 173 6.13 -10.88 -24.28
CA VAL C 173 5.56 -9.90 -25.17
C VAL C 173 4.39 -9.13 -24.59
N PRO C 174 4.59 -7.82 -24.33
CA PRO C 174 3.51 -6.99 -23.78
C PRO C 174 2.71 -6.45 -24.99
N GLY C 175 1.63 -5.73 -24.73
CA GLY C 175 0.81 -5.22 -25.83
C GLY C 175 1.25 -3.88 -26.42
N LEU C 176 2.40 -3.87 -27.08
CA LEU C 176 2.92 -2.66 -27.67
C LEU C 176 3.62 -3.13 -28.92
N TYR C 177 3.18 -2.61 -30.07
CA TYR C 177 3.75 -3.06 -31.34
C TYR C 177 3.87 -1.89 -32.34
N PHE C 178 4.93 -1.88 -33.14
CA PHE C 178 5.10 -0.83 -34.14
C PHE C 178 5.19 -1.51 -35.50
N TYR C 179 4.45 -0.98 -36.46
CA TYR C 179 4.38 -1.61 -37.79
C TYR C 179 4.53 -0.68 -38.97
N ASP C 180 5.01 -1.23 -40.10
CA ASP C 180 5.06 -0.42 -41.30
C ASP C 180 3.63 -0.58 -41.89
N ASN C 181 3.34 0.08 -43.00
CA ASN C 181 2.00 -0.02 -43.59
C ASN C 181 1.54 -1.40 -44.06
N GLN C 182 2.42 -2.41 -44.06
CA GLN C 182 2.02 -3.75 -44.54
C GLN C 182 1.05 -4.47 -43.62
N VAL C 183 1.02 -4.08 -42.36
CA VAL C 183 0.16 -4.74 -41.38
C VAL C 183 -1.31 -4.76 -41.75
N VAL C 184 -1.77 -3.73 -42.47
CA VAL C 184 -3.19 -3.68 -42.84
C VAL C 184 -3.60 -4.93 -43.64
N GLU C 185 -2.89 -5.17 -44.74
CA GLU C 185 -3.18 -6.31 -45.59
C GLU C 185 -2.81 -7.63 -44.92
N ILE C 186 -1.74 -7.64 -44.12
CA ILE C 186 -1.36 -8.85 -43.43
C ILE C 186 -2.52 -9.24 -42.53
N ALA C 187 -3.07 -8.26 -41.83
CA ALA C 187 -4.18 -8.54 -40.92
C ALA C 187 -5.39 -9.05 -41.69
N ARG C 188 -5.61 -8.50 -42.88
CA ARG C 188 -6.76 -8.92 -43.69
C ARG C 188 -6.65 -10.39 -44.10
N ARG C 189 -5.43 -10.82 -44.43
CA ARG C 189 -5.22 -12.19 -44.88
C ARG C 189 -4.99 -13.27 -43.84
N ILE C 190 -4.67 -12.93 -42.60
CA ILE C 190 -4.43 -13.97 -41.60
C ILE C 190 -5.66 -14.84 -41.38
N GLU C 191 -5.44 -16.05 -40.90
CA GLU C 191 -6.53 -16.97 -40.63
C GLU C 191 -6.97 -16.88 -39.18
N PRO C 192 -8.29 -16.80 -38.95
CA PRO C 192 -8.84 -16.71 -37.59
C PRO C 192 -8.48 -17.97 -36.79
N SER C 193 -8.44 -17.86 -35.47
CA SER C 193 -8.12 -19.02 -34.65
C SER C 193 -9.28 -20.00 -34.79
N ASP C 194 -9.13 -21.20 -34.23
CA ASP C 194 -10.21 -22.19 -34.30
C ASP C 194 -11.41 -21.60 -33.56
N ARG C 195 -11.12 -20.90 -32.46
CA ARG C 195 -12.15 -20.27 -31.65
C ARG C 195 -12.76 -19.05 -32.37
N GLY C 196 -12.18 -18.67 -33.49
CA GLY C 196 -12.70 -17.53 -34.24
C GLY C 196 -12.26 -16.20 -33.65
N GLU C 197 -11.09 -15.71 -34.09
CA GLU C 197 -10.57 -14.44 -33.62
C GLU C 197 -9.28 -14.13 -34.37
N LEU C 198 -9.06 -12.85 -34.67
CA LEU C 198 -7.87 -12.43 -35.38
C LEU C 198 -6.78 -12.11 -34.37
N GLU C 199 -5.87 -13.07 -34.19
CA GLU C 199 -4.78 -12.95 -33.23
C GLU C 199 -3.61 -12.07 -33.68
N ILE C 200 -3.13 -11.21 -32.79
CA ILE C 200 -2.02 -10.35 -33.15
C ILE C 200 -0.77 -11.23 -33.34
N THR C 201 -0.73 -12.36 -32.64
CA THR C 201 0.41 -13.26 -32.79
C THR C 201 0.53 -13.76 -34.24
N SER C 202 -0.61 -13.89 -34.93
CA SER C 202 -0.59 -14.34 -36.32
C SER C 202 0.02 -13.26 -37.18
N VAL C 203 -0.28 -12.01 -36.88
CA VAL C 203 0.29 -10.92 -37.63
C VAL C 203 1.81 -10.90 -37.40
N ASN C 204 2.23 -11.08 -36.14
CA ASN C 204 3.65 -11.05 -35.85
C ASN C 204 4.40 -12.27 -36.41
N GLU C 205 3.74 -13.42 -36.46
CA GLU C 205 4.36 -14.62 -37.03
C GLU C 205 4.62 -14.39 -38.51
N GLU C 206 3.75 -13.63 -39.15
CA GLU C 206 3.93 -13.36 -40.58
C GLU C 206 5.18 -12.50 -40.79
N TYR C 207 5.35 -11.44 -40.01
CA TYR C 207 6.53 -10.61 -40.16
C TYR C 207 7.77 -11.44 -39.81
N LEU C 208 7.62 -12.36 -38.84
CA LEU C 208 8.72 -13.22 -38.41
C LEU C 208 9.13 -14.11 -39.58
N ARG C 209 8.15 -14.79 -40.15
CA ARG C 209 8.36 -15.68 -41.29
C ARG C 209 9.12 -14.99 -42.43
N MET C 210 8.93 -13.68 -42.58
CA MET C 210 9.60 -12.90 -43.61
C MET C 210 10.92 -12.30 -43.15
N GLY C 211 11.38 -12.67 -41.95
CA GLY C 211 12.62 -12.11 -41.44
C GLY C 211 12.55 -10.58 -41.34
N LYS C 212 11.39 -10.07 -40.94
CA LYS C 212 11.17 -8.63 -40.84
C LYS C 212 10.61 -8.25 -39.47
N LEU C 213 10.93 -9.05 -38.45
CA LEU C 213 10.44 -8.77 -37.10
C LEU C 213 11.64 -8.54 -36.17
N ARG C 214 11.73 -7.35 -35.58
CA ARG C 214 12.80 -6.98 -34.65
C ARG C 214 12.17 -6.77 -33.26
N VAL C 215 12.96 -6.89 -32.20
CA VAL C 215 12.41 -6.71 -30.84
C VAL C 215 13.23 -5.68 -30.07
N GLU C 216 12.55 -4.86 -29.26
CA GLU C 216 13.24 -3.87 -28.41
C GLU C 216 13.05 -4.43 -27.01
N LEU C 217 14.09 -4.40 -26.20
CA LEU C 217 13.97 -4.98 -24.86
C LEU C 217 13.69 -3.97 -23.78
N MET C 218 12.83 -4.38 -22.84
CA MET C 218 12.51 -3.57 -21.67
C MET C 218 13.19 -4.42 -20.57
N GLY C 219 14.41 -4.02 -20.20
CA GLY C 219 15.17 -4.80 -19.25
C GLY C 219 14.92 -4.64 -17.76
N ARG C 220 15.88 -5.12 -17.00
CA ARG C 220 15.81 -5.07 -15.57
C ARG C 220 15.67 -3.62 -15.15
N GLY C 221 14.71 -3.36 -14.28
CA GLY C 221 14.52 -1.98 -13.87
C GLY C 221 13.29 -1.38 -14.53
N MET C 222 12.80 -2.00 -15.61
CA MET C 222 11.58 -1.50 -16.28
C MET C 222 10.43 -2.24 -15.59
N ALA C 223 9.27 -1.59 -15.48
CA ALA C 223 8.12 -2.22 -14.84
C ALA C 223 6.94 -2.29 -15.80
N TRP C 224 6.28 -3.44 -15.81
CA TRP C 224 5.06 -3.63 -16.58
C TRP C 224 4.07 -4.05 -15.48
N LEU C 225 3.16 -3.15 -15.16
CA LEU C 225 2.23 -3.40 -14.07
C LEU C 225 1.10 -4.35 -14.43
N ASP C 226 0.48 -4.94 -13.42
CA ASP C 226 -0.61 -5.89 -13.62
C ASP C 226 -1.93 -5.17 -13.41
N THR C 227 -2.61 -4.86 -14.51
CA THR C 227 -3.89 -4.15 -14.40
C THR C 227 -5.05 -5.13 -14.54
N GLY C 228 -4.75 -6.42 -14.49
CA GLY C 228 -5.77 -7.44 -14.71
C GLY C 228 -6.39 -8.15 -13.51
N THR C 229 -5.91 -7.86 -12.30
CA THR C 229 -6.44 -8.45 -11.09
C THR C 229 -6.67 -7.35 -10.05
N HIS C 230 -7.49 -7.62 -9.05
CA HIS C 230 -7.73 -6.60 -8.02
C HIS C 230 -6.45 -6.29 -7.24
N ASP C 231 -5.67 -7.30 -6.89
CA ASP C 231 -4.41 -7.05 -6.16
C ASP C 231 -3.44 -6.30 -7.08
N GLY C 232 -3.43 -6.68 -8.36
CA GLY C 232 -2.56 -6.00 -9.33
C GLY C 232 -2.88 -4.50 -9.45
N LEU C 233 -4.15 -4.16 -9.52
CA LEU C 233 -4.54 -2.76 -9.65
C LEU C 233 -4.19 -1.96 -8.40
N LEU C 234 -4.37 -2.57 -7.24
CA LEU C 234 -4.03 -1.90 -5.98
C LEU C 234 -2.51 -1.64 -5.95
N GLU C 235 -1.76 -2.66 -6.31
CA GLU C 235 -0.31 -2.56 -6.35
C GLU C 235 0.13 -1.48 -7.34
N ALA C 236 -0.52 -1.48 -8.51
CA ALA C 236 -0.16 -0.49 -9.55
C ALA C 236 -0.44 0.95 -9.06
N SER C 237 -1.58 1.14 -8.40
CA SER C 237 -1.91 2.46 -7.89
C SER C 237 -0.92 2.86 -6.79
N SER C 238 -0.56 1.91 -5.94
CA SER C 238 0.40 2.23 -4.87
C SER C 238 1.78 2.61 -5.46
N PHE C 239 2.17 1.93 -6.52
CA PHE C 239 3.45 2.15 -7.17
C PHE C 239 3.50 3.55 -7.79
N ILE C 240 2.45 3.91 -8.55
CA ILE C 240 2.42 5.24 -9.14
C ILE C 240 2.41 6.30 -8.04
N GLU C 241 1.63 6.08 -6.98
CA GLU C 241 1.59 7.06 -5.90
C GLU C 241 2.99 7.31 -5.31
N THR C 242 3.71 6.22 -5.07
CA THR C 242 5.05 6.32 -4.49
C THR C 242 6.02 7.09 -5.38
N ILE C 243 6.05 6.74 -6.66
CA ILE C 243 6.94 7.38 -7.65
C ILE C 243 6.61 8.87 -7.78
N GLN C 244 5.32 9.17 -7.79
CA GLN C 244 4.91 10.56 -7.92
C GLN C 244 5.27 11.37 -6.72
N LYS C 245 5.16 10.76 -5.55
CA LYS C 245 5.52 11.45 -4.33
C LYS C 245 7.03 11.66 -4.22
N ARG C 246 7.80 10.61 -4.48
CA ARG C 246 9.24 10.71 -4.26
C ARG C 246 10.02 11.42 -5.34
N GLN C 247 9.71 11.17 -6.61
CA GLN C 247 10.42 11.89 -7.65
C GLN C 247 9.65 13.19 -7.99
N GLY C 248 8.36 13.26 -7.61
CA GLY C 248 7.61 14.49 -7.76
C GLY C 248 6.88 14.71 -9.08
N PHE C 249 7.33 14.06 -10.13
CA PHE C 249 6.70 14.21 -11.43
C PHE C 249 5.60 13.22 -11.62
N TYR C 250 4.57 13.66 -12.32
CA TYR C 250 3.46 12.74 -12.62
C TYR C 250 3.85 11.78 -13.73
N ILE C 251 3.24 10.60 -13.69
N ILE C 251 3.28 10.58 -13.68
CA ILE C 251 3.46 9.57 -14.69
CA ILE C 251 3.51 9.60 -14.73
C ILE C 251 2.22 9.65 -15.61
C ILE C 251 2.25 9.70 -15.60
N ALA C 252 2.45 9.87 -16.90
CA ALA C 252 1.36 9.96 -17.88
C ALA C 252 0.47 11.19 -17.75
N CYS C 253 1.06 12.31 -17.36
CA CYS C 253 0.29 13.56 -17.36
C CYS C 253 0.42 13.94 -18.86
N LEU C 254 -0.65 13.74 -19.64
CA LEU C 254 -0.58 13.99 -21.08
C LEU C 254 -0.31 15.47 -21.44
N GLU C 255 -0.82 16.40 -20.63
CA GLU C 255 -0.57 17.82 -20.87
C GLU C 255 0.92 18.12 -20.78
N GLU C 256 1.57 17.52 -19.79
CA GLU C 256 3.00 17.72 -19.59
C GLU C 256 3.82 17.24 -20.78
N ILE C 257 3.52 16.03 -21.25
CA ILE C 257 4.21 15.45 -22.38
C ILE C 257 4.01 16.31 -23.62
N ALA C 258 2.76 16.74 -23.85
CA ALA C 258 2.46 17.60 -25.02
C ALA C 258 3.23 18.92 -24.95
N TYR C 259 3.17 19.58 -23.79
CA TYR C 259 3.84 20.85 -23.58
C TYR C 259 5.35 20.72 -23.78
N ASN C 260 5.95 19.69 -23.20
CA ASN C 260 7.38 19.52 -23.33
C ASN C 260 7.79 19.12 -24.73
N ASN C 261 6.87 18.55 -25.50
CA ASN C 261 7.16 18.17 -26.87
C ASN C 261 6.96 19.40 -27.77
N GLY C 262 6.47 20.48 -27.19
CA GLY C 262 6.21 21.71 -27.96
C GLY C 262 4.91 21.70 -28.76
N TRP C 263 4.00 20.80 -28.41
CA TRP C 263 2.72 20.64 -29.12
C TRP C 263 1.64 21.58 -28.61
N ILE C 264 1.84 22.15 -27.43
CA ILE C 264 0.90 23.11 -26.87
C ILE C 264 1.71 24.22 -26.22
N THR C 265 1.08 25.37 -26.05
CA THR C 265 1.76 26.52 -25.47
C THR C 265 1.69 26.60 -23.96
N ARG C 266 2.54 27.45 -23.39
CA ARG C 266 2.54 27.67 -21.96
C ARG C 266 1.20 28.25 -21.57
N GLU C 267 0.64 29.14 -22.41
CA GLU C 267 -0.66 29.74 -22.12
C GLU C 267 -1.76 28.64 -22.13
N ASP C 268 -1.63 27.68 -23.03
CA ASP C 268 -2.58 26.55 -23.12
C ASP C 268 -2.59 25.82 -21.77
N VAL C 269 -1.41 25.60 -21.21
CA VAL C 269 -1.29 24.92 -19.92
C VAL C 269 -1.88 25.78 -18.82
N LEU C 270 -1.57 27.08 -18.84
CA LEU C 270 -2.09 27.99 -17.83
C LEU C 270 -3.62 27.99 -17.78
N GLU C 271 -4.23 27.91 -18.95
CA GLU C 271 -5.67 27.93 -19.07
C GLU C 271 -6.30 26.62 -18.62
N MET C 272 -5.60 25.51 -18.82
CA MET C 272 -6.15 24.24 -18.36
C MET C 272 -6.03 24.23 -16.85
N ALA C 273 -4.92 24.75 -16.32
CA ALA C 273 -4.73 24.80 -14.88
C ALA C 273 -5.82 25.65 -14.21
N GLU C 274 -6.15 26.77 -14.85
CA GLU C 274 -7.16 27.67 -14.30
C GLU C 274 -8.53 27.01 -14.20
N LYS C 275 -8.86 26.17 -15.16
CA LYS C 275 -10.14 25.47 -15.13
C LYS C 275 -10.19 24.40 -14.02
N LEU C 276 -9.01 24.02 -13.51
CA LEU C 276 -8.89 22.99 -12.47
C LEU C 276 -8.24 23.53 -11.20
N GLU C 277 -8.39 24.83 -10.96
CA GLU C 277 -7.78 25.51 -9.82
C GLU C 277 -7.75 24.84 -8.43
N LYS C 278 -8.88 24.32 -7.99
CA LYS C 278 -8.88 23.74 -6.66
C LYS C 278 -8.49 22.27 -6.58
N THR C 279 -8.00 21.70 -7.68
CA THR C 279 -7.61 20.28 -7.72
C THR C 279 -6.10 20.03 -7.73
N ASP C 280 -5.70 18.84 -7.30
CA ASP C 280 -4.28 18.50 -7.30
C ASP C 280 -3.72 18.53 -8.70
N TYR C 281 -4.46 17.95 -9.64
CA TYR C 281 -4.03 17.90 -11.03
C TYR C 281 -3.87 19.34 -11.56
N GLY C 282 -4.80 20.22 -11.20
CA GLY C 282 -4.70 21.59 -11.67
C GLY C 282 -3.45 22.29 -11.16
N LYS C 283 -3.11 22.08 -9.89
CA LYS C 283 -1.92 22.70 -9.31
C LYS C 283 -0.65 22.16 -9.99
N TYR C 284 -0.67 20.88 -10.37
CA TYR C 284 0.48 20.29 -11.08
C TYR C 284 0.64 21.03 -12.41
N LEU C 285 -0.48 21.26 -13.10
CA LEU C 285 -0.40 21.99 -14.38
C LEU C 285 0.07 23.43 -14.18
N ARG C 286 -0.38 24.08 -13.11
CA ARG C 286 0.04 25.45 -12.84
C ARG C 286 1.56 25.49 -12.62
N ASP C 287 2.10 24.52 -11.87
CA ASP C 287 3.55 24.46 -11.62
C ASP C 287 4.32 24.20 -12.91
N LEU C 288 3.75 23.38 -13.78
CA LEU C 288 4.36 23.04 -15.06
C LEU C 288 4.53 24.33 -15.86
N ALA C 289 3.48 25.15 -15.87
CA ALA C 289 3.51 26.43 -16.60
C ALA C 289 4.50 27.39 -15.95
N GLU C 290 4.58 27.39 -14.62
CA GLU C 290 5.49 28.27 -13.90
C GLU C 290 6.92 27.82 -14.11
N GLY C 291 7.08 26.55 -14.47
CA GLY C 291 8.43 26.05 -14.73
C GLY C 291 9.05 25.04 -13.77
N ASN C 292 8.39 24.74 -12.65
CA ASN C 292 8.95 23.79 -11.66
C ASN C 292 10.43 24.07 -11.45
N PHE C 293 10.76 25.33 -11.20
CA PHE C 293 12.13 25.78 -11.00
C PHE C 293 12.87 25.63 -12.32
N HIS C 294 13.61 24.56 -12.52
CA HIS C 294 14.32 24.42 -13.81
C HIS C 294 13.66 23.48 -14.79
N GLY C 295 12.51 22.93 -14.39
CA GLY C 295 11.75 22.08 -15.28
C GLY C 295 11.97 20.60 -15.09
N HIS D 3 -3.04 -8.81 42.16
CA HIS D 3 -3.28 -8.19 40.81
C HIS D 3 -2.87 -9.11 39.67
N MET D 4 -3.68 -9.17 38.62
CA MET D 4 -3.35 -10.04 37.51
C MET D 4 -2.08 -9.54 36.81
N LYS D 5 -1.18 -10.46 36.50
CA LYS D 5 0.06 -10.11 35.84
C LYS D 5 -0.01 -10.45 34.36
N GLY D 6 1.00 -10.04 33.61
CA GLY D 6 0.99 -10.35 32.20
C GLY D 6 2.34 -10.80 31.71
N ILE D 7 2.33 -11.61 30.66
CA ILE D 7 3.54 -12.12 30.04
C ILE D 7 3.45 -11.95 28.52
N VAL D 8 4.53 -11.45 27.93
CA VAL D 8 4.58 -11.33 26.47
C VAL D 8 5.70 -12.26 26.03
N LEU D 9 5.35 -13.26 25.24
CA LEU D 9 6.33 -14.21 24.74
C LEU D 9 6.90 -13.67 23.42
N ALA D 10 8.15 -13.23 23.43
CA ALA D 10 8.75 -12.64 22.23
C ALA D 10 10.08 -13.21 21.80
N GLY D 11 10.19 -14.54 21.81
CA GLY D 11 11.42 -15.18 21.39
C GLY D 11 11.25 -15.75 20.00
N GLY D 12 11.84 -16.91 19.76
CA GLY D 12 11.74 -17.51 18.45
C GLY D 12 12.78 -16.93 17.51
N THR D 15 12.17 -17.76 11.08
CA THR D 15 12.96 -18.15 9.92
C THR D 15 12.28 -17.86 8.58
N ARG D 16 10.94 -17.93 8.54
CA ARG D 16 10.24 -17.65 7.29
C ARG D 16 10.50 -16.24 6.80
N LEU D 17 10.86 -15.34 7.71
CA LEU D 17 11.07 -13.95 7.34
C LEU D 17 12.52 -13.65 6.95
N TYR D 18 13.38 -14.66 6.93
CA TYR D 18 14.79 -14.47 6.56
C TYR D 18 14.87 -13.66 5.24
N PRO D 19 15.80 -12.70 5.14
CA PRO D 19 16.80 -12.30 6.14
C PRO D 19 16.46 -11.14 7.06
N ILE D 20 15.23 -10.60 7.02
CA ILE D 20 14.98 -9.47 7.90
C ILE D 20 15.02 -9.86 9.37
N THR D 21 14.86 -11.15 9.68
CA THR D 21 14.96 -11.60 11.06
C THR D 21 16.33 -12.17 11.43
N ARG D 22 17.28 -12.16 10.50
CA ARG D 22 18.60 -12.71 10.81
C ARG D 22 19.28 -11.97 11.96
N ALA D 23 19.21 -10.64 11.97
CA ALA D 23 19.81 -9.86 13.06
C ALA D 23 18.80 -8.99 13.83
N VAL D 24 17.51 -9.11 13.51
CA VAL D 24 16.46 -8.33 14.19
C VAL D 24 15.36 -9.29 14.63
N SER D 25 15.05 -9.24 15.92
CA SER D 25 13.99 -10.09 16.46
C SER D 25 12.68 -9.78 15.74
N LYS D 26 11.94 -10.82 15.37
CA LYS D 26 10.66 -10.64 14.68
C LYS D 26 9.78 -9.62 15.40
N GLN D 27 9.69 -9.73 16.73
CA GLN D 27 8.79 -8.84 17.46
C GLN D 27 9.24 -7.42 17.68
N LEU D 28 10.38 -7.05 17.09
CA LEU D 28 10.85 -5.67 17.11
C LEU D 28 10.68 -5.08 15.71
N LEU D 29 10.30 -5.91 14.72
CA LEU D 29 10.08 -5.37 13.38
C LEU D 29 8.97 -4.32 13.45
N PRO D 30 9.04 -3.29 12.61
CA PRO D 30 7.98 -2.29 12.71
C PRO D 30 6.65 -2.64 12.09
N ILE D 31 5.59 -2.15 12.73
CA ILE D 31 4.24 -2.23 12.14
C ILE D 31 3.93 -0.74 12.01
N TYR D 32 4.20 -0.25 10.81
CA TYR D 32 4.09 1.16 10.42
C TYR D 32 5.02 2.11 11.22
N ASP D 33 4.62 2.52 12.41
CA ASP D 33 5.40 3.47 13.21
C ASP D 33 5.82 3.03 14.62
N LYS D 34 5.55 1.78 14.96
CA LYS D 34 5.87 1.26 16.29
C LYS D 34 6.35 -0.18 16.18
N PRO D 35 7.22 -0.61 17.11
CA PRO D 35 7.74 -1.98 17.12
C PRO D 35 6.55 -2.93 17.29
N MET D 36 6.63 -4.10 16.68
CA MET D 36 5.56 -5.08 16.74
C MET D 36 5.07 -5.33 18.17
N ILE D 37 6.01 -5.52 19.10
CA ILE D 37 5.63 -5.81 20.48
C ILE D 37 4.74 -4.75 21.16
N TYR D 38 4.74 -3.51 20.68
CA TYR D 38 3.87 -2.51 21.29
C TYR D 38 2.39 -2.92 21.18
N TYR D 39 2.04 -3.60 20.08
CA TYR D 39 0.64 -3.98 19.87
C TYR D 39 0.14 -4.99 20.91
N PRO D 40 0.83 -6.13 21.13
CA PRO D 40 0.29 -7.02 22.18
C PRO D 40 0.42 -6.37 23.58
N LEU D 41 1.48 -5.58 23.80
CA LEU D 41 1.62 -4.89 25.09
C LEU D 41 0.41 -3.97 25.35
N SER D 42 -0.07 -3.31 24.29
CA SER D 42 -1.19 -2.40 24.47
C SER D 42 -2.44 -3.19 24.86
N VAL D 43 -2.51 -4.45 24.43
CA VAL D 43 -3.64 -5.30 24.76
C VAL D 43 -3.60 -5.58 26.29
N LEU D 44 -2.42 -5.90 26.80
CA LEU D 44 -2.31 -6.16 28.25
C LEU D 44 -2.66 -4.90 29.01
N MET D 45 -2.17 -3.75 28.55
CA MET D 45 -2.47 -2.52 29.26
C MET D 45 -3.94 -2.13 29.15
N LEU D 46 -4.58 -2.37 28.01
CA LEU D 46 -6.01 -2.04 27.91
C LEU D 46 -6.83 -2.94 28.84
N ALA D 47 -6.26 -4.08 29.19
CA ALA D 47 -6.92 -5.01 30.11
C ALA D 47 -6.62 -4.64 31.57
N GLY D 48 -5.86 -3.57 31.74
CA GLY D 48 -5.52 -3.07 33.08
C GLY D 48 -4.29 -3.65 33.75
N ILE D 49 -3.54 -4.46 33.01
CA ILE D 49 -2.35 -5.12 33.56
C ILE D 49 -1.14 -4.18 33.57
N ARG D 50 -0.53 -4.05 34.76
CA ARG D 50 0.62 -3.15 34.99
C ARG D 50 1.94 -3.82 35.40
N ASP D 51 1.93 -5.12 35.58
CA ASP D 51 3.13 -5.86 35.97
C ASP D 51 3.34 -6.89 34.86
N ILE D 52 4.33 -6.62 34.00
CA ILE D 52 4.57 -7.46 32.84
C ILE D 52 5.98 -8.01 32.65
N LEU D 53 6.02 -9.29 32.28
CA LEU D 53 7.23 -10.03 32.01
C LEU D 53 7.45 -10.20 30.51
N ILE D 54 8.65 -9.83 30.05
CA ILE D 54 9.00 -9.97 28.65
C ILE D 54 9.95 -11.15 28.53
N ILE D 55 9.61 -12.11 27.67
CA ILE D 55 10.46 -13.26 27.44
C ILE D 55 11.02 -13.27 26.02
N SER D 56 12.34 -13.42 25.89
CA SER D 56 12.92 -13.53 24.54
C SER D 56 14.19 -14.38 24.57
N THR D 57 14.89 -14.43 23.44
CA THR D 57 16.13 -15.21 23.30
C THR D 57 17.31 -14.47 23.92
N PRO D 58 18.41 -15.19 24.20
CA PRO D 58 19.56 -14.51 24.80
C PRO D 58 20.05 -13.37 23.90
N ARG D 59 20.06 -13.59 22.60
CA ARG D 59 20.52 -12.57 21.65
C ARG D 59 19.62 -11.34 21.59
N ASP D 60 18.31 -11.56 21.54
CA ASP D 60 17.37 -10.45 21.43
C ASP D 60 16.88 -9.78 22.69
N LEU D 61 16.88 -10.48 23.81
CA LEU D 61 16.37 -9.87 25.03
C LEU D 61 16.93 -8.48 25.37
N PRO D 62 18.24 -8.22 25.11
CA PRO D 62 18.79 -6.90 25.44
C PRO D 62 18.15 -5.78 24.62
N LEU D 63 17.77 -6.11 23.39
CA LEU D 63 17.11 -5.12 22.54
C LEU D 63 15.72 -4.77 23.11
N TYR D 64 15.01 -5.74 23.69
CA TYR D 64 13.71 -5.42 24.30
C TYR D 64 13.91 -4.55 25.53
N ARG D 65 14.99 -4.83 26.28
CA ARG D 65 15.32 -4.04 27.46
C ARG D 65 15.61 -2.59 27.01
N ASP D 66 16.34 -2.44 25.90
CA ASP D 66 16.66 -1.11 25.37
C ASP D 66 15.38 -0.34 25.03
N LEU D 67 14.43 -1.04 24.41
CA LEU D 67 13.18 -0.39 24.02
C LEU D 67 12.27 -0.05 25.18
N LEU D 68 12.08 -1.01 26.08
CA LEU D 68 11.11 -0.86 27.16
C LEU D 68 11.56 -0.43 28.54
N GLY D 69 12.85 -0.65 28.85
CA GLY D 69 13.34 -0.23 30.15
C GLY D 69 12.59 -0.86 31.31
N ASP D 70 12.40 -0.10 32.40
CA ASP D 70 11.72 -0.68 33.56
C ASP D 70 10.21 -0.54 33.55
N GLY D 71 9.70 0.19 32.56
CA GLY D 71 8.26 0.38 32.46
C GLY D 71 7.72 1.64 33.08
N SER D 72 8.53 2.28 33.93
CA SER D 72 8.06 3.49 34.61
C SER D 72 7.61 4.61 33.69
N GLN D 73 8.07 4.62 32.43
CA GLN D 73 7.65 5.69 31.53
C GLN D 73 6.16 5.52 31.21
N PHE D 74 5.63 4.32 31.42
CA PHE D 74 4.21 4.04 31.17
C PHE D 74 3.47 3.73 32.46
N GLY D 75 4.12 3.94 33.60
CA GLY D 75 3.47 3.64 34.87
C GLY D 75 3.23 2.15 35.08
N VAL D 76 4.05 1.34 34.44
CA VAL D 76 3.95 -0.10 34.59
C VAL D 76 5.33 -0.61 35.02
N ARG D 77 5.40 -1.91 35.22
CA ARG D 77 6.67 -2.50 35.59
C ARG D 77 6.98 -3.64 34.64
N PHE D 78 8.17 -3.58 34.04
CA PHE D 78 8.63 -4.62 33.13
C PHE D 78 9.74 -5.43 33.77
N SER D 79 9.65 -6.75 33.61
CA SER D 79 10.68 -7.66 34.09
C SER D 79 11.05 -8.45 32.85
N TYR D 80 12.24 -9.07 32.86
CA TYR D 80 12.73 -9.81 31.71
C TYR D 80 13.27 -11.17 32.09
N ARG D 81 13.02 -12.15 31.24
CA ARG D 81 13.51 -13.48 31.50
C ARG D 81 13.86 -14.12 30.17
N VAL D 82 15.02 -14.78 30.14
CA VAL D 82 15.47 -15.41 28.91
C VAL D 82 14.89 -16.80 28.71
N GLN D 83 14.78 -17.21 27.45
CA GLN D 83 14.31 -18.54 27.09
C GLN D 83 15.41 -18.98 26.16
N GLU D 84 16.27 -19.88 26.65
CA GLU D 84 17.42 -20.34 25.86
C GLU D 84 17.03 -20.86 24.49
N GLU D 85 15.90 -21.54 24.40
CA GLU D 85 15.44 -22.07 23.13
C GLU D 85 13.92 -22.21 23.10
N PRO D 86 13.33 -22.14 21.89
CA PRO D 86 11.89 -22.25 21.69
C PRO D 86 11.36 -23.63 22.10
N ARG D 87 11.10 -23.80 23.39
CA ARG D 87 10.61 -25.07 23.92
C ARG D 87 9.08 -25.21 23.96
N GLY D 88 8.36 -24.23 23.40
CA GLY D 88 6.90 -24.30 23.41
C GLY D 88 6.28 -23.12 24.12
N ILE D 89 5.06 -22.75 23.72
CA ILE D 89 4.38 -21.61 24.32
C ILE D 89 4.06 -21.75 25.80
N ALA D 90 3.75 -22.95 26.25
CA ALA D 90 3.44 -23.17 27.67
C ALA D 90 4.69 -23.04 28.54
N ASP D 91 5.85 -23.07 27.90
CA ASP D 91 7.12 -22.94 28.61
C ASP D 91 7.19 -21.55 29.26
N ALA D 92 6.33 -20.65 28.82
CA ALA D 92 6.30 -19.32 29.39
C ALA D 92 5.97 -19.42 30.88
N PHE D 93 5.20 -20.46 31.25
CA PHE D 93 4.82 -20.63 32.65
C PHE D 93 5.87 -21.33 33.47
N ILE D 94 6.83 -21.95 32.80
CA ILE D 94 7.93 -22.63 33.47
C ILE D 94 8.90 -21.46 33.73
N VAL D 95 9.38 -20.86 32.64
CA VAL D 95 10.27 -19.71 32.72
C VAL D 95 9.73 -18.61 33.62
N GLY D 96 8.41 -18.40 33.60
CA GLY D 96 7.81 -17.34 34.40
C GLY D 96 7.24 -17.66 35.77
N LYS D 97 7.50 -18.87 36.26
CA LYS D 97 6.99 -19.28 37.57
C LYS D 97 7.21 -18.27 38.70
N ASP D 98 8.46 -17.85 38.91
CA ASP D 98 8.74 -16.90 39.98
C ASP D 98 8.05 -15.56 39.78
N PHE D 99 8.00 -15.12 38.53
CA PHE D 99 7.36 -13.85 38.22
C PHE D 99 5.88 -13.92 38.58
N ILE D 100 5.25 -15.03 38.21
CA ILE D 100 3.82 -15.22 38.45
C ILE D 100 3.44 -15.27 39.94
N GLY D 101 4.21 -16.00 40.73
CA GLY D 101 3.89 -16.09 42.15
C GLY D 101 2.55 -16.79 42.31
N ASP D 102 1.64 -16.20 43.08
CA ASP D 102 0.32 -16.80 43.28
C ASP D 102 -0.72 -15.95 42.56
N SER D 103 -0.28 -15.19 41.57
CA SER D 103 -1.21 -14.31 40.84
C SER D 103 -1.88 -14.97 39.66
N LYS D 104 -2.94 -14.33 39.17
CA LYS D 104 -3.60 -14.80 37.96
C LYS D 104 -2.69 -14.17 36.89
N VAL D 105 -2.77 -14.63 35.66
CA VAL D 105 -1.88 -14.08 34.65
C VAL D 105 -2.40 -14.24 33.23
N ALA D 106 -2.16 -13.22 32.40
CA ALA D 106 -2.55 -13.23 31.00
C ALA D 106 -1.27 -13.42 30.18
N LEU D 107 -1.34 -14.24 29.14
CA LEU D 107 -0.21 -14.51 28.26
C LEU D 107 -0.58 -14.07 26.85
N VAL D 108 0.30 -13.30 26.21
CA VAL D 108 0.04 -12.89 24.83
C VAL D 108 1.31 -13.10 24.01
N LEU D 109 1.15 -13.56 22.79
CA LEU D 109 2.29 -13.78 21.92
C LEU D 109 2.75 -12.41 21.37
N GLY D 110 4.08 -12.19 21.41
CA GLY D 110 4.66 -10.93 20.98
C GLY D 110 4.40 -10.54 19.52
N ASP D 111 4.01 -11.50 18.69
CA ASP D 111 3.73 -11.20 17.29
C ASP D 111 2.24 -11.06 16.95
N ASN D 112 1.38 -11.10 17.95
CA ASN D 112 -0.06 -10.99 17.71
C ASN D 112 -0.54 -9.54 17.74
N VAL D 113 -1.11 -9.09 16.62
CA VAL D 113 -1.60 -7.74 16.48
C VAL D 113 -3.10 -7.79 16.17
N PHE D 114 -3.90 -7.23 17.08
CA PHE D 114 -5.36 -7.21 16.96
C PHE D 114 -5.87 -5.79 16.90
N TYR D 115 -7.02 -5.58 16.24
CA TYR D 115 -7.62 -4.26 16.17
C TYR D 115 -9.13 -4.38 15.90
N GLY D 116 -9.89 -3.63 16.67
CA GLY D 116 -11.32 -3.61 16.47
C GLY D 116 -12.10 -2.81 17.48
N HIS D 117 -13.31 -2.44 17.06
CA HIS D 117 -14.22 -1.69 17.87
C HIS D 117 -14.72 -2.62 18.99
N ARG D 118 -14.91 -2.05 20.18
CA ARG D 118 -15.38 -2.75 21.36
C ARG D 118 -14.52 -3.95 21.76
N PHE D 119 -13.21 -3.74 21.71
CA PHE D 119 -12.27 -4.78 22.07
C PHE D 119 -11.93 -4.63 23.56
N SER D 120 -11.78 -3.39 24.03
CA SER D 120 -11.45 -3.17 25.44
C SER D 120 -12.46 -3.82 26.36
N GLU D 121 -13.74 -3.74 26.02
CA GLU D 121 -14.75 -4.32 26.89
C GLU D 121 -14.53 -5.82 27.07
N ILE D 122 -14.13 -6.55 26.01
CA ILE D 122 -13.93 -7.98 26.21
C ILE D 122 -12.60 -8.30 26.88
N LEU D 123 -11.62 -7.40 26.75
CA LEU D 123 -10.35 -7.61 27.42
C LEU D 123 -10.57 -7.46 28.94
N ARG D 124 -11.30 -6.40 29.30
CA ARG D 124 -11.57 -6.11 30.71
C ARG D 124 -12.36 -7.25 31.32
N ARG D 125 -13.33 -7.77 30.57
CA ARG D 125 -14.13 -8.88 31.08
C ARG D 125 -13.28 -10.12 31.29
N ALA D 126 -12.48 -10.47 30.29
CA ALA D 126 -11.60 -11.63 30.38
C ALA D 126 -10.62 -11.45 31.55
N ALA D 127 -10.17 -10.22 31.75
CA ALA D 127 -9.23 -9.95 32.83
C ALA D 127 -9.91 -10.02 34.22
N SER D 128 -11.23 -9.95 34.24
CA SER D 128 -11.99 -10.01 35.49
C SER D 128 -12.34 -11.42 35.91
N LEU D 129 -11.80 -12.44 35.25
CA LEU D 129 -12.14 -13.81 35.59
C LEU D 129 -11.92 -14.12 37.07
N GLU D 130 -12.85 -14.87 37.66
CA GLU D 130 -12.76 -15.26 39.07
C GLU D 130 -11.91 -16.52 39.19
N ASP D 131 -12.09 -17.45 38.26
CA ASP D 131 -11.31 -18.67 38.28
C ASP D 131 -11.40 -19.33 36.91
N GLY D 132 -10.59 -20.35 36.67
CA GLY D 132 -10.61 -21.00 35.37
C GLY D 132 -9.71 -20.24 34.40
N ALA D 133 -10.10 -20.20 33.12
CA ALA D 133 -9.31 -19.51 32.10
C ALA D 133 -10.24 -18.92 31.05
N VAL D 134 -9.71 -17.97 30.29
CA VAL D 134 -10.47 -17.34 29.22
C VAL D 134 -9.57 -17.25 28.01
N ILE D 135 -10.02 -17.81 26.89
CA ILE D 135 -9.26 -17.74 25.65
C ILE D 135 -10.14 -17.01 24.63
N PHE D 136 -9.63 -16.81 23.42
CA PHE D 136 -10.39 -16.08 22.42
C PHE D 136 -10.70 -16.90 21.15
N GLY D 137 -11.76 -16.50 20.47
CA GLY D 137 -12.18 -17.15 19.24
C GLY D 137 -12.32 -16.07 18.18
N TYR D 138 -11.45 -16.12 17.17
CA TYR D 138 -11.43 -15.14 16.08
C TYR D 138 -12.19 -15.70 14.87
N TYR D 139 -13.26 -15.01 14.50
CA TYR D 139 -14.09 -15.41 13.38
C TYR D 139 -13.35 -15.29 12.04
N VAL D 140 -13.32 -16.38 11.28
CA VAL D 140 -12.68 -16.39 9.97
C VAL D 140 -13.45 -17.24 8.99
N ARG D 141 -13.32 -16.94 7.70
CA ARG D 141 -14.04 -17.74 6.72
C ARG D 141 -13.48 -19.14 6.56
N ASP D 142 -12.15 -19.26 6.54
CA ASP D 142 -11.52 -20.58 6.42
C ASP D 142 -10.66 -20.83 7.65
N PRO D 143 -11.21 -21.56 8.62
CA PRO D 143 -10.46 -21.84 9.85
C PRO D 143 -9.41 -22.95 9.79
N ARG D 144 -9.33 -23.66 8.67
CA ARG D 144 -8.43 -24.79 8.59
C ARG D 144 -6.95 -24.60 8.97
N PRO D 145 -6.34 -23.46 8.62
CA PRO D 145 -4.92 -23.27 8.98
C PRO D 145 -4.64 -23.06 10.48
N PHE D 146 -5.66 -23.06 11.33
CA PHE D 146 -5.46 -22.78 12.76
C PHE D 146 -6.02 -23.79 13.75
N GLY D 147 -5.93 -23.41 15.03
CA GLY D 147 -6.51 -24.17 16.10
C GLY D 147 -7.95 -23.68 16.11
N VAL D 148 -8.89 -24.61 16.00
CA VAL D 148 -10.31 -24.27 15.93
C VAL D 148 -11.07 -24.55 17.23
N VAL D 149 -11.72 -23.52 17.77
CA VAL D 149 -12.47 -23.64 19.02
C VAL D 149 -14.00 -23.68 18.85
N GLU D 150 -14.62 -24.64 19.52
CA GLU D 150 -16.07 -24.85 19.49
C GLU D 150 -16.58 -24.50 20.88
N PHE D 151 -17.70 -23.80 20.95
CA PHE D 151 -18.25 -23.36 22.22
C PHE D 151 -19.77 -23.35 22.17
N ASP D 152 -20.41 -23.32 23.34
CA ASP D 152 -21.86 -23.28 23.41
C ASP D 152 -22.33 -21.83 23.53
N SER D 153 -23.62 -21.65 23.75
CA SER D 153 -24.21 -20.31 23.86
C SER D 153 -23.87 -19.53 25.14
N GLU D 154 -23.37 -20.22 26.16
CA GLU D 154 -23.01 -19.53 27.39
C GLU D 154 -21.58 -19.00 27.31
N GLY D 155 -20.88 -19.35 26.23
CA GLY D 155 -19.50 -18.91 26.07
C GLY D 155 -18.59 -19.94 26.70
N ARG D 156 -19.16 -21.12 26.89
CA ARG D 156 -18.47 -22.27 27.49
C ARG D 156 -17.78 -23.05 26.38
N VAL D 157 -16.46 -23.26 26.51
CA VAL D 157 -15.70 -23.97 25.48
C VAL D 157 -15.86 -25.48 25.58
N ILE D 158 -16.25 -26.10 24.47
CA ILE D 158 -16.45 -27.53 24.48
C ILE D 158 -15.42 -28.32 23.69
N SER D 159 -14.77 -27.67 22.73
CA SER D 159 -13.78 -28.37 21.88
C SER D 159 -12.69 -27.47 21.26
N ILE D 160 -11.52 -28.05 21.00
CA ILE D 160 -10.40 -27.34 20.37
C ILE D 160 -9.59 -28.33 19.55
N GLU D 161 -9.60 -28.16 18.23
CA GLU D 161 -8.86 -29.06 17.35
C GLU D 161 -7.81 -28.29 16.55
N GLU D 162 -6.68 -28.95 16.26
CA GLU D 162 -5.62 -28.31 15.51
C GLU D 162 -5.71 -28.61 14.03
N LYS D 163 -5.89 -27.55 13.25
CA LYS D 163 -5.99 -27.64 11.80
C LYS D 163 -6.82 -28.82 11.32
N PRO D 164 -8.12 -28.84 11.68
CA PRO D 164 -9.02 -29.93 11.27
C PRO D 164 -9.40 -29.77 9.81
N SER D 165 -9.57 -30.88 9.11
CA SER D 165 -9.95 -30.81 7.70
C SER D 165 -11.44 -30.51 7.61
N ARG D 166 -12.16 -30.87 8.68
CA ARG D 166 -13.61 -30.62 8.76
C ARG D 166 -13.84 -29.85 10.07
N PRO D 167 -13.52 -28.55 10.07
CA PRO D 167 -13.70 -27.72 11.27
C PRO D 167 -15.12 -27.72 11.80
N LYS D 168 -15.23 -27.69 13.11
CA LYS D 168 -16.51 -27.68 13.80
C LYS D 168 -17.01 -26.29 14.09
N SER D 169 -16.23 -25.28 13.69
CA SER D 169 -16.65 -23.91 13.89
C SER D 169 -15.82 -22.99 13.01
N ASN D 170 -16.22 -21.73 12.93
CA ASN D 170 -15.46 -20.76 12.15
C ASN D 170 -14.64 -19.84 13.05
N TYR D 171 -14.37 -20.28 14.28
CA TYR D 171 -13.59 -19.46 15.21
C TYR D 171 -12.25 -20.12 15.50
N VAL D 172 -11.18 -19.33 15.39
CA VAL D 172 -9.82 -19.85 15.61
C VAL D 172 -9.20 -19.20 16.84
N VAL D 173 -8.29 -19.93 17.47
CA VAL D 173 -7.66 -19.47 18.71
C VAL D 173 -6.36 -18.70 18.47
N PRO D 174 -6.38 -17.37 18.74
CA PRO D 174 -5.17 -16.55 18.56
C PRO D 174 -4.28 -16.68 19.82
N GLY D 175 -3.13 -16.01 19.82
CA GLY D 175 -2.23 -16.10 20.98
C GLY D 175 -2.50 -15.11 22.09
N LEU D 176 -3.66 -15.23 22.72
CA LEU D 176 -4.03 -14.36 23.83
C LEU D 176 -4.80 -15.22 24.82
N TYR D 177 -4.30 -15.32 26.05
CA TYR D 177 -4.96 -16.20 27.04
C TYR D 177 -4.93 -15.61 28.45
N PHE D 178 -6.01 -15.80 29.20
CA PHE D 178 -6.09 -15.29 30.56
C PHE D 178 -6.31 -16.47 31.50
N TYR D 179 -5.48 -16.58 32.53
CA TYR D 179 -5.56 -17.72 33.44
C TYR D 179 -5.61 -17.38 34.91
N ASP D 180 -6.10 -18.34 35.71
CA ASP D 180 -6.08 -18.14 37.15
C ASP D 180 -4.74 -18.76 37.55
N ASN D 181 -4.34 -18.57 38.80
CA ASN D 181 -3.05 -19.09 39.27
C ASN D 181 -2.80 -20.58 39.06
N GLN D 182 -3.83 -21.36 38.74
CA GLN D 182 -3.66 -22.80 38.51
C GLN D 182 -2.75 -23.16 37.34
N VAL D 183 -2.61 -22.25 36.38
CA VAL D 183 -1.83 -22.55 35.18
C VAL D 183 -0.37 -22.95 35.39
N VAL D 184 0.28 -22.42 36.42
CA VAL D 184 1.67 -22.78 36.67
C VAL D 184 1.80 -24.30 36.86
N GLU D 185 1.04 -24.84 37.82
CA GLU D 185 1.08 -26.27 38.10
C GLU D 185 0.68 -27.08 36.87
N ILE D 186 -0.38 -26.64 36.19
CA ILE D 186 -0.85 -27.32 35.00
C ILE D 186 0.25 -27.42 33.96
N ALA D 187 0.93 -26.29 33.71
CA ALA D 187 2.02 -26.26 32.72
C ALA D 187 3.17 -27.16 33.17
N ARG D 188 3.34 -27.27 34.48
CA ARG D 188 4.38 -28.10 35.07
C ARG D 188 4.04 -29.58 34.84
N ARG D 189 2.75 -29.90 34.87
CA ARG D 189 2.27 -31.27 34.69
C ARG D 189 1.96 -31.75 33.28
N ILE D 190 1.58 -30.86 32.37
CA ILE D 190 1.26 -31.29 31.01
C ILE D 190 2.41 -32.11 30.43
N GLU D 191 2.06 -33.06 29.57
CA GLU D 191 3.04 -33.93 28.95
C GLU D 191 3.56 -33.33 27.65
N PRO D 192 4.88 -33.20 27.52
CA PRO D 192 5.51 -32.63 26.32
C PRO D 192 5.00 -33.28 25.04
N SER D 193 5.39 -32.71 23.90
CA SER D 193 4.98 -33.25 22.60
C SER D 193 6.06 -34.18 22.09
N ASP D 194 5.80 -34.80 20.94
CA ASP D 194 6.75 -35.72 20.33
C ASP D 194 8.06 -34.97 20.05
N ARG D 195 7.97 -33.64 20.01
CA ARG D 195 9.13 -32.80 19.74
C ARG D 195 9.57 -32.03 20.98
N GLY D 196 9.39 -32.64 22.16
CA GLY D 196 9.78 -31.96 23.39
C GLY D 196 9.26 -30.53 23.38
N GLU D 197 7.95 -30.37 23.27
CA GLU D 197 7.33 -29.06 23.25
C GLU D 197 6.21 -28.96 24.29
N LEU D 198 6.23 -27.89 25.06
CA LEU D 198 5.20 -27.67 26.06
C LEU D 198 4.14 -26.79 25.40
N GLU D 199 3.18 -27.46 24.77
CA GLU D 199 2.10 -26.79 24.03
C GLU D 199 1.05 -26.10 24.88
N ILE D 200 0.65 -24.91 24.45
CA ILE D 200 -0.34 -24.17 25.19
C ILE D 200 -1.69 -24.88 25.01
N THR D 201 -1.81 -25.64 23.93
CA THR D 201 -3.04 -26.37 23.68
C THR D 201 -3.26 -27.42 24.77
N SER D 202 -2.17 -28.01 25.27
CA SER D 202 -2.27 -29.01 26.34
C SER D 202 -2.82 -28.33 27.59
N VAL D 203 -2.36 -27.12 27.86
CA VAL D 203 -2.82 -26.35 29.01
C VAL D 203 -4.31 -25.99 28.92
N ASN D 204 -4.72 -25.54 27.76
CA ASN D 204 -6.09 -25.13 27.54
C ASN D 204 -7.05 -26.34 27.60
N GLU D 205 -6.56 -27.48 27.15
CA GLU D 205 -7.33 -28.71 27.20
C GLU D 205 -7.67 -29.02 28.66
N GLU D 206 -6.69 -28.84 29.54
CA GLU D 206 -6.90 -29.13 30.95
C GLU D 206 -8.03 -28.32 31.55
N TYR D 207 -8.10 -27.04 31.23
CA TYR D 207 -9.18 -26.24 31.77
C TYR D 207 -10.49 -26.65 31.07
N LEU D 208 -10.39 -27.03 29.80
CA LEU D 208 -11.55 -27.43 29.01
C LEU D 208 -12.20 -28.61 29.74
N ARG D 209 -11.40 -29.65 29.97
CA ARG D 209 -11.84 -30.83 30.68
C ARG D 209 -11.83 -30.54 32.19
N MET D 210 -12.73 -29.65 32.59
CA MET D 210 -12.92 -29.23 33.97
C MET D 210 -14.15 -28.33 33.89
N GLY D 211 -14.50 -27.98 32.66
CA GLY D 211 -15.63 -27.11 32.43
C GLY D 211 -15.28 -25.73 32.94
N LYS D 212 -13.98 -25.42 32.94
CA LYS D 212 -13.51 -24.13 33.42
C LYS D 212 -12.84 -23.28 32.33
N LEU D 213 -13.19 -23.51 31.07
CA LEU D 213 -12.62 -22.73 29.97
C LEU D 213 -13.73 -21.93 29.30
N ARG D 214 -13.60 -20.60 29.33
CA ARG D 214 -14.58 -19.71 28.71
C ARG D 214 -13.89 -19.02 27.52
N VAL D 215 -14.68 -18.51 26.59
CA VAL D 215 -14.12 -17.84 25.43
C VAL D 215 -14.79 -16.51 25.18
N GLU D 216 -14.01 -15.55 24.70
CA GLU D 216 -14.49 -14.24 24.34
C GLU D 216 -14.35 -14.27 22.82
N LEU D 217 -15.35 -13.77 22.11
CA LEU D 217 -15.29 -13.80 20.66
C LEU D 217 -14.82 -12.51 20.04
N MET D 218 -13.97 -12.64 19.02
CA MET D 218 -13.47 -11.50 18.24
C MET D 218 -14.23 -11.75 16.93
N GLY D 219 -15.40 -11.14 16.83
CA GLY D 219 -16.25 -11.34 15.67
C GLY D 219 -15.94 -10.58 14.41
N ARG D 220 -16.90 -10.63 13.49
CA ARG D 220 -16.78 -9.96 12.20
C ARG D 220 -16.49 -8.48 12.44
N GLY D 221 -15.46 -7.95 11.80
CA GLY D 221 -15.15 -6.55 12.04
C GLY D 221 -13.90 -6.37 12.88
N MET D 222 -13.46 -7.44 13.53
CA MET D 222 -12.22 -7.40 14.32
C MET D 222 -11.15 -7.92 13.35
N ALA D 223 -9.93 -7.40 13.50
CA ALA D 223 -8.83 -7.82 12.64
C ALA D 223 -7.69 -8.43 13.45
N TRP D 224 -7.13 -9.51 12.93
CA TRP D 224 -5.96 -10.18 13.51
C TRP D 224 -5.04 -10.15 12.30
N LEU D 225 -4.02 -9.29 12.34
CA LEU D 225 -3.11 -9.15 11.21
C LEU D 225 -2.09 -10.27 11.10
N ASP D 226 -1.54 -10.41 9.89
CA ASP D 226 -0.54 -11.42 9.60
C ASP D 226 0.85 -10.79 9.69
N THR D 227 1.56 -11.09 10.76
CA THR D 227 2.91 -10.54 10.94
C THR D 227 3.98 -11.58 10.61
N GLY D 228 3.58 -12.67 9.97
CA GLY D 228 4.52 -13.75 9.71
C GLY D 228 5.06 -13.91 8.31
N THR D 229 4.62 -13.06 7.38
CA THR D 229 5.10 -13.11 6.02
C THR D 229 5.46 -11.69 5.59
N HIS D 230 6.26 -11.57 4.54
CA HIS D 230 6.63 -10.22 4.10
C HIS D 230 5.40 -9.46 3.61
N ASP D 231 4.51 -10.12 2.86
CA ASP D 231 3.32 -9.43 2.36
C ASP D 231 2.40 -9.08 3.53
N GLY D 232 2.34 -9.96 4.53
CA GLY D 232 1.51 -9.72 5.68
C GLY D 232 1.99 -8.50 6.46
N LEU D 233 3.30 -8.37 6.62
CA LEU D 233 3.84 -7.22 7.35
C LEU D 233 3.56 -5.92 6.62
N LEU D 234 3.69 -5.95 5.30
CA LEU D 234 3.43 -4.77 4.47
C LEU D 234 1.96 -4.38 4.59
N GLU D 235 1.10 -5.38 4.55
CA GLU D 235 -0.32 -5.13 4.65
C GLU D 235 -0.68 -4.59 6.03
N ALA D 236 -0.05 -5.16 7.06
CA ALA D 236 -0.33 -4.73 8.43
C ALA D 236 0.06 -3.26 8.62
N SER D 237 1.25 -2.90 8.14
CA SER D 237 1.68 -1.50 8.26
C SER D 237 0.74 -0.58 7.52
N SER D 238 0.32 -0.98 6.32
N SER D 238 0.32 -0.97 6.33
CA SER D 238 -0.59 -0.16 5.53
CA SER D 238 -0.59 -0.16 5.53
C SER D 238 -1.90 0.05 6.29
C SER D 238 -1.90 0.05 6.29
N PHE D 239 -2.39 -1.03 6.89
CA PHE D 239 -3.64 -0.99 7.65
C PHE D 239 -3.54 0.01 8.81
N ILE D 240 -2.48 -0.11 9.62
CA ILE D 240 -2.32 0.81 10.73
C ILE D 240 -2.20 2.27 10.23
N GLU D 241 -1.47 2.48 9.14
N GLU D 241 -1.46 2.49 9.16
CA GLU D 241 -1.29 3.82 8.59
CA GLU D 241 -1.33 3.86 8.67
C GLU D 241 -2.63 4.44 8.19
C GLU D 241 -2.69 4.43 8.29
N THR D 242 -3.49 3.64 7.58
CA THR D 242 -4.79 4.11 7.13
C THR D 242 -5.70 4.50 8.28
N ILE D 243 -5.79 3.61 9.26
CA ILE D 243 -6.63 3.81 10.45
C ILE D 243 -6.14 5.01 11.27
N GLN D 244 -4.82 5.12 11.43
CA GLN D 244 -4.29 6.27 12.18
C GLN D 244 -4.58 7.56 11.47
N LYS D 245 -4.52 7.54 10.14
CA LYS D 245 -4.81 8.76 9.39
C LYS D 245 -6.29 9.16 9.39
N ARG D 246 -7.15 8.16 9.16
N ARG D 246 -7.17 8.19 9.17
CA ARG D 246 -8.60 8.34 9.06
CA ARG D 246 -8.57 8.51 9.10
C ARG D 246 -9.35 8.59 10.36
C ARG D 246 -9.23 8.74 10.44
N GLN D 247 -9.00 7.88 11.43
CA GLN D 247 -9.64 8.12 12.72
C GLN D 247 -8.80 9.08 13.57
N GLY D 248 -7.52 9.22 13.20
CA GLY D 248 -6.63 10.15 13.88
C GLY D 248 -5.93 9.66 15.12
N PHE D 249 -6.48 8.64 15.76
CA PHE D 249 -5.87 8.12 16.97
C PHE D 249 -4.82 7.05 16.67
N TYR D 250 -3.77 7.00 17.47
CA TYR D 250 -2.75 6.00 17.26
C TYR D 250 -3.22 4.68 17.81
N ILE D 251 -2.75 3.59 17.21
N ILE D 251 -2.73 3.60 17.22
CA ILE D 251 -3.06 2.26 17.70
CA ILE D 251 -3.03 2.25 17.67
C ILE D 251 -1.84 1.78 18.49
C ILE D 251 -1.83 1.76 18.48
N ALA D 252 -2.05 1.42 19.74
CA ALA D 252 -0.96 0.95 20.61
C ALA D 252 0.10 1.99 20.99
N CYS D 253 -0.34 3.23 21.18
CA CYS D 253 0.53 4.26 21.69
C CYS D 253 0.45 3.97 23.20
N LEU D 254 1.47 3.33 23.75
CA LEU D 254 1.48 2.94 25.16
C LEU D 254 1.39 4.11 26.15
N GLU D 255 1.99 5.25 25.79
CA GLU D 255 1.92 6.43 26.68
C GLU D 255 0.46 6.90 26.83
N GLU D 256 -0.26 6.90 25.72
CA GLU D 256 -1.66 7.32 25.69
C GLU D 256 -2.51 6.43 26.58
N ILE D 257 -2.32 5.13 26.45
CA ILE D 257 -3.07 4.18 27.23
C ILE D 257 -2.77 4.40 28.71
N ALA D 258 -1.48 4.59 29.03
CA ALA D 258 -1.07 4.83 30.41
C ALA D 258 -1.68 6.12 30.96
N TYR D 259 -1.54 7.21 30.21
CA TYR D 259 -2.08 8.49 30.63
C TYR D 259 -3.58 8.44 30.85
N ASN D 260 -4.32 7.87 29.88
CA ASN D 260 -5.77 7.80 30.06
C ASN D 260 -6.20 6.83 31.16
N ASN D 261 -5.32 5.89 31.53
CA ASN D 261 -5.64 4.95 32.61
C ASN D 261 -5.25 5.60 33.93
N GLY D 262 -4.69 6.80 33.86
CA GLY D 262 -4.27 7.53 35.05
C GLY D 262 -3.00 6.98 35.65
N TRP D 263 -2.27 6.15 34.88
CA TRP D 263 -1.02 5.56 35.38
C TRP D 263 0.19 6.51 35.30
N ILE D 264 0.08 7.59 34.54
CA ILE D 264 1.13 8.60 34.43
C ILE D 264 0.41 9.94 34.35
N THR D 265 1.13 11.03 34.62
CA THR D 265 0.54 12.38 34.63
C THR D 265 0.66 13.17 33.34
N ARG D 266 -0.09 14.27 33.23
CA ARG D 266 -0.01 15.11 32.05
C ARG D 266 1.45 15.58 31.92
N GLU D 267 2.07 15.98 33.03
CA GLU D 267 3.45 16.43 33.01
C GLU D 267 4.38 15.35 32.45
N ASP D 268 4.14 14.11 32.84
CA ASP D 268 4.96 13.02 32.32
C ASP D 268 4.86 12.99 30.79
N VAL D 269 3.64 13.12 30.29
CA VAL D 269 3.42 13.10 28.84
C VAL D 269 4.12 14.25 28.16
N LEU D 270 3.97 15.45 28.72
CA LEU D 270 4.61 16.63 28.16
C LEU D 270 6.14 16.45 28.15
N GLU D 271 6.67 15.79 29.17
CA GLU D 271 8.11 15.54 29.27
C GLU D 271 8.56 14.67 28.10
N MET D 272 7.82 13.58 27.87
CA MET D 272 8.16 12.70 26.76
C MET D 272 8.00 13.43 25.41
N ALA D 273 6.92 14.19 25.24
CA ALA D 273 6.73 14.93 24.00
C ALA D 273 7.88 15.92 23.80
N GLU D 274 8.35 16.50 24.90
CA GLU D 274 9.45 17.47 24.86
C GLU D 274 10.69 16.84 24.25
N LYS D 275 11.04 15.67 24.74
CA LYS D 275 12.20 14.92 24.26
C LYS D 275 12.08 14.46 22.81
N LEU D 276 10.86 14.41 22.30
CA LEU D 276 10.62 13.97 20.94
C LEU D 276 10.04 15.10 20.10
N GLU D 277 10.42 16.33 20.40
CA GLU D 277 9.89 17.41 19.60
C GLU D 277 10.42 17.24 18.18
N LYS D 278 9.72 17.81 17.22
CA LYS D 278 10.12 17.70 15.83
C LYS D 278 9.77 16.34 15.23
N THR D 279 9.21 15.44 16.04
CA THR D 279 8.82 14.11 15.53
C THR D 279 7.31 13.97 15.51
N ASP D 280 6.84 13.04 14.69
CA ASP D 280 5.41 12.80 14.59
C ASP D 280 4.90 12.22 15.89
N TYR D 281 5.61 11.24 16.42
CA TYR D 281 5.19 10.60 17.64
C TYR D 281 5.18 11.65 18.78
N GLY D 282 6.16 12.55 18.77
CA GLY D 282 6.24 13.60 19.79
C GLY D 282 5.07 14.57 19.77
N LYS D 283 4.65 14.96 18.58
CA LYS D 283 3.55 15.88 18.43
C LYS D 283 2.23 15.22 18.86
N TYR D 284 2.13 13.91 18.65
CA TYR D 284 0.94 13.18 19.07
C TYR D 284 0.84 13.24 20.60
N LEU D 285 1.98 13.05 21.28
CA LEU D 285 2.00 13.12 22.74
C LEU D 285 1.66 14.53 23.23
N ARG D 286 2.22 15.56 22.59
CA ARG D 286 1.92 16.95 22.92
C ARG D 286 0.40 17.17 22.84
N ASP D 287 -0.21 16.76 21.74
CA ASP D 287 -1.65 16.92 21.54
C ASP D 287 -2.45 16.20 22.62
N LEU D 288 -2.00 14.99 22.98
CA LEU D 288 -2.67 14.21 24.00
C LEU D 288 -2.71 15.01 25.31
N ALA D 289 -1.59 15.67 25.64
CA ALA D 289 -1.54 16.45 26.88
C ALA D 289 -2.38 17.73 26.73
N GLU D 290 -2.46 18.26 25.52
CA GLU D 290 -3.25 19.46 25.28
C GLU D 290 -4.73 19.11 25.31
N GLY D 291 -5.06 17.82 25.22
CA GLY D 291 -6.44 17.40 25.29
C GLY D 291 -7.19 16.91 24.06
N ASN D 292 -6.62 17.11 22.86
CA ASN D 292 -7.28 16.70 21.61
C ASN D 292 -8.75 17.17 21.63
N PHE D 293 -8.93 18.45 21.96
CA PHE D 293 -10.23 19.11 22.10
C PHE D 293 -11.01 18.41 23.20
N HIS D 294 -11.93 17.52 22.85
CA HIS D 294 -12.67 16.83 23.91
C HIS D 294 -12.08 15.49 24.30
N GLY D 295 -10.99 15.12 23.62
CA GLY D 295 -10.29 13.90 23.95
C GLY D 295 -10.61 12.63 23.19
CL CL E . 27.13 17.13 -0.36
S SO4 F . 32.87 24.55 3.83
O1 SO4 F . 31.65 23.92 3.30
O2 SO4 F . 32.53 25.79 4.56
O3 SO4 F . 33.53 23.61 4.76
O4 SO4 F . 33.78 24.87 2.71
PA TYD G . 21.74 11.66 8.33
O1A TYD G . 21.36 11.83 9.77
O2A TYD G . 22.76 12.49 7.73
O3A TYD G . 20.52 11.89 7.43
PB TYD G . 19.33 10.93 6.91
O1B TYD G . 18.82 10.32 8.10
O2B TYD G . 19.81 9.95 5.94
O3B TYD G . 18.19 11.88 6.22
O5' TYD G . 22.15 10.18 8.10
C5' TYD G . 22.70 9.55 6.89
C4' TYD G . 23.23 8.13 7.03
O4' TYD G . 24.56 8.16 7.62
C3' TYD G . 22.44 7.18 7.92
O3' TYD G . 22.60 5.81 7.45
C2' TYD G . 23.10 7.35 9.30
C1' TYD G . 24.56 7.53 8.88
N1 TYD G . 25.41 8.37 9.80
C2 TYD G . 26.34 7.70 10.58
O2 TYD G . 26.48 6.51 10.58
N3 TYD G . 27.11 8.53 11.35
C4 TYD G . 27.05 9.93 11.43
O4 TYD G . 27.81 10.52 12.16
C5 TYD G . 26.05 10.57 10.59
C5M TYD G . 25.90 12.07 10.61
C6 TYD G . 25.30 9.78 9.83
PA TYD H . 21.19 -2.77 -13.93
O1A TYD H . 21.29 -1.29 -14.05
O2A TYD H . 22.33 -3.55 -13.44
O3A TYD H . 20.89 -3.46 -15.25
PB TYD H . 20.39 -2.96 -16.69
O1B TYD H . 19.25 -2.17 -16.43
O2B TYD H . 20.08 -4.11 -17.53
O3B TYD H . 21.57 -2.06 -17.31
O5' TYD H . 19.97 -3.16 -13.08
C5' TYD H . 18.68 -2.48 -12.87
C4' TYD H . 18.37 -2.24 -11.42
O4' TYD H . 18.37 -3.51 -10.70
C3' TYD H . 19.40 -1.37 -10.69
O3' TYD H . 18.75 -0.55 -9.71
C2' TYD H . 20.34 -2.38 -10.00
C1' TYD H . 19.36 -3.50 -9.65
N1 TYD H . 19.95 -4.88 -9.62
C2 TYD H . 19.83 -5.63 -8.45
O2 TYD H . 19.30 -5.24 -7.41
N3 TYD H . 20.37 -6.89 -8.56
C4 TYD H . 20.99 -7.46 -9.68
O4 TYD H . 21.40 -8.60 -9.62
C5 TYD H . 21.10 -6.61 -10.87
C5M TYD H . 21.76 -7.09 -12.12
C6 TYD H . 20.58 -5.39 -10.78
C1 GOL I . 10.78 14.62 -3.02
O1 GOL I . 9.51 14.32 -2.49
C2 GOL I . 10.68 15.84 -3.94
O2 GOL I . 10.30 17.00 -3.18
C3 GOL I . 9.67 15.60 -5.06
O3 GOL I . 9.51 16.75 -5.88
C1 GOL J . 16.77 9.30 4.88
O1 GOL J . 16.57 8.03 5.45
C2 GOL J . 17.71 9.17 3.68
O2 GOL J . 17.90 10.45 3.06
C3 GOL J . 17.11 8.21 2.66
O3 GOL J . 15.73 8.49 2.49
C1 GOL K . 20.23 24.42 -14.55
O1 GOL K . 19.34 24.27 -15.64
C2 GOL K . 21.23 23.27 -14.48
O2 GOL K . 20.53 22.03 -14.27
C3 GOL K . 22.24 23.53 -13.36
O3 GOL K . 22.70 22.31 -12.82
CL CL L . -25.87 17.59 9.00
PA TYD M . -20.75 16.21 -1.58
O1A TYD M . -20.56 17.10 -2.77
O2A TYD M . -21.55 16.66 -0.45
O3A TYD M . -19.38 15.86 -0.97
PB TYD M . -18.33 14.65 -1.20
O1B TYD M . -18.37 14.36 -2.60
O2B TYD M . -18.67 13.50 -0.37
O3B TYD M . -16.85 15.22 -0.81
O5' TYD M . -21.32 14.86 -2.07
C5' TYD M . -21.66 13.67 -1.28
C4' TYD M . -22.28 12.53 -2.06
O4' TYD M . -23.61 12.87 -2.51
C3' TYD M . -21.56 12.07 -3.33
O3' TYD M . -21.81 10.68 -3.51
C2' TYD M . -22.25 12.90 -4.46
C1' TYD M . -23.69 12.92 -3.95
N1 TYD M . -24.54 14.14 -4.26
C2 TYD M . -25.51 14.00 -5.22
O2 TYD M . -25.72 12.96 -5.86
N3 TYD M . -26.27 15.13 -5.39
C4 TYD M . -26.14 16.35 -4.73
O4 TYD M . -26.90 17.24 -4.98
C5 TYD M . -25.08 16.45 -3.75
C5M TYD M . -24.86 17.73 -3.00
C6 TYD M . -24.35 15.36 -3.56
PA TYD N . -21.65 -6.78 11.81
O1A TYD N . -21.59 -5.51 12.55
O2A TYD N . -22.86 -7.20 11.18
O3A TYD N . -21.33 -7.97 12.66
PB TYD N . -20.93 -8.16 14.16
O1B TYD N . -22.05 -7.67 14.89
O2B TYD N . -19.70 -7.47 14.45
O3B TYD N . -20.77 -9.77 14.41
O5' TYD N . -20.49 -6.87 10.80
C5' TYD N . -19.14 -6.30 10.89
C4' TYD N . -18.85 -5.36 9.73
O4' TYD N . -18.94 -6.09 8.48
C3' TYD N . -19.84 -4.20 9.57
O3' TYD N . -19.18 -3.06 9.07
C2' TYD N . -20.85 -4.67 8.52
C1' TYD N . -19.98 -5.55 7.63
N1 TYD N . -20.70 -6.73 7.01
C2 TYD N . -20.64 -6.89 5.63
O2 TYD N . -20.05 -6.14 4.85
N3 TYD N . -21.29 -8.01 5.18
C4 TYD N . -21.99 -8.93 5.93
O4 TYD N . -22.51 -9.87 5.39
C5 TYD N . -22.03 -8.72 7.36
C5M TYD N . -22.79 -9.68 8.27
C6 TYD N . -21.39 -7.64 7.82
C1 GOL O . -9.78 12.76 9.89
O1 GOL O . -8.60 12.63 9.13
C2 GOL O . -9.49 13.43 11.25
O2 GOL O . -9.02 14.76 11.06
C3 GOL O . -8.45 12.63 12.04
O3 GOL O . -8.29 13.21 13.32
C1 GOL P . -30.88 6.48 18.22
O1 GOL P . -31.15 5.33 17.41
C2 GOL P . -31.00 6.17 19.72
O2 GOL P . -32.33 5.74 20.03
C3 GOL P . -30.66 7.39 20.58
O3 GOL P . -29.27 7.70 20.50
C1 GOL Q . -5.09 -13.59 10.17
O1 GOL Q . -5.85 -14.64 10.74
C2 GOL Q . -3.62 -13.94 10.17
O2 GOL Q . -3.43 -15.18 9.49
C3 GOL Q . -3.08 -14.08 11.59
O3 GOL Q . -1.73 -14.51 11.52
CL CL R . 2.74 -11.81 -30.39
CL CL S . 18.84 29.68 -11.00
PA TYD T . -6.98 -9.39 -23.63
O1A TYD T . -8.40 -9.87 -23.59
O2A TYD T . -6.04 -9.93 -24.59
O3A TYD T . -6.33 -9.64 -22.25
PB TYD T . -5.88 -8.67 -21.04
O1B TYD T . -7.12 -8.10 -20.55
O2B TYD T . -4.94 -7.66 -21.48
O3B TYD T . -5.23 -9.62 -19.89
O5' TYD T . -7.00 -7.86 -23.77
C5' TYD T . -5.98 -6.95 -24.32
C4' TYD T . -6.36 -5.47 -24.35
O4' TYD T . -7.02 -5.14 -25.60
C3' TYD T . -7.34 -4.99 -23.28
O3' TYD T . -7.16 -3.57 -23.05
C2' TYD T . -8.72 -5.25 -23.95
C1' TYD T . -8.41 -4.90 -25.40
N1 TYD T . -9.13 -5.69 -26.46
C2 TYD T . -10.07 -5.03 -27.23
O2 TYD T . -10.38 -3.85 -27.09
N3 TYD T . -10.63 -5.82 -28.18
C4 TYD T . -10.36 -7.16 -28.45
O4 TYD T . -10.94 -7.70 -29.34
C5 TYD T . -9.39 -7.82 -27.61
C5M TYD T . -9.03 -9.27 -27.81
C6 TYD T . -8.82 -7.05 -26.68
PA TYD U . 11.98 8.93 -19.98
O1A TYD U . 12.35 7.56 -20.36
O2A TYD U . 11.38 9.80 -20.95
O3A TYD U . 13.17 9.76 -19.44
PB TYD U . 14.77 9.53 -19.38
O1B TYD U . 14.93 8.40 -18.52
O2B TYD U . 15.47 10.69 -18.88
O3B TYD U . 15.25 9.16 -20.87
O5' TYD U . 11.05 8.88 -18.74
C5' TYD U . 11.08 7.97 -17.61
C4' TYD U . 9.73 7.35 -17.34
O4' TYD U . 8.77 8.41 -17.11
C3' TYD U . 9.16 6.52 -18.48
O3' TYD U . 8.40 5.43 -17.96
C2' TYD U . 8.23 7.50 -19.23
C1' TYD U . 7.70 8.37 -18.09
N1 TYD U . 7.39 9.81 -18.42
C2 TYD U . 6.10 10.29 -18.15
O2 TYD U . 5.20 9.62 -17.69
N3 TYD U . 5.95 11.62 -18.43
C4 TYD U . 6.91 12.49 -18.97
O4 TYD U . 6.63 13.66 -19.16
C5 TYD U . 8.20 11.94 -19.24
C5M TYD U . 9.29 12.80 -19.84
C6 TYD U . 8.38 10.66 -18.96
C1 GOL V . 5.56 -11.77 -13.80
O1 GOL V . 5.06 -11.76 -12.47
C2 GOL V . 6.67 -12.82 -13.95
O2 GOL V . 6.10 -14.15 -13.85
C3 GOL V . 7.72 -12.63 -12.85
O3 GOL V . 8.74 -13.60 -12.96
C1 GOL W . -2.19 -6.25 -18.37
O1 GOL W . -1.66 -6.09 -17.06
C2 GOL W . -3.56 -6.95 -18.32
O2 GOL W . -4.47 -6.15 -17.56
C3 GOL W . -3.43 -8.31 -17.62
O3 GOL W . -4.67 -9.00 -17.59
C1 GOL X . 3.76 -8.28 -15.40
O1 GOL X . 4.25 -8.88 -14.19
C2 GOL X . 2.25 -8.26 -15.35
O2 GOL X . 1.80 -9.61 -15.14
C3 GOL X . 1.65 -7.73 -16.64
O3 GOL X . 0.24 -7.87 -16.57
CL CL Y . -5.21 -23.80 22.41
S SO4 Z . -5.30 15.65 33.63
O1 SO4 Z . -6.17 14.64 32.99
O2 SO4 Z . -6.00 16.96 33.71
O3 SO4 Z . -4.95 15.14 34.98
O4 SO4 Z . -4.07 15.86 32.84
PA TYD AA . 5.02 -19.65 16.83
O1A TYD AA . 6.11 -20.66 16.94
O2A TYD AA . 3.62 -20.05 16.91
O3A TYD AA . 5.16 -18.90 15.48
PB TYD AA . 4.21 -17.84 14.69
O1B TYD AA . 5.14 -17.02 14.00
O2B TYD AA . 3.35 -17.06 15.58
O3B TYD AA . 3.30 -18.67 13.61
O5' TYD AA . 5.25 -18.53 17.89
C5' TYD AA . 4.28 -17.59 18.50
C4' TYD AA . 4.90 -16.42 19.26
O4' TYD AA . 5.51 -16.87 20.50
C3' TYD AA . 5.99 -15.64 18.54
O3' TYD AA . 6.01 -14.26 18.95
C2' TYD AA . 7.30 -16.34 19.01
C1' TYD AA . 6.94 -16.74 20.43
N1 TYD AA . 7.55 -18.05 20.90
C2 TYD AA . 8.64 -17.97 21.78
O2 TYD AA . 9.13 -16.95 22.20
N3 TYD AA . 9.11 -19.19 22.15
C4 TYD AA . 8.64 -20.44 21.75
O4 TYD AA . 9.16 -21.41 22.18
C5 TYD AA . 7.52 -20.46 20.84
C5M TYD AA . 6.96 -21.78 20.36
C6 TYD AA . 7.05 -19.29 20.46
PA TYD BA . -11.66 0.19 22.35
O1A TYD BA . -12.09 -1.20 22.19
O2A TYD BA . -11.08 0.63 23.58
O3A TYD BA . -12.80 1.17 22.08
PB TYD BA . -14.36 1.12 22.40
O1B TYD BA . -14.77 2.47 22.41
O2B TYD BA . -14.58 0.46 23.68
O3B TYD BA . -15.10 0.33 21.22
O5' TYD BA . -10.71 0.59 21.20
C5' TYD BA . -10.75 0.25 19.76
C4' TYD BA . -9.43 -0.29 19.23
O4' TYD BA . -8.39 0.69 19.50
C3' TYD BA . -8.95 -1.59 19.87
O3' TYD BA . -8.26 -2.42 18.93
C2' TYD BA . -7.95 -1.12 20.97
C1' TYD BA . -7.35 0.11 20.30
N1 TYD BA . -6.91 1.20 21.26
C2 TYD BA . -5.58 1.60 21.22
O2 TYD BA . -4.75 1.10 20.49
N3 TYD BA . -5.28 2.61 22.08
C4 TYD BA . -6.15 3.26 22.97
O4 TYD BA . -5.73 4.15 23.66
C5 TYD BA . -7.52 2.79 22.98
C5M TYD BA . -8.52 3.43 23.91
C6 TYD BA . -7.83 1.81 22.14
C1 GOL CA . 0.88 -13.97 13.57
O1 GOL CA . 0.36 -13.37 12.39
C2 GOL CA . 2.18 -14.73 13.25
O2 GOL CA . 3.22 -13.81 12.95
C3 GOL CA . 1.96 -15.69 12.08
O3 GOL CA . 3.13 -16.48 11.86
C1 GOL DA . -9.16 -16.53 5.75
O1 GOL DA . -10.47 -17.02 5.97
C2 GOL DA . -8.33 -16.49 7.03
O2 GOL DA . -7.01 -15.95 6.78
C3 GOL DA . -8.19 -17.90 7.58
O3 GOL DA . -7.81 -18.77 6.54
#